data_3ANY
#
_entry.id   3ANY
#
_cell.length_a   244.073
_cell.length_b   244.073
_cell.length_c   76.980
_cell.angle_alpha   90.00
_cell.angle_beta   90.00
_cell.angle_gamma   120.00
#
_symmetry.space_group_name_H-M   'P 63'
#
loop_
_entity.id
_entity.type
_entity.pdbx_description
1 polymer 'Ethanolamine ammonia-lyase heavy chain'
2 polymer 'Ethanolamine ammonia-lyase light chain'
3 non-polymer (2R)-2-aminopropan-1-ol
4 non-polymer COBALAMIN
5 water water
#
loop_
_entity_poly.entity_id
_entity_poly.type
_entity_poly.pdbx_seq_one_letter_code
_entity_poly.pdbx_strand_id
1 'polypeptide(L)'
;MKLKTTLFGNVYQFKDVKEVLAKANELRSGDVLAGVAAASSQERVAAKQVLSEMTVADIRNNPVIAYEDDCVTRLIQDDV
NETAYNQIKNWSISELREYVLSDETSVDDIAFTRKGLTSEVVAAVAKICSNADLIYGAKKMPVIKKANTTIGIPGTFSAR
LQPNDTRDDVQSIAAQIYEGLSFGVGDAVIGVNPVTDDVENLSRVLDTIYGVIDKFNIPTQGCVLAHVTTQIEAIRRGAP
GGLIFQSICGSEKGLKEFGVELAMLDEARAVGAEFNRIAGENCLYFETGQGSALSAGANFGADQVTMEARNYGLARHYDP
FIVNTVVGFIGPEYLYNDRQIIRAGLEDHFMGKLSGISMGCDCCYTNHADADQNLNENLMILLATAGCNYIMGMPLGDDI
MLNYQTTAFHDTATVRQLLNLRPSPEFERWLESMGIMANGRLTKRAGDPSLFF
;
A,C
2 'polypeptide(L)'
;MDQSSHHHHHHALDLGSAEAKAWIGVENPHRADVLTELRRSTVARVCTGRAGPRPRTQALLRFLADHSRSKDTVLKEVPE
EWVKAQGLLEVRSEISDKNLYLTRPDMGRRLCAEAVEALKAQCVANPDVQVVISDGLSTDAITVNYEEILPPLMAGLKQA
GLKVGTPFFVRYGRVKIEDQIGEILGAKVVILLVGERPGLGQSESLSCYAVYSPRMATTVEADRTCISNIHQGGTPPVEA
AAVIVDLAKRMLEQKASGINMTR
;
B,D
#
# COMPACT_ATOMS: atom_id res chain seq x y z
N MET A 1 -28.09 -6.71 -24.47
CA MET A 1 -27.45 -6.48 -23.15
C MET A 1 -27.86 -5.12 -22.56
N LYS A 2 -27.66 -4.97 -21.25
CA LYS A 2 -27.93 -3.70 -20.57
C LYS A 2 -26.66 -2.86 -20.45
N LEU A 3 -26.76 -1.60 -20.85
CA LEU A 3 -25.65 -0.65 -20.70
C LEU A 3 -25.97 0.40 -19.63
N LYS A 4 -26.76 0.00 -18.64
CA LYS A 4 -27.61 0.92 -17.90
C LYS A 4 -27.97 0.32 -16.54
N THR A 5 -27.75 1.10 -15.48
CA THR A 5 -28.28 0.76 -14.16
C THR A 5 -28.75 2.00 -13.40
N THR A 6 -29.59 1.79 -12.39
CA THR A 6 -29.95 2.85 -11.44
C THR A 6 -29.23 2.66 -10.10
N LEU A 7 -28.55 3.71 -9.64
CA LEU A 7 -27.88 3.68 -8.33
C LEU A 7 -28.23 4.92 -7.50
N PHE A 8 -28.80 4.68 -6.31
CA PHE A 8 -29.37 5.75 -5.45
C PHE A 8 -30.31 6.70 -6.21
N GLY A 9 -31.18 6.11 -7.05
CA GLY A 9 -32.25 6.88 -7.71
C GLY A 9 -31.81 7.55 -9.00
N ASN A 10 -30.51 7.51 -9.27
CA ASN A 10 -29.95 8.12 -10.48
C ASN A 10 -29.61 7.09 -11.54
N VAL A 11 -30.03 7.35 -12.77
CA VAL A 11 -29.71 6.47 -13.90
C VAL A 11 -28.27 6.70 -14.37
N TYR A 12 -27.52 5.61 -14.55
CA TYR A 12 -26.17 5.67 -15.08
C TYR A 12 -26.04 4.96 -16.42
N GLN A 13 -25.85 5.74 -17.48
CA GLN A 13 -25.93 5.22 -18.84
C GLN A 13 -24.55 5.20 -19.48
N PHE A 14 -24.25 4.11 -20.18
CA PHE A 14 -22.96 3.96 -20.87
C PHE A 14 -23.17 3.66 -22.36
N LYS A 15 -22.21 4.06 -23.18
CA LYS A 15 -22.34 3.99 -24.65
C LYS A 15 -22.16 2.57 -25.15
N ASP A 16 -21.10 1.92 -24.68
CA ASP A 16 -20.70 0.62 -25.19
C ASP A 16 -20.00 -0.20 -24.11
N VAL A 17 -19.65 -1.44 -24.45
CA VAL A 17 -18.84 -2.31 -23.56
C VAL A 17 -17.49 -1.64 -23.22
N LYS A 18 -16.85 -1.05 -24.23
CA LYS A 18 -15.55 -0.36 -24.05
C LYS A 18 -15.59 0.69 -22.90
N GLU A 19 -16.66 1.49 -22.86
CA GLU A 19 -16.81 2.52 -21.80
C GLU A 19 -17.04 1.89 -20.42
N VAL A 20 -17.89 0.84 -20.38
CA VAL A 20 -18.13 0.10 -19.13
C VAL A 20 -16.83 -0.51 -18.57
N LEU A 21 -16.05 -1.16 -19.45
CA LEU A 21 -14.75 -1.75 -19.07
C LEU A 21 -13.78 -0.70 -18.51
N ALA A 22 -13.77 0.47 -19.14
CA ALA A 22 -12.86 1.55 -18.75
C ALA A 22 -13.20 2.11 -17.37
N LYS A 23 -14.48 2.38 -17.14
CA LYS A 23 -14.91 3.16 -15.98
C LYS A 23 -15.06 2.29 -14.73
N ALA A 24 -15.12 0.97 -14.94
CA ALA A 24 -15.19 0.00 -13.82
C ALA A 24 -13.84 -0.13 -13.10
N ASN A 25 -12.75 0.22 -13.80
CA ASN A 25 -11.41 0.30 -13.18
C ASN A 25 -11.40 1.13 -11.91
N GLU A 26 -10.69 0.63 -10.90
CA GLU A 26 -10.13 1.50 -9.85
C GLU A 26 -9.38 2.70 -10.43
N LEU A 27 -9.51 3.85 -9.76
CA LEU A 27 -8.88 5.11 -10.20
C LEU A 27 -7.37 4.93 -10.45
N ARG A 28 -6.94 5.28 -11.64
CA ARG A 28 -5.51 5.47 -11.92
C ARG A 28 -5.28 6.66 -12.84
N SER A 29 -4.05 7.18 -12.83
CA SER A 29 -3.72 8.41 -13.57
C SER A 29 -3.70 8.18 -15.09
N GLY A 30 -3.53 6.92 -15.50
CA GLY A 30 -3.51 6.58 -16.91
C GLY A 30 -4.87 6.64 -17.57
N ASP A 31 -5.90 6.19 -16.84
CA ASP A 31 -7.27 6.22 -17.34
C ASP A 31 -7.81 7.65 -17.45
N VAL A 32 -7.44 8.49 -16.48
CA VAL A 32 -7.74 9.94 -16.55
C VAL A 32 -7.06 10.59 -17.76
N LEU A 33 -5.78 10.27 -17.96
CA LEU A 33 -5.01 10.79 -19.11
C LEU A 33 -5.60 10.30 -20.45
N ALA A 34 -6.03 9.04 -20.49
CA ALA A 34 -6.69 8.46 -21.68
C ALA A 34 -8.07 9.08 -21.93
N GLY A 35 -8.63 9.70 -20.90
CA GLY A 35 -9.94 10.36 -20.99
C GLY A 35 -11.09 9.39 -20.76
N VAL A 36 -10.77 8.21 -20.23
CA VAL A 36 -11.71 7.09 -20.23
C VAL A 36 -12.22 6.76 -18.81
N ALA A 37 -11.66 7.44 -17.82
CA ALA A 37 -11.93 7.13 -16.40
C ALA A 37 -13.35 7.52 -16.00
N ALA A 38 -13.84 6.95 -14.89
CA ALA A 38 -15.11 7.36 -14.29
C ALA A 38 -15.05 8.79 -13.76
N ALA A 39 -16.19 9.48 -13.81
CA ALA A 39 -16.27 10.87 -13.33
C ALA A 39 -16.34 10.93 -11.81
N SER A 40 -16.90 9.89 -11.20
CA SER A 40 -16.99 9.80 -9.74
C SER A 40 -16.90 8.34 -9.27
N SER A 41 -16.89 8.15 -7.94
CA SER A 41 -16.95 6.82 -7.35
C SER A 41 -18.29 6.13 -7.62
N GLN A 42 -19.37 6.92 -7.63
CA GLN A 42 -20.72 6.40 -7.92
C GLN A 42 -20.82 5.80 -9.32
N GLU A 43 -20.21 6.48 -10.30
CA GLU A 43 -20.25 6.02 -11.69
C GLU A 43 -19.30 4.84 -11.92
N ARG A 44 -18.21 4.80 -11.14
CA ARG A 44 -17.32 3.64 -11.11
C ARG A 44 -18.05 2.36 -10.64
N VAL A 45 -18.79 2.48 -9.53
CA VAL A 45 -19.55 1.36 -8.98
C VAL A 45 -20.72 0.96 -9.91
N ALA A 46 -21.36 1.96 -10.50
CA ALA A 46 -22.40 1.73 -11.52
C ALA A 46 -21.85 0.95 -12.72
N ALA A 47 -20.64 1.34 -13.17
CA ALA A 47 -19.95 0.62 -14.26
C ALA A 47 -19.58 -0.80 -13.86
N LYS A 48 -19.18 -0.98 -12.60
CA LYS A 48 -18.88 -2.31 -12.05
C LYS A 48 -20.11 -3.23 -12.08
N GLN A 49 -21.26 -2.67 -11.67
CA GLN A 49 -22.51 -3.44 -11.62
C GLN A 49 -23.03 -3.81 -13.02
N VAL A 50 -23.02 -2.82 -13.92
CA VAL A 50 -23.34 -3.05 -15.35
C VAL A 50 -22.44 -4.14 -15.97
N LEU A 51 -21.13 -4.06 -15.68
CA LEU A 51 -20.15 -5.06 -16.14
C LEU A 51 -20.46 -6.46 -15.59
N SER A 52 -20.80 -6.52 -14.30
CA SER A 52 -21.02 -7.81 -13.63
C SER A 52 -22.32 -8.47 -14.07
N GLU A 53 -23.23 -7.67 -14.64
CA GLU A 53 -24.50 -8.18 -15.16
C GLU A 53 -24.38 -8.64 -16.60
N MET A 54 -23.35 -8.16 -17.30
CA MET A 54 -23.06 -8.59 -18.67
C MET A 54 -22.56 -10.02 -18.70
N THR A 55 -22.84 -10.71 -19.80
CA THR A 55 -22.42 -12.10 -19.95
C THR A 55 -21.02 -12.21 -20.54
N VAL A 56 -20.44 -13.41 -20.45
CA VAL A 56 -19.20 -13.73 -21.16
C VAL A 56 -19.32 -13.52 -22.67
N ALA A 57 -20.46 -13.95 -23.24
CA ALA A 57 -20.77 -13.68 -24.67
C ALA A 57 -20.75 -12.19 -25.01
N ASP A 58 -21.36 -11.37 -24.14
CA ASP A 58 -21.44 -9.91 -24.38
C ASP A 58 -20.06 -9.29 -24.57
N ILE A 59 -19.12 -9.68 -23.72
CA ILE A 59 -17.81 -9.07 -23.71
C ILE A 59 -16.85 -9.73 -24.75
N ARG A 60 -17.00 -11.06 -24.92
CA ARG A 60 -16.27 -11.79 -26.00
C ARG A 60 -16.59 -11.23 -27.39
N ASN A 61 -17.87 -10.93 -27.63
CA ASN A 61 -18.33 -10.46 -28.95
C ASN A 61 -18.13 -8.95 -29.14
N ASN A 62 -17.55 -8.29 -28.14
CA ASN A 62 -17.11 -6.91 -28.28
C ASN A 62 -15.66 -6.69 -27.81
N PRO A 63 -14.67 -7.15 -28.63
CA PRO A 63 -13.28 -6.80 -28.38
C PRO A 63 -13.00 -5.34 -28.73
N VAL A 64 -12.02 -4.76 -28.05
CA VAL A 64 -11.86 -3.30 -28.06
C VAL A 64 -11.27 -2.81 -29.40
N ILE A 65 -10.57 -3.71 -30.10
CA ILE A 65 -10.29 -3.52 -31.53
C ILE A 65 -10.82 -4.72 -32.34
N ALA A 66 -11.41 -4.42 -33.50
CA ALA A 66 -12.23 -5.40 -34.23
C ALA A 66 -11.39 -6.54 -34.81
N TYR A 67 -12.03 -7.69 -35.05
CA TYR A 67 -11.36 -8.87 -35.61
C TYR A 67 -10.61 -8.54 -36.91
N GLU A 68 -11.29 -7.87 -37.83
CA GLU A 68 -10.76 -7.66 -39.19
C GLU A 68 -9.59 -6.64 -39.21
N ASP A 69 -9.43 -5.88 -38.12
CA ASP A 69 -8.57 -4.69 -38.12
C ASP A 69 -7.28 -4.91 -37.32
N ASP A 70 -7.17 -6.06 -36.66
CA ASP A 70 -6.16 -6.27 -35.62
C ASP A 70 -5.74 -7.72 -35.55
N CYS A 71 -4.44 -7.96 -35.74
CA CYS A 71 -3.91 -9.33 -35.79
C CYS A 71 -3.82 -9.98 -34.40
N VAL A 72 -3.74 -9.14 -33.36
CA VAL A 72 -3.76 -9.63 -31.98
C VAL A 72 -5.17 -10.11 -31.56
N THR A 73 -6.18 -9.33 -31.93
CA THR A 73 -7.59 -9.76 -31.78
C THR A 73 -7.86 -11.11 -32.48
N ARG A 74 -7.36 -11.25 -33.71
CA ARG A 74 -7.51 -12.50 -34.47
C ARG A 74 -6.85 -13.67 -33.78
N LEU A 75 -5.64 -13.45 -33.28
CA LEU A 75 -4.91 -14.47 -32.54
C LEU A 75 -5.66 -14.91 -31.27
N ILE A 76 -6.20 -13.93 -30.53
CA ILE A 76 -6.94 -14.19 -29.29
C ILE A 76 -8.27 -14.96 -29.57
N GLN A 77 -9.01 -14.52 -30.59
CA GLN A 77 -10.30 -15.13 -30.93
C GLN A 77 -10.14 -16.55 -31.50
N ASP A 78 -9.09 -16.76 -32.30
CA ASP A 78 -8.89 -18.05 -32.99
C ASP A 78 -8.32 -19.12 -32.05
N ASP A 79 -7.82 -18.70 -30.89
CA ASP A 79 -7.25 -19.62 -29.90
C ASP A 79 -8.29 -20.14 -28.90
N VAL A 80 -9.51 -19.61 -28.98
CA VAL A 80 -10.61 -20.05 -28.11
C VAL A 80 -11.00 -21.51 -28.38
N ASN A 81 -11.02 -22.32 -27.32
CA ASN A 81 -11.82 -23.55 -27.31
C ASN A 81 -13.31 -23.27 -27.27
N GLU A 82 -14.00 -23.54 -28.37
CA GLU A 82 -15.38 -23.11 -28.54
C GLU A 82 -16.34 -23.96 -27.72
N THR A 83 -15.95 -25.21 -27.45
CA THR A 83 -16.71 -26.10 -26.54
C THR A 83 -16.66 -25.59 -25.09
N ALA A 84 -15.48 -25.16 -24.65
CA ALA A 84 -15.33 -24.49 -23.35
C ALA A 84 -16.11 -23.18 -23.31
N TYR A 85 -16.10 -22.43 -24.41
CA TYR A 85 -16.79 -21.15 -24.50
C TYR A 85 -18.32 -21.32 -24.41
N ASN A 86 -18.85 -22.34 -25.09
CA ASN A 86 -20.30 -22.56 -25.16
C ASN A 86 -20.89 -23.00 -23.81
N GLN A 87 -20.04 -23.53 -22.93
CA GLN A 87 -20.44 -23.90 -21.57
C GLN A 87 -20.67 -22.67 -20.69
N ILE A 88 -19.92 -21.60 -20.96
CA ILE A 88 -19.81 -20.48 -20.03
C ILE A 88 -20.32 -19.15 -20.62
N LYS A 89 -20.80 -19.19 -21.87
CA LYS A 89 -21.09 -17.95 -22.63
C LYS A 89 -22.28 -17.17 -22.05
N ASN A 90 -23.18 -17.88 -21.36
CA ASN A 90 -24.35 -17.25 -20.76
C ASN A 90 -24.18 -16.98 -19.26
N TRP A 91 -22.99 -17.28 -18.72
CA TRP A 91 -22.57 -16.79 -17.39
C TRP A 91 -22.43 -15.29 -17.40
N SER A 92 -22.97 -14.64 -16.37
CA SER A 92 -22.58 -13.28 -16.02
C SER A 92 -21.13 -13.21 -15.51
N ILE A 93 -20.53 -12.02 -15.59
CA ILE A 93 -19.16 -11.79 -15.08
C ILE A 93 -19.11 -11.90 -13.55
N SER A 94 -20.20 -11.47 -12.89
CA SER A 94 -20.44 -11.80 -11.46
C SER A 94 -20.29 -13.30 -11.18
N GLU A 95 -20.95 -14.12 -11.99
CA GLU A 95 -20.92 -15.58 -11.81
C GLU A 95 -19.54 -16.18 -12.11
N LEU A 96 -18.84 -15.59 -13.07
CA LEU A 96 -17.49 -16.03 -13.45
C LEU A 96 -16.47 -15.70 -12.34
N ARG A 97 -16.57 -14.49 -11.79
CA ARG A 97 -15.79 -14.11 -10.59
C ARG A 97 -15.98 -15.12 -9.45
N GLU A 98 -17.23 -15.46 -9.15
CA GLU A 98 -17.56 -16.33 -8.02
C GLU A 98 -17.14 -17.77 -8.29
N TYR A 99 -17.13 -18.15 -9.56
CA TYR A 99 -16.62 -19.44 -9.99
C TYR A 99 -15.10 -19.55 -9.77
N VAL A 100 -14.36 -18.53 -10.23
CA VAL A 100 -12.89 -18.48 -10.04
C VAL A 100 -12.51 -18.58 -8.55
N LEU A 101 -13.22 -17.82 -7.70
CA LEU A 101 -12.85 -17.66 -6.30
C LEU A 101 -13.25 -18.87 -5.45
N SER A 102 -14.15 -19.71 -6.00
CA SER A 102 -14.76 -20.80 -5.24
C SER A 102 -13.75 -21.87 -4.88
N ASP A 103 -13.84 -22.35 -3.63
CA ASP A 103 -12.98 -23.43 -3.17
C ASP A 103 -13.37 -24.79 -3.79
N GLU A 104 -14.57 -24.86 -4.36
CA GLU A 104 -15.03 -26.06 -5.06
C GLU A 104 -14.61 -26.06 -6.54
N THR A 105 -14.03 -24.95 -6.98
CA THR A 105 -13.40 -24.88 -8.29
C THR A 105 -11.92 -25.24 -8.21
N SER A 106 -11.55 -26.36 -8.82
CA SER A 106 -10.19 -26.87 -8.72
C SER A 106 -9.30 -26.30 -9.82
N VAL A 107 -7.99 -26.54 -9.71
CA VAL A 107 -7.03 -26.17 -10.75
C VAL A 107 -7.39 -26.80 -12.12
N ASP A 108 -7.84 -28.06 -12.10
CA ASP A 108 -8.26 -28.77 -13.32
C ASP A 108 -9.55 -28.18 -13.93
N ASP A 109 -10.45 -27.68 -13.06
CA ASP A 109 -11.68 -27.01 -13.51
C ASP A 109 -11.36 -25.75 -14.31
N ILE A 110 -10.49 -24.89 -13.75
CA ILE A 110 -10.11 -23.63 -14.41
C ILE A 110 -9.29 -23.89 -15.67
N ALA A 111 -8.57 -25.02 -15.70
CA ALA A 111 -7.72 -25.39 -16.83
C ALA A 111 -8.51 -25.50 -18.14
N PHE A 112 -9.69 -26.12 -18.07
CA PHE A 112 -10.59 -26.16 -19.23
C PHE A 112 -11.36 -24.84 -19.41
N THR A 113 -11.80 -24.25 -18.29
CA THR A 113 -12.67 -23.06 -18.32
C THR A 113 -11.96 -21.83 -18.95
N ARG A 114 -10.68 -21.67 -18.63
CA ARG A 114 -9.91 -20.51 -19.12
C ARG A 114 -9.72 -20.53 -20.65
N LYS A 115 -9.84 -21.72 -21.25
CA LYS A 115 -9.76 -21.87 -22.72
C LYS A 115 -11.00 -21.30 -23.43
N GLY A 116 -12.08 -21.09 -22.68
CA GLY A 116 -13.29 -20.46 -23.21
C GLY A 116 -13.27 -18.94 -23.09
N LEU A 117 -12.23 -18.40 -22.45
CA LEU A 117 -12.13 -16.96 -22.20
C LEU A 117 -11.39 -16.25 -23.33
N THR A 118 -11.75 -14.99 -23.55
CA THR A 118 -10.85 -14.05 -24.22
C THR A 118 -10.32 -13.01 -23.24
N SER A 119 -9.37 -12.21 -23.71
CA SER A 119 -8.63 -11.30 -22.83
C SER A 119 -9.54 -10.24 -22.22
N GLU A 120 -10.50 -9.75 -23.03
CA GLU A 120 -11.48 -8.78 -22.56
C GLU A 120 -12.33 -9.33 -21.40
N VAL A 121 -12.71 -10.61 -21.49
CA VAL A 121 -13.44 -11.29 -20.40
C VAL A 121 -12.57 -11.46 -19.15
N VAL A 122 -11.31 -11.83 -19.36
CA VAL A 122 -10.31 -11.91 -18.29
C VAL A 122 -10.18 -10.55 -17.56
N ALA A 123 -10.06 -9.47 -18.33
CA ALA A 123 -10.05 -8.10 -17.79
C ALA A 123 -11.34 -7.79 -17.00
N ALA A 124 -12.48 -8.23 -17.54
CA ALA A 124 -13.80 -7.93 -16.94
C ALA A 124 -13.94 -8.51 -15.53
N VAL A 125 -13.42 -9.73 -15.34
CA VAL A 125 -13.38 -10.36 -14.00
C VAL A 125 -12.50 -9.57 -13.02
N ALA A 126 -11.33 -9.14 -13.50
CA ALA A 126 -10.35 -8.42 -12.66
C ALA A 126 -10.91 -7.08 -12.16
N LYS A 127 -11.78 -6.47 -12.97
CA LYS A 127 -12.31 -5.14 -12.68
C LYS A 127 -13.32 -5.14 -11.52
N ILE A 128 -13.98 -6.29 -11.32
CA ILE A 128 -14.94 -6.43 -10.21
C ILE A 128 -14.36 -7.28 -9.06
N CYS A 129 -13.04 -7.38 -9.02
CA CYS A 129 -12.35 -8.04 -7.92
C CYS A 129 -11.72 -7.02 -6.98
N SER A 130 -11.85 -7.26 -5.68
CA SER A 130 -11.06 -6.53 -4.68
C SER A 130 -9.61 -7.00 -4.67
N ASN A 131 -8.78 -6.32 -3.88
CA ASN A 131 -7.35 -6.66 -3.78
C ASN A 131 -7.11 -8.08 -3.25
N ALA A 132 -7.89 -8.46 -2.23
CA ALA A 132 -7.82 -9.82 -1.69
C ALA A 132 -8.42 -10.85 -2.64
N ASP A 133 -9.45 -10.45 -3.41
CA ASP A 133 -9.98 -11.30 -4.52
C ASP A 133 -8.89 -11.62 -5.53
N LEU A 134 -8.12 -10.59 -5.92
CA LEU A 134 -7.07 -10.73 -6.93
C LEU A 134 -5.95 -11.63 -6.43
N ILE A 135 -5.62 -11.50 -5.14
CA ILE A 135 -4.53 -12.26 -4.55
C ILE A 135 -4.92 -13.73 -4.33
N TYR A 136 -6.11 -13.96 -3.75
CA TYR A 136 -6.58 -15.33 -3.50
C TYR A 136 -6.88 -16.07 -4.79
N GLY A 137 -7.57 -15.40 -5.71
CA GLY A 137 -7.92 -15.99 -7.01
C GLY A 137 -6.71 -16.41 -7.83
N ALA A 138 -5.68 -15.56 -7.86
CA ALA A 138 -4.43 -15.87 -8.56
C ALA A 138 -3.69 -17.05 -7.93
N LYS A 139 -3.78 -17.14 -6.59
CA LYS A 139 -3.05 -18.18 -5.85
C LYS A 139 -3.58 -19.59 -6.14
N LYS A 140 -4.91 -19.70 -6.31
CA LYS A 140 -5.55 -21.00 -6.66
C LYS A 140 -5.49 -21.29 -8.17
N MET A 141 -4.73 -20.46 -8.91
CA MET A 141 -4.51 -20.69 -10.35
C MET A 141 -3.00 -20.78 -10.72
N PRO A 142 -2.29 -21.83 -10.23
CA PRO A 142 -0.86 -21.97 -10.52
C PRO A 142 -0.60 -22.22 -12.00
N VAL A 143 0.48 -21.64 -12.53
CA VAL A 143 0.94 -21.96 -13.87
C VAL A 143 2.39 -22.39 -13.84
N ILE A 144 2.63 -23.62 -14.27
CA ILE A 144 3.94 -24.23 -14.15
C ILE A 144 4.57 -24.39 -15.55
N LYS A 145 5.81 -23.88 -15.70
CA LYS A 145 6.57 -24.09 -16.94
C LYS A 145 7.99 -24.57 -16.63
N LYS A 146 8.69 -25.04 -17.66
CA LYS A 146 10.01 -25.61 -17.48
C LYS A 146 10.97 -25.20 -18.58
N ALA A 147 12.10 -24.63 -18.18
CA ALA A 147 13.25 -24.52 -19.06
C ALA A 147 14.38 -25.46 -18.63
N ASN A 148 15.44 -24.89 -18.05
CA ASN A 148 16.39 -25.68 -17.23
C ASN A 148 16.03 -25.66 -15.76
N THR A 149 15.15 -24.72 -15.40
CA THR A 149 14.45 -24.80 -14.10
C THR A 149 12.96 -24.93 -14.30
N THR A 150 12.29 -25.45 -13.28
CA THR A 150 10.85 -25.43 -13.22
C THR A 150 10.36 -24.26 -12.37
N ILE A 151 9.48 -23.45 -12.96
CA ILE A 151 8.95 -22.29 -12.27
C ILE A 151 7.44 -22.45 -12.03
N GLY A 152 6.96 -21.94 -10.90
CA GLY A 152 5.52 -21.71 -10.69
C GLY A 152 4.83 -22.84 -9.92
N ILE A 153 5.61 -23.85 -9.49
CA ILE A 153 5.13 -24.82 -8.49
C ILE A 153 4.77 -24.12 -7.17
N PRO A 154 3.52 -24.37 -6.66
CA PRO A 154 3.10 -23.83 -5.36
C PRO A 154 4.06 -24.22 -4.25
N GLY A 155 4.45 -23.24 -3.45
CA GLY A 155 5.48 -23.44 -2.43
C GLY A 155 6.86 -23.03 -2.91
N THR A 156 6.96 -22.60 -4.17
CA THR A 156 8.21 -22.07 -4.69
C THR A 156 8.12 -20.59 -5.06
N PHE A 157 9.28 -19.96 -5.22
CA PHE A 157 9.37 -18.55 -5.58
C PHE A 157 10.68 -18.29 -6.29
N SER A 158 10.60 -17.80 -7.53
CA SER A 158 11.79 -17.62 -8.37
C SER A 158 12.17 -16.15 -8.51
N ALA A 159 13.33 -15.90 -9.14
CA ALA A 159 13.81 -14.53 -9.36
C ALA A 159 14.70 -14.43 -10.59
N ARG A 160 14.47 -13.39 -11.40
CA ARG A 160 15.43 -12.99 -12.43
C ARG A 160 16.61 -12.22 -11.83
N LEU A 161 17.82 -12.71 -12.11
CA LEU A 161 19.03 -11.88 -11.98
C LEU A 161 19.14 -10.88 -13.11
N GLN A 162 19.21 -9.61 -12.76
CA GLN A 162 19.27 -8.53 -13.73
C GLN A 162 20.57 -7.71 -13.58
N PRO A 163 21.67 -8.19 -14.19
CA PRO A 163 22.99 -7.62 -13.96
C PRO A 163 23.35 -6.57 -15.04
N ASN A 164 22.66 -5.44 -15.01
CA ASN A 164 22.80 -4.42 -16.05
C ASN A 164 23.98 -3.47 -15.78
N ASP A 165 24.58 -2.96 -16.85
CA ASP A 165 25.69 -1.99 -16.74
C ASP A 165 25.57 -0.88 -17.79
N THR A 166 26.11 0.30 -17.46
CA THR A 166 26.02 1.48 -18.33
C THR A 166 26.83 1.33 -19.62
N ARG A 167 27.83 0.44 -19.59
CA ARG A 167 28.74 0.28 -20.71
C ARG A 167 28.73 -1.16 -21.24
N ASP A 168 27.82 -1.99 -20.68
CA ASP A 168 27.88 -3.47 -20.84
C ASP A 168 29.26 -4.05 -20.52
N ASP A 169 29.89 -3.53 -19.46
CA ASP A 169 31.21 -3.99 -19.05
C ASP A 169 31.14 -5.36 -18.40
N VAL A 170 31.96 -6.29 -18.89
CA VAL A 170 31.76 -7.71 -18.63
C VAL A 170 32.19 -8.10 -17.20
N GLN A 171 33.02 -7.26 -16.58
CA GLN A 171 33.43 -7.46 -15.20
C GLN A 171 32.38 -6.96 -14.23
N SER A 172 31.68 -5.88 -14.62
CA SER A 172 30.60 -5.33 -13.82
C SER A 172 29.34 -6.20 -13.88
N ILE A 173 29.07 -6.78 -15.05
CA ILE A 173 28.01 -7.77 -15.22
C ILE A 173 28.28 -9.02 -14.36
N ALA A 174 29.52 -9.53 -14.44
CA ALA A 174 29.91 -10.74 -13.69
C ALA A 174 29.85 -10.51 -12.17
N ALA A 175 30.27 -9.33 -11.73
CA ALA A 175 30.26 -8.99 -10.30
C ALA A 175 28.83 -8.99 -9.73
N GLN A 176 27.88 -8.51 -10.52
CA GLN A 176 26.47 -8.48 -10.12
C GLN A 176 25.85 -9.88 -10.16
N ILE A 177 26.33 -10.71 -11.09
CA ILE A 177 25.89 -12.12 -11.16
C ILE A 177 26.34 -12.91 -9.91
N TYR A 178 27.63 -12.77 -9.54
CA TYR A 178 28.17 -13.45 -8.35
C TYR A 178 27.49 -12.98 -7.06
N GLU A 179 27.11 -11.70 -7.01
CA GLU A 179 26.32 -11.17 -5.91
C GLU A 179 24.91 -11.80 -5.84
N GLY A 180 24.27 -11.92 -7.01
CA GLY A 180 22.89 -12.39 -7.08
C GLY A 180 22.75 -13.85 -6.73
N LEU A 181 23.67 -14.67 -7.25
CA LEU A 181 23.67 -16.11 -6.97
C LEU A 181 23.92 -16.40 -5.49
N SER A 182 24.71 -15.53 -4.84
CA SER A 182 25.04 -15.70 -3.42
C SER A 182 23.84 -15.39 -2.51
N PHE A 183 22.83 -14.72 -3.06
CA PHE A 183 21.54 -14.56 -2.37
C PHE A 183 20.49 -15.57 -2.89
N GLY A 184 20.88 -16.37 -3.87
CA GLY A 184 19.98 -17.39 -4.43
C GLY A 184 19.03 -16.82 -5.48
N VAL A 185 19.45 -15.75 -6.14
CA VAL A 185 18.71 -15.19 -7.26
C VAL A 185 19.23 -15.75 -8.58
N GLY A 186 18.31 -16.13 -9.47
CA GLY A 186 18.65 -16.37 -10.87
C GLY A 186 17.98 -17.58 -11.47
N ASP A 187 17.06 -18.21 -10.70
CA ASP A 187 16.39 -19.46 -11.13
C ASP A 187 15.34 -19.25 -12.21
N ALA A 188 14.80 -18.02 -12.30
CA ALA A 188 13.97 -17.63 -13.45
C ALA A 188 14.83 -17.44 -14.70
N VAL A 189 15.81 -16.54 -14.60
CA VAL A 189 16.76 -16.28 -15.70
C VAL A 189 17.88 -15.33 -15.21
N ILE A 190 19.05 -15.43 -15.83
CA ILE A 190 20.03 -14.33 -15.79
C ILE A 190 19.94 -13.46 -17.04
N GLY A 191 19.36 -12.27 -16.90
CA GLY A 191 18.85 -11.52 -18.03
C GLY A 191 19.40 -10.10 -18.05
N VAL A 192 20.22 -9.81 -19.06
CA VAL A 192 20.78 -8.47 -19.23
C VAL A 192 20.04 -7.70 -20.31
N ASN A 193 19.56 -6.51 -19.98
CA ASN A 193 19.34 -5.47 -20.97
C ASN A 193 20.63 -4.80 -21.43
N PRO A 194 20.96 -4.94 -22.73
CA PRO A 194 22.22 -4.42 -23.29
C PRO A 194 22.08 -2.97 -23.76
N VAL A 195 23.19 -2.22 -23.70
CA VAL A 195 23.24 -0.84 -24.19
C VAL A 195 23.19 -0.78 -25.73
N THR A 196 23.93 -1.69 -26.38
CA THR A 196 23.97 -1.74 -27.85
C THR A 196 23.26 -2.99 -28.39
N ASP A 197 22.27 -2.76 -29.26
CA ASP A 197 21.69 -3.83 -30.07
C ASP A 197 22.63 -4.24 -31.20
N ASP A 198 23.49 -5.22 -30.93
CA ASP A 198 24.64 -5.49 -31.79
C ASP A 198 25.18 -6.91 -31.55
N VAL A 199 25.35 -7.67 -32.65
CA VAL A 199 25.59 -9.13 -32.58
C VAL A 199 26.89 -9.45 -31.81
N GLU A 200 27.93 -8.66 -32.09
CA GLU A 200 29.21 -8.78 -31.41
C GLU A 200 29.07 -8.49 -29.89
N ASN A 201 28.32 -7.45 -29.55
CA ASN A 201 28.08 -7.08 -28.16
C ASN A 201 27.14 -8.08 -27.44
N LEU A 202 26.10 -8.52 -28.15
CA LEU A 202 25.16 -9.52 -27.61
C LEU A 202 25.88 -10.82 -27.26
N SER A 203 26.76 -11.27 -28.16
CA SER A 203 27.49 -12.54 -27.97
C SER A 203 28.47 -12.44 -26.81
N ARG A 204 29.07 -11.26 -26.63
CA ARG A 204 30.05 -11.03 -25.55
C ARG A 204 29.37 -11.02 -24.18
N VAL A 205 28.20 -10.38 -24.10
CA VAL A 205 27.37 -10.42 -22.89
C VAL A 205 26.90 -11.86 -22.58
N LEU A 206 26.43 -12.56 -23.61
CA LEU A 206 25.96 -13.95 -23.46
C LEU A 206 27.10 -14.91 -23.08
N ASP A 207 28.29 -14.67 -23.65
CA ASP A 207 29.49 -15.43 -23.27
C ASP A 207 29.87 -15.22 -21.81
N THR A 208 29.65 -14.00 -21.31
CA THR A 208 29.92 -13.67 -19.90
C THR A 208 28.93 -14.38 -18.95
N ILE A 209 27.63 -14.29 -19.27
CA ILE A 209 26.58 -14.99 -18.49
C ILE A 209 26.86 -16.51 -18.44
N TYR A 210 27.12 -17.10 -19.60
CA TYR A 210 27.26 -18.54 -19.70
C TYR A 210 28.66 -19.01 -19.29
N GLY A 211 29.61 -18.09 -19.26
CA GLY A 211 30.89 -18.31 -18.55
C GLY A 211 30.69 -18.71 -17.09
N VAL A 212 29.84 -17.97 -16.38
CA VAL A 212 29.53 -18.28 -14.98
C VAL A 212 28.66 -19.55 -14.87
N ILE A 213 27.67 -19.68 -15.76
CA ILE A 213 26.78 -20.85 -15.76
C ILE A 213 27.55 -22.17 -15.96
N ASP A 214 28.47 -22.19 -16.94
CA ASP A 214 29.20 -23.42 -17.30
C ASP A 214 30.29 -23.77 -16.28
N LYS A 215 30.86 -22.73 -15.65
CA LYS A 215 31.93 -22.92 -14.65
C LYS A 215 31.41 -23.64 -13.40
N PHE A 216 30.23 -23.22 -12.92
CA PHE A 216 29.67 -23.75 -11.69
C PHE A 216 28.50 -24.68 -11.93
N ASN A 217 28.28 -25.02 -13.21
CA ASN A 217 27.25 -26.01 -13.62
C ASN A 217 25.85 -25.62 -13.15
N ILE A 218 25.48 -24.36 -13.35
CA ILE A 218 24.23 -23.82 -12.82
C ILE A 218 23.04 -24.23 -13.71
N PRO A 219 22.03 -24.89 -13.11
CA PRO A 219 20.74 -25.07 -13.75
C PRO A 219 19.96 -23.77 -13.82
N THR A 220 20.13 -23.03 -14.93
CA THR A 220 19.37 -21.80 -15.17
C THR A 220 19.43 -21.39 -16.66
N GLN A 221 18.88 -20.22 -16.96
CA GLN A 221 18.82 -19.71 -18.33
C GLN A 221 19.60 -18.41 -18.41
N GLY A 222 20.24 -18.17 -19.55
CA GLY A 222 20.72 -16.83 -19.89
C GLY A 222 19.82 -16.13 -20.88
N CYS A 223 19.81 -14.80 -20.83
CA CYS A 223 19.04 -13.99 -21.78
C CYS A 223 19.67 -12.63 -21.97
N VAL A 224 19.61 -12.12 -23.19
CA VAL A 224 19.97 -10.75 -23.45
C VAL A 224 18.83 -9.96 -24.15
N LEU A 225 18.36 -8.91 -23.48
CA LEU A 225 17.00 -8.39 -23.71
C LEU A 225 17.01 -7.26 -24.75
N ALA A 226 17.82 -7.43 -25.79
CA ALA A 226 17.71 -6.61 -26.99
C ALA A 226 16.42 -6.94 -27.78
N HIS A 227 16.22 -6.23 -28.89
CA HIS A 227 15.14 -6.57 -29.83
C HIS A 227 15.28 -8.01 -30.32
N VAL A 228 14.14 -8.67 -30.53
CA VAL A 228 14.12 -10.12 -30.81
C VAL A 228 14.91 -10.47 -32.10
N THR A 229 14.93 -9.52 -33.07
CA THR A 229 15.61 -9.73 -34.35
C THR A 229 17.12 -9.87 -34.17
N THR A 230 17.69 -9.07 -33.27
CA THR A 230 19.14 -9.10 -33.02
C THR A 230 19.54 -10.29 -32.16
N GLN A 231 18.63 -10.70 -31.27
CA GLN A 231 18.79 -11.96 -30.51
C GLN A 231 18.87 -13.15 -31.44
N ILE A 232 17.90 -13.24 -32.35
CA ILE A 232 17.85 -14.34 -33.32
C ILE A 232 19.10 -14.38 -34.20
N GLU A 233 19.53 -13.19 -34.67
CA GLU A 233 20.75 -13.08 -35.47
C GLU A 233 21.99 -13.59 -34.72
N ALA A 234 22.11 -13.18 -33.45
CA ALA A 234 23.28 -13.57 -32.62
C ALA A 234 23.28 -15.08 -32.34
N ILE A 235 22.11 -15.62 -32.00
CA ILE A 235 21.98 -17.05 -31.73
C ILE A 235 22.22 -17.91 -33.00
N ARG A 236 21.73 -17.42 -34.15
CA ARG A 236 22.00 -18.07 -35.45
C ARG A 236 23.49 -18.12 -35.77
N ARG A 237 24.21 -17.07 -35.40
CA ARG A 237 25.65 -16.96 -35.69
C ARG A 237 26.50 -17.59 -34.58
N GLY A 238 25.85 -18.02 -33.49
CA GLY A 238 26.36 -19.13 -32.68
C GLY A 238 26.60 -18.74 -31.23
N ALA A 239 26.08 -17.58 -30.83
CA ALA A 239 25.99 -17.21 -29.41
C ALA A 239 25.05 -18.16 -28.65
N PRO A 240 25.38 -18.45 -27.36
CA PRO A 240 24.57 -19.37 -26.54
C PRO A 240 23.13 -18.88 -26.36
N GLY A 241 22.17 -19.69 -26.78
CA GLY A 241 20.75 -19.35 -26.66
C GLY A 241 20.14 -19.94 -25.42
N GLY A 242 19.50 -19.09 -24.62
CA GLY A 242 18.72 -19.56 -23.48
C GLY A 242 17.25 -19.21 -23.61
N LEU A 243 16.85 -18.12 -23.00
CA LEU A 243 15.55 -17.52 -23.28
C LEU A 243 15.65 -16.48 -24.39
N ILE A 244 14.62 -16.43 -25.23
CA ILE A 244 14.50 -15.37 -26.23
C ILE A 244 13.41 -14.37 -25.84
N PHE A 245 13.78 -13.09 -25.78
CA PHE A 245 12.95 -12.06 -25.18
C PHE A 245 12.28 -11.19 -26.25
N GLN A 246 11.04 -10.76 -25.98
CA GLN A 246 10.46 -9.58 -26.65
C GLN A 246 9.47 -8.84 -25.74
N SER A 247 9.59 -7.51 -25.69
CA SER A 247 8.50 -6.65 -25.22
C SER A 247 7.33 -6.70 -26.19
N ILE A 248 6.13 -6.86 -25.65
CA ILE A 248 4.94 -7.00 -26.49
C ILE A 248 3.86 -5.96 -26.14
N CYS A 249 2.92 -5.78 -27.07
CA CYS A 249 1.82 -4.85 -26.88
C CYS A 249 0.51 -5.47 -27.39
N GLY A 250 -0.61 -5.00 -26.85
CA GLY A 250 -1.89 -5.73 -26.96
C GLY A 250 -2.69 -5.36 -28.21
N SER A 251 -2.06 -4.64 -29.13
CA SER A 251 -2.67 -4.35 -30.44
C SER A 251 -1.64 -4.46 -31.55
N GLU A 252 -2.12 -4.55 -32.79
CA GLU A 252 -1.22 -4.59 -33.96
C GLU A 252 -0.42 -3.29 -34.11
N LYS A 253 -1.10 -2.15 -33.92
CA LYS A 253 -0.44 -0.84 -33.98
C LYS A 253 0.61 -0.69 -32.87
N GLY A 254 0.32 -1.23 -31.69
CA GLY A 254 1.28 -1.27 -30.59
C GLY A 254 2.50 -2.12 -30.89
N LEU A 255 2.29 -3.23 -31.59
CA LEU A 255 3.39 -4.08 -32.06
C LEU A 255 4.23 -3.37 -33.13
N LYS A 256 3.56 -2.62 -34.01
CA LYS A 256 4.24 -1.83 -35.05
C LYS A 256 5.14 -0.74 -34.45
N GLU A 257 4.66 -0.12 -33.37
CA GLU A 257 5.48 0.83 -32.58
C GLU A 257 6.77 0.17 -32.06
N PHE A 258 6.67 -1.10 -31.67
CA PHE A 258 7.80 -1.82 -31.09
C PHE A 258 8.70 -2.43 -32.18
N GLY A 259 8.22 -2.39 -33.44
CA GLY A 259 8.91 -3.04 -34.55
C GLY A 259 8.80 -4.54 -34.52
N VAL A 260 7.64 -5.03 -34.06
CA VAL A 260 7.43 -6.47 -33.90
C VAL A 260 6.34 -6.97 -34.85
N GLU A 261 6.68 -7.93 -35.68
CA GLU A 261 5.69 -8.73 -36.37
C GLU A 261 5.45 -10.05 -35.64
N LEU A 262 4.26 -10.62 -35.84
CA LEU A 262 3.90 -11.91 -35.24
C LEU A 262 4.84 -13.03 -35.70
N ALA A 263 5.32 -12.93 -36.95
CA ALA A 263 6.16 -13.98 -37.55
C ALA A 263 7.60 -13.98 -36.99
N MET A 264 7.99 -12.85 -36.37
CA MET A 264 9.23 -12.80 -35.58
C MET A 264 9.16 -13.70 -34.35
N LEU A 265 7.98 -13.76 -33.73
CA LEU A 265 7.78 -14.56 -32.53
C LEU A 265 7.65 -16.04 -32.87
N ASP A 266 7.03 -16.33 -34.03
CA ASP A 266 7.09 -17.67 -34.63
C ASP A 266 8.53 -18.10 -34.91
N GLU A 267 9.32 -17.18 -35.48
CA GLU A 267 10.73 -17.44 -35.77
C GLU A 267 11.54 -17.68 -34.50
N ALA A 268 11.20 -16.94 -33.43
CA ALA A 268 11.86 -17.09 -32.13
C ALA A 268 11.59 -18.47 -31.50
N ARG A 269 10.37 -18.98 -31.69
CA ARG A 269 10.04 -20.36 -31.29
C ARG A 269 10.89 -21.38 -32.07
N ALA A 270 10.99 -21.19 -33.39
CA ALA A 270 11.71 -22.13 -34.26
C ALA A 270 13.22 -22.09 -34.06
N VAL A 271 13.76 -20.88 -33.85
CA VAL A 271 15.19 -20.70 -33.54
C VAL A 271 15.55 -21.32 -32.18
N GLY A 272 14.68 -21.10 -31.19
CA GLY A 272 14.80 -21.76 -29.88
C GLY A 272 14.84 -23.28 -29.97
N ALA A 273 13.98 -23.85 -30.81
CA ALA A 273 13.91 -25.30 -31.01
C ALA A 273 15.19 -25.87 -31.66
N GLU A 274 15.84 -25.06 -32.51
CA GLU A 274 17.03 -25.51 -33.23
C GLU A 274 18.32 -25.34 -32.40
N PHE A 275 18.38 -24.28 -31.59
CA PHE A 275 19.67 -23.71 -31.18
C PHE A 275 19.86 -23.68 -29.66
N ASN A 276 18.76 -23.57 -28.92
CA ASN A 276 18.83 -23.09 -27.53
C ASN A 276 19.16 -24.20 -26.54
N ARG A 277 19.91 -23.84 -25.51
CA ARG A 277 20.38 -24.80 -24.53
C ARG A 277 19.35 -24.98 -23.40
N ILE A 278 18.19 -25.51 -23.75
CA ILE A 278 17.06 -25.59 -22.85
C ILE A 278 16.56 -27.04 -22.79
N ALA A 279 16.54 -27.61 -21.59
CA ALA A 279 16.10 -29.01 -21.39
C ALA A 279 14.58 -29.17 -21.56
N GLY A 280 13.82 -28.23 -20.99
CA GLY A 280 12.34 -28.27 -21.07
C GLY A 280 11.81 -27.69 -22.38
N GLU A 281 10.50 -27.49 -22.44
CA GLU A 281 9.83 -27.19 -23.70
C GLU A 281 9.48 -25.70 -23.84
N ASN A 282 9.76 -24.94 -22.78
CA ASN A 282 9.48 -23.49 -22.78
C ASN A 282 10.77 -22.65 -22.79
N CYS A 283 10.84 -21.69 -23.71
CA CYS A 283 12.08 -20.96 -23.96
C CYS A 283 11.88 -19.46 -24.29
N LEU A 284 10.63 -19.00 -24.28
CA LEU A 284 10.34 -17.59 -24.61
C LEU A 284 10.10 -16.75 -23.36
N TYR A 285 10.35 -15.45 -23.49
CA TYR A 285 10.28 -14.52 -22.37
C TYR A 285 9.66 -13.20 -22.86
N PHE A 286 8.50 -12.86 -22.30
CA PHE A 286 7.85 -11.58 -22.64
C PHE A 286 7.83 -10.63 -21.45
N GLU A 287 7.91 -9.34 -21.73
CA GLU A 287 7.57 -8.33 -20.74
C GLU A 287 6.46 -7.42 -21.20
N THR A 288 5.57 -7.09 -20.26
CA THR A 288 4.38 -6.31 -20.56
C THR A 288 4.31 -5.15 -19.59
N GLY A 289 3.26 -4.33 -19.69
CA GLY A 289 2.97 -3.34 -18.66
C GLY A 289 1.88 -2.37 -19.05
N GLN A 290 1.08 -1.96 -18.06
CA GLN A 290 0.03 -0.94 -18.25
C GLN A 290 0.62 0.39 -18.69
N GLY A 291 0.06 0.97 -19.75
CA GLY A 291 0.47 2.28 -20.22
C GLY A 291 1.10 2.25 -21.60
N SER A 292 1.57 1.07 -22.00
CA SER A 292 2.42 0.94 -23.20
C SER A 292 1.62 1.17 -24.48
N ALA A 293 0.41 0.61 -24.52
CA ALA A 293 -0.51 0.85 -25.64
C ALA A 293 -0.96 2.31 -25.70
N LEU A 294 -1.22 2.89 -24.53
CA LEU A 294 -1.60 4.31 -24.42
C LEU A 294 -0.47 5.23 -24.91
N SER A 295 0.78 4.87 -24.56
CA SER A 295 1.96 5.59 -25.03
C SER A 295 2.11 5.52 -26.55
N ALA A 296 1.72 4.37 -27.12
CA ALA A 296 1.93 4.11 -28.54
C ALA A 296 0.82 4.73 -29.41
N GLY A 297 -0.19 5.31 -28.74
CA GLY A 297 -1.40 5.76 -29.43
C GLY A 297 -2.22 4.61 -29.99
N ALA A 298 -2.22 3.50 -29.27
CA ALA A 298 -2.61 2.21 -29.84
C ALA A 298 -3.58 1.49 -28.93
N ASN A 299 -4.17 2.23 -28.00
CA ASN A 299 -5.18 1.70 -27.10
C ASN A 299 -6.59 1.78 -27.68
N PHE A 300 -6.76 2.65 -28.69
CA PHE A 300 -8.05 2.76 -29.45
C PHE A 300 -9.24 3.05 -28.53
N GLY A 301 -9.03 3.92 -27.53
CA GLY A 301 -10.11 4.37 -26.65
C GLY A 301 -10.36 3.42 -25.48
N ALA A 302 -9.55 2.37 -25.38
CA ALA A 302 -9.68 1.38 -24.30
C ALA A 302 -8.76 1.70 -23.14
N ASP A 303 -9.18 1.28 -21.94
CA ASP A 303 -8.38 1.46 -20.73
C ASP A 303 -7.15 0.55 -20.73
N GLN A 304 -6.18 0.85 -19.85
CA GLN A 304 -4.87 0.21 -19.91
C GLN A 304 -4.88 -1.19 -19.26
N VAL A 305 -5.92 -1.49 -18.46
CA VAL A 305 -6.08 -2.82 -17.86
C VAL A 305 -6.57 -3.84 -18.90
N THR A 306 -7.59 -3.44 -19.67
CA THR A 306 -8.10 -4.27 -20.79
C THR A 306 -7.01 -4.51 -21.84
N MET A 307 -6.23 -3.47 -22.15
CA MET A 307 -5.11 -3.58 -23.10
C MET A 307 -4.04 -4.53 -22.60
N GLU A 308 -3.80 -4.53 -21.29
CA GLU A 308 -2.77 -5.35 -20.68
C GLU A 308 -3.18 -6.82 -20.65
N ALA A 309 -4.48 -7.08 -20.48
CA ALA A 309 -5.02 -8.43 -20.61
C ALA A 309 -4.79 -9.01 -22.01
N ARG A 310 -4.85 -8.15 -23.03
CA ARG A 310 -4.68 -8.58 -24.42
C ARG A 310 -3.23 -8.98 -24.74
N ASN A 311 -2.28 -8.35 -24.03
CA ASN A 311 -0.89 -8.84 -23.98
C ASN A 311 -0.80 -10.31 -23.59
N TYR A 312 -1.56 -10.70 -22.57
CA TYR A 312 -1.47 -12.05 -22.00
C TYR A 312 -2.11 -13.07 -22.90
N GLY A 313 -3.17 -12.66 -23.60
CA GLY A 313 -3.78 -13.49 -24.64
C GLY A 313 -2.87 -13.69 -25.83
N LEU A 314 -2.14 -12.64 -26.20
CA LEU A 314 -1.07 -12.75 -27.20
C LEU A 314 0.07 -13.67 -26.71
N ALA A 315 0.51 -13.47 -25.46
CA ALA A 315 1.61 -14.24 -24.89
C ALA A 315 1.29 -15.74 -24.81
N ARG A 316 0.03 -16.04 -24.45
CA ARG A 316 -0.43 -17.43 -24.23
C ARG A 316 -0.24 -18.31 -25.49
N HIS A 317 -0.49 -17.70 -26.66
CA HIS A 317 -0.32 -18.39 -27.96
C HIS A 317 1.09 -19.00 -28.13
N TYR A 318 2.09 -18.36 -27.55
CA TYR A 318 3.47 -18.75 -27.74
C TYR A 318 4.03 -19.53 -26.55
N ASP A 319 3.14 -19.85 -25.59
CA ASP A 319 3.50 -20.70 -24.41
C ASP A 319 4.94 -20.42 -23.86
N PRO A 320 5.17 -19.18 -23.37
CA PRO A 320 6.50 -18.75 -22.95
C PRO A 320 6.88 -19.36 -21.60
N PHE A 321 8.18 -19.41 -21.31
CA PHE A 321 8.66 -19.86 -20.01
C PHE A 321 8.25 -18.90 -18.91
N ILE A 322 8.45 -17.61 -19.16
CA ILE A 322 8.09 -16.57 -18.18
C ILE A 322 7.50 -15.32 -18.86
N VAL A 323 6.49 -14.74 -18.21
CA VAL A 323 6.09 -13.35 -18.48
C VAL A 323 6.09 -12.55 -17.19
N ASN A 324 6.58 -11.31 -17.23
CA ASN A 324 6.28 -10.33 -16.18
C ASN A 324 5.79 -9.00 -16.70
N THR A 325 4.78 -8.45 -16.03
CA THR A 325 4.51 -7.03 -16.09
C THR A 325 5.65 -6.23 -15.47
N VAL A 326 5.83 -5.01 -15.96
CA VAL A 326 6.81 -4.11 -15.41
C VAL A 326 6.14 -2.87 -14.79
N VAL A 327 5.70 -3.00 -13.55
CA VAL A 327 4.45 -2.39 -13.11
C VAL A 327 4.56 -0.85 -13.02
N GLY A 328 5.63 -0.35 -12.39
CA GLY A 328 5.89 1.08 -12.29
C GLY A 328 7.11 1.53 -13.09
N PHE A 329 7.34 0.88 -14.23
CA PHE A 329 8.62 1.02 -14.94
C PHE A 329 8.66 2.33 -15.77
N ILE A 330 7.49 2.86 -16.12
CA ILE A 330 7.39 3.98 -17.05
C ILE A 330 7.29 5.32 -16.32
N GLY A 331 6.23 5.49 -15.53
CA GLY A 331 6.16 6.57 -14.55
C GLY A 331 4.73 7.04 -14.30
N PRO A 332 4.58 8.22 -13.64
CA PRO A 332 3.38 8.58 -12.88
C PRO A 332 2.21 8.95 -13.79
N GLU A 333 2.50 9.10 -15.08
CA GLU A 333 1.49 9.43 -16.08
C GLU A 333 0.45 8.31 -16.23
N TYR A 334 0.87 7.08 -15.97
CA TYR A 334 -0.01 5.93 -16.12
C TYR A 334 -0.35 5.31 -14.79
N LEU A 335 0.61 5.27 -13.87
CA LEU A 335 0.36 4.89 -12.47
C LEU A 335 1.11 5.79 -11.49
N TYR A 336 0.37 6.55 -10.69
CA TYR A 336 0.91 7.75 -10.04
C TYR A 336 1.68 7.42 -8.75
N ASN A 337 1.08 6.58 -7.90
CA ASN A 337 1.54 6.44 -6.50
C ASN A 337 1.60 4.98 -6.02
N ASP A 338 1.89 4.79 -4.72
CA ASP A 338 1.88 3.46 -4.09
C ASP A 338 0.62 2.68 -4.39
N ARG A 339 -0.53 3.31 -4.11
CA ARG A 339 -1.83 2.63 -4.14
C ARG A 339 -2.15 2.11 -5.56
N GLN A 340 -1.87 2.94 -6.57
CA GLN A 340 -2.16 2.58 -7.96
C GLN A 340 -1.21 1.51 -8.48
N ILE A 341 0.06 1.58 -8.05
CA ILE A 341 1.07 0.62 -8.49
C ILE A 341 0.83 -0.78 -7.89
N ILE A 342 0.48 -0.82 -6.60
CA ILE A 342 0.03 -2.07 -5.95
C ILE A 342 -1.17 -2.69 -6.68
N ARG A 343 -2.22 -1.88 -6.89
CA ARG A 343 -3.47 -2.37 -7.50
C ARG A 343 -3.23 -2.95 -8.91
N ALA A 344 -2.44 -2.23 -9.71
CA ALA A 344 -2.08 -2.67 -11.05
C ALA A 344 -1.27 -3.96 -11.03
N GLY A 345 -0.31 -4.05 -10.09
CA GLY A 345 0.49 -5.28 -9.91
C GLY A 345 -0.35 -6.50 -9.59
N LEU A 346 -1.33 -6.33 -8.71
CA LEU A 346 -2.25 -7.41 -8.35
C LEU A 346 -3.19 -7.77 -9.52
N GLU A 347 -3.63 -6.74 -10.25
CA GLU A 347 -4.48 -6.93 -11.45
C GLU A 347 -3.74 -7.71 -12.52
N ASP A 348 -2.52 -7.27 -12.83
CA ASP A 348 -1.74 -7.83 -13.94
C ASP A 348 -1.38 -9.30 -13.68
N HIS A 349 -1.04 -9.60 -12.43
CA HIS A 349 -0.68 -10.95 -12.06
C HIS A 349 -1.88 -11.90 -12.10
N PHE A 350 -3.02 -11.44 -11.55
CA PHE A 350 -4.27 -12.21 -11.60
C PHE A 350 -4.68 -12.51 -13.04
N MET A 351 -4.60 -11.49 -13.90
CA MET A 351 -5.02 -11.63 -15.30
C MET A 351 -4.10 -12.57 -16.07
N GLY A 352 -2.81 -12.50 -15.76
CA GLY A 352 -1.83 -13.42 -16.35
C GLY A 352 -2.06 -14.87 -15.96
N LYS A 353 -2.32 -15.10 -14.67
CA LYS A 353 -2.63 -16.45 -14.17
C LYS A 353 -3.95 -16.98 -14.73
N LEU A 354 -4.96 -16.10 -14.83
CA LEU A 354 -6.25 -16.46 -15.45
C LEU A 354 -6.13 -16.78 -16.95
N SER A 355 -5.26 -16.05 -17.64
CA SER A 355 -4.96 -16.33 -19.07
C SER A 355 -4.09 -17.58 -19.24
N GLY A 356 -3.50 -18.06 -18.14
CA GLY A 356 -2.77 -19.32 -18.12
C GLY A 356 -1.34 -19.17 -18.59
N ILE A 357 -0.74 -18.01 -18.27
CA ILE A 357 0.69 -17.82 -18.51
C ILE A 357 1.50 -17.76 -17.21
N SER A 358 2.81 -17.98 -17.34
CA SER A 358 3.68 -18.09 -16.19
C SER A 358 4.04 -16.71 -15.65
N MET A 359 3.17 -16.16 -14.84
CA MET A 359 3.13 -14.72 -14.62
C MET A 359 3.96 -14.32 -13.42
N GLY A 360 4.93 -13.45 -13.64
CA GLY A 360 5.62 -12.76 -12.56
C GLY A 360 5.41 -11.25 -12.60
N CYS A 361 6.22 -10.54 -11.82
CA CYS A 361 6.13 -9.08 -11.75
C CYS A 361 7.49 -8.46 -11.43
N ASP A 362 7.91 -7.49 -12.24
CA ASP A 362 8.84 -6.46 -11.80
C ASP A 362 8.15 -5.47 -10.88
N CYS A 363 8.24 -5.71 -9.58
CA CYS A 363 7.77 -4.75 -8.58
C CYS A 363 8.72 -3.57 -8.49
N CYS A 364 8.29 -2.44 -9.05
CA CYS A 364 9.22 -1.36 -9.35
C CYS A 364 8.55 0.01 -9.33
N TYR A 365 9.38 1.06 -9.26
CA TYR A 365 8.91 2.43 -9.39
C TYR A 365 10.00 3.30 -10.02
N THR A 366 9.62 4.50 -10.43
CA THR A 366 10.58 5.48 -10.94
C THR A 366 10.72 6.67 -9.99
N ASN A 367 11.79 7.45 -10.18
CA ASN A 367 12.13 8.52 -9.25
C ASN A 367 11.30 9.79 -9.47
N HIS A 368 10.58 9.84 -10.60
CA HIS A 368 9.62 10.92 -10.84
C HIS A 368 8.15 10.51 -10.56
N ALA A 369 7.98 9.32 -9.97
CA ALA A 369 6.66 8.89 -9.45
C ALA A 369 6.58 9.03 -7.91
N ASP A 370 5.36 9.11 -7.39
CA ASP A 370 5.13 9.30 -5.95
C ASP A 370 5.23 7.98 -5.17
N ALA A 371 6.46 7.56 -4.88
CA ALA A 371 6.77 6.16 -4.58
C ALA A 371 8.16 6.03 -3.96
N ASP A 372 8.33 5.02 -3.12
CA ASP A 372 9.67 4.68 -2.61
C ASP A 372 9.88 3.16 -2.50
N GLN A 373 10.96 2.76 -1.84
CA GLN A 373 11.38 1.36 -1.81
C GLN A 373 10.46 0.52 -0.92
N ASN A 374 9.79 1.18 0.02
CA ASN A 374 8.80 0.52 0.88
C ASN A 374 7.57 0.02 0.11
N LEU A 375 7.26 0.70 -1.00
CA LEU A 375 6.20 0.23 -1.91
C LEU A 375 6.59 -1.06 -2.62
N ASN A 376 7.82 -1.12 -3.13
CA ASN A 376 8.37 -2.36 -3.71
C ASN A 376 8.28 -3.53 -2.74
N GLU A 377 8.53 -3.25 -1.46
CA GLU A 377 8.54 -4.28 -0.44
C GLU A 377 7.13 -4.69 0.00
N ASN A 378 6.22 -3.70 0.09
CA ASN A 378 4.79 -3.97 0.21
C ASN A 378 4.29 -4.91 -0.90
N LEU A 379 4.59 -4.55 -2.16
CA LEU A 379 3.98 -5.19 -3.31
C LEU A 379 4.56 -6.60 -3.54
N MET A 380 5.87 -6.73 -3.37
CA MET A 380 6.56 -8.02 -3.59
C MET A 380 6.04 -9.11 -2.64
N ILE A 381 5.67 -8.73 -1.42
CA ILE A 381 5.19 -9.67 -0.44
C ILE A 381 3.74 -10.05 -0.70
N LEU A 382 2.90 -9.05 -1.01
CA LEU A 382 1.50 -9.28 -1.44
C LEU A 382 1.42 -10.22 -2.64
N LEU A 383 2.25 -9.97 -3.65
CA LEU A 383 2.27 -10.79 -4.85
C LEU A 383 2.83 -12.19 -4.60
N ALA A 384 3.79 -12.29 -3.67
CA ALA A 384 4.33 -13.59 -3.27
C ALA A 384 3.28 -14.47 -2.59
N THR A 385 2.42 -13.86 -1.76
CA THR A 385 1.25 -14.57 -1.20
C THR A 385 0.23 -14.97 -2.30
N ALA A 386 0.23 -14.21 -3.41
CA ALA A 386 -0.63 -14.55 -4.57
C ALA A 386 -0.02 -15.65 -5.45
N GLY A 387 1.18 -16.11 -5.08
CA GLY A 387 1.88 -17.14 -5.86
C GLY A 387 2.52 -16.61 -7.13
N CYS A 388 2.85 -15.30 -7.13
CA CYS A 388 3.71 -14.69 -8.17
C CYS A 388 4.90 -15.56 -8.49
N ASN A 389 5.08 -15.86 -9.78
CA ASN A 389 6.06 -16.86 -10.20
C ASN A 389 7.49 -16.41 -9.98
N TYR A 390 7.75 -15.12 -10.19
CA TYR A 390 9.07 -14.56 -10.00
C TYR A 390 9.06 -13.03 -9.90
N ILE A 391 10.09 -12.48 -9.23
CA ILE A 391 10.40 -11.05 -9.31
C ILE A 391 11.81 -10.81 -9.89
N MET A 392 12.23 -9.54 -9.93
CA MET A 392 13.59 -9.21 -10.33
C MET A 392 14.56 -9.21 -9.16
N GLY A 393 15.85 -9.27 -9.46
CA GLY A 393 16.88 -9.03 -8.48
C GLY A 393 17.97 -8.14 -9.01
N MET A 394 18.25 -7.07 -8.29
CA MET A 394 19.45 -6.26 -8.51
C MET A 394 20.09 -5.87 -7.16
N PRO A 395 21.40 -5.44 -7.18
CA PRO A 395 22.07 -5.05 -5.93
C PRO A 395 21.37 -3.88 -5.25
N LEU A 396 20.64 -4.19 -4.15
CA LEU A 396 19.73 -3.21 -3.47
C LEU A 396 18.63 -2.64 -4.40
N GLY A 397 18.45 -3.25 -5.56
CA GLY A 397 17.36 -2.89 -6.47
C GLY A 397 17.68 -1.68 -7.35
N ASP A 398 18.92 -1.20 -7.27
CA ASP A 398 19.34 -0.02 -8.03
C ASP A 398 19.86 -0.42 -9.43
N ASP A 399 19.05 -0.13 -10.46
CA ASP A 399 19.54 -0.16 -11.86
C ASP A 399 20.35 1.06 -12.18
N ILE A 400 21.62 0.85 -12.51
CA ILE A 400 22.56 1.95 -12.74
C ILE A 400 22.39 2.56 -14.14
N MET A 401 21.48 1.99 -14.93
CA MET A 401 21.52 2.13 -16.37
C MET A 401 20.11 2.30 -16.96
N LEU A 402 19.14 1.52 -16.46
CA LEU A 402 17.73 1.70 -16.81
C LEU A 402 17.04 2.75 -15.93
N ASN A 403 17.75 3.18 -14.88
CA ASN A 403 17.35 4.38 -14.10
C ASN A 403 16.01 4.21 -13.38
N TYR A 404 15.88 3.11 -12.66
CA TYR A 404 14.72 2.88 -11.82
C TYR A 404 15.09 1.99 -10.64
N GLN A 405 14.14 1.76 -9.76
CA GLN A 405 14.38 0.89 -8.61
C GLN A 405 13.44 -0.30 -8.59
N THR A 406 14.01 -1.49 -8.66
CA THR A 406 13.26 -2.71 -8.48
C THR A 406 13.57 -3.34 -7.10
N THR A 407 13.27 -4.63 -6.95
CA THR A 407 13.53 -5.33 -5.70
C THR A 407 15.00 -5.75 -5.57
N ALA A 408 15.49 -5.79 -4.33
CA ALA A 408 16.87 -6.23 -4.03
C ALA A 408 17.00 -7.75 -4.18
N PHE A 409 18.26 -8.21 -4.34
CA PHE A 409 18.61 -9.64 -4.05
C PHE A 409 18.15 -10.05 -2.67
N HIS A 410 18.35 -9.16 -1.69
CA HIS A 410 17.85 -9.33 -0.33
C HIS A 410 16.35 -9.72 -0.29
N ASP A 411 15.57 -9.14 -1.20
CA ASP A 411 14.11 -9.17 -1.09
C ASP A 411 13.54 -10.55 -1.43
N THR A 412 14.14 -11.22 -2.43
CA THR A 412 13.79 -12.61 -2.77
C THR A 412 14.10 -13.57 -1.59
N ALA A 413 15.27 -13.41 -1.01
CA ALA A 413 15.68 -14.20 0.17
C ALA A 413 14.78 -13.93 1.37
N THR A 414 14.36 -12.66 1.53
CA THR A 414 13.40 -12.27 2.57
C THR A 414 12.04 -12.95 2.37
N VAL A 415 11.50 -12.81 1.15
CA VAL A 415 10.20 -13.43 0.80
C VAL A 415 10.21 -14.95 1.06
N ARG A 416 11.26 -15.63 0.57
CA ARG A 416 11.37 -17.08 0.69
C ARG A 416 11.38 -17.52 2.16
N GLN A 417 12.17 -16.83 2.98
CA GLN A 417 12.35 -17.21 4.38
C GLN A 417 11.19 -16.74 5.26
N LEU A 418 10.50 -15.68 4.81
CA LEU A 418 9.27 -15.21 5.47
C LEU A 418 8.10 -16.19 5.27
N LEU A 419 7.95 -16.68 4.04
CA LEU A 419 6.74 -17.37 3.64
C LEU A 419 6.96 -18.88 3.51
N ASN A 420 8.15 -19.35 3.95
CA ASN A 420 8.58 -20.76 3.74
C ASN A 420 8.45 -21.21 2.27
N LEU A 421 8.99 -20.41 1.36
CA LEU A 421 9.03 -20.78 -0.04
C LEU A 421 10.44 -21.17 -0.46
N ARG A 422 10.53 -22.07 -1.43
CA ARG A 422 11.82 -22.52 -1.95
C ARG A 422 12.08 -21.92 -3.34
N PRO A 423 13.35 -21.97 -3.81
CA PRO A 423 13.64 -21.77 -5.25
C PRO A 423 12.98 -22.85 -6.11
N SER A 424 13.01 -22.67 -7.44
CA SER A 424 13.04 -23.80 -8.38
C SER A 424 13.86 -24.97 -7.82
N PRO A 425 13.28 -26.19 -7.87
CA PRO A 425 13.87 -27.38 -7.21
C PRO A 425 15.26 -27.74 -7.77
N GLU A 426 15.47 -27.48 -9.06
CA GLU A 426 16.78 -27.72 -9.70
C GLU A 426 17.82 -26.72 -9.21
N PHE A 427 17.41 -25.46 -9.10
CA PHE A 427 18.30 -24.38 -8.68
C PHE A 427 18.59 -24.46 -7.18
N GLU A 428 17.58 -24.87 -6.40
CA GLU A 428 17.75 -25.12 -4.97
C GLU A 428 18.77 -26.22 -4.70
N ARG A 429 18.70 -27.29 -5.50
CA ARG A 429 19.72 -28.35 -5.47
C ARG A 429 21.14 -27.79 -5.65
N TRP A 430 21.30 -26.88 -6.63
CA TRP A 430 22.59 -26.24 -6.90
C TRP A 430 23.04 -25.35 -5.73
N LEU A 431 22.11 -24.59 -5.16
CA LEU A 431 22.41 -23.72 -4.01
C LEU A 431 22.88 -24.53 -2.80
N GLU A 432 22.26 -25.69 -2.60
CA GLU A 432 22.62 -26.57 -1.49
C GLU A 432 24.02 -27.19 -1.68
N SER A 433 24.35 -27.53 -2.93
CA SER A 433 25.66 -28.09 -3.26
CA SER A 433 25.67 -28.09 -3.25
C SER A 433 26.76 -27.03 -3.16
N MET A 434 26.38 -25.76 -3.34
CA MET A 434 27.34 -24.66 -3.29
C MET A 434 27.54 -24.14 -1.86
N GLY A 435 26.73 -24.65 -0.92
CA GLY A 435 26.79 -24.22 0.47
C GLY A 435 26.13 -22.86 0.70
N ILE A 436 25.26 -22.46 -0.22
CA ILE A 436 24.60 -21.15 -0.14
C ILE A 436 23.26 -21.26 0.61
N MET A 437 22.59 -22.40 0.46
CA MET A 437 21.27 -22.61 1.07
C MET A 437 21.24 -23.93 1.85
N ALA A 438 20.70 -23.89 3.06
CA ALA A 438 20.20 -25.10 3.73
C ALA A 438 18.75 -24.93 4.17
N ASN A 439 17.90 -25.92 3.82
CA ASN A 439 16.47 -25.96 4.23
C ASN A 439 15.70 -24.67 3.90
N GLY A 440 15.99 -24.09 2.73
CA GLY A 440 15.28 -22.88 2.26
C GLY A 440 15.95 -21.59 2.71
N ARG A 441 16.87 -21.70 3.66
CA ARG A 441 17.45 -20.51 4.30
C ARG A 441 18.87 -20.30 3.85
N LEU A 442 19.23 -19.03 3.64
CA LEU A 442 20.62 -18.65 3.41
C LEU A 442 21.51 -19.10 4.57
N THR A 443 22.60 -19.80 4.23
CA THR A 443 23.61 -20.18 5.22
C THR A 443 24.40 -18.96 5.68
N LYS A 444 25.29 -19.17 6.65
CA LYS A 444 26.15 -18.09 7.17
C LYS A 444 27.00 -17.45 6.08
N ARG A 445 27.53 -18.29 5.18
CA ARG A 445 28.50 -17.83 4.19
C ARG A 445 27.82 -17.37 2.88
N ALA A 446 26.48 -17.31 2.88
CA ALA A 446 25.72 -16.74 1.77
C ALA A 446 25.74 -15.21 1.79
N GLY A 447 25.33 -14.59 0.69
CA GLY A 447 25.33 -13.14 0.57
C GLY A 447 26.71 -12.57 0.30
N ASP A 448 27.63 -13.44 -0.10
CA ASP A 448 29.02 -13.07 -0.26
C ASP A 448 29.57 -13.64 -1.57
N PRO A 449 29.82 -12.74 -2.56
CA PRO A 449 30.17 -13.15 -3.93
C PRO A 449 31.61 -13.72 -4.01
N SER A 450 32.40 -13.51 -2.95
CA SER A 450 33.78 -14.02 -2.89
CA SER A 450 33.78 -14.01 -2.91
C SER A 450 33.82 -15.53 -2.65
N LEU A 451 32.66 -16.10 -2.30
CA LEU A 451 32.52 -17.57 -2.16
C LEU A 451 32.88 -18.31 -3.46
N PHE A 452 32.64 -17.66 -4.60
CA PHE A 452 32.81 -18.30 -5.89
C PHE A 452 34.29 -18.32 -6.35
N PHE A 453 35.18 -17.79 -5.50
CA PHE A 453 36.56 -17.52 -5.90
C PHE A 453 37.55 -18.29 -5.03
N ALA B 12 32.37 8.93 12.08
CA ALA B 12 31.52 9.90 11.34
C ALA B 12 31.62 9.69 9.84
N LEU B 13 30.48 9.79 9.15
CA LEU B 13 30.41 9.46 7.73
C LEU B 13 29.34 10.30 7.02
N ASP B 14 29.77 11.05 6.01
CA ASP B 14 28.87 11.52 4.95
C ASP B 14 28.45 10.37 4.06
N LEU B 15 27.13 10.18 3.89
CA LEU B 15 26.60 9.10 3.07
C LEU B 15 26.77 9.40 1.57
N GLY B 16 27.05 10.65 1.24
CA GLY B 16 27.32 11.05 -0.14
C GLY B 16 28.81 11.04 -0.49
N SER B 17 29.64 10.65 0.48
CA SER B 17 31.10 10.65 0.29
C SER B 17 31.56 9.45 -0.56
N ALA B 18 32.81 9.50 -1.03
CA ALA B 18 33.39 8.41 -1.81
C ALA B 18 33.72 7.20 -0.93
N GLU B 19 34.04 7.47 0.34
CA GLU B 19 34.28 6.39 1.32
C GLU B 19 33.00 5.58 1.60
N ALA B 20 31.86 6.27 1.66
CA ALA B 20 30.57 5.61 1.86
C ALA B 20 30.16 4.77 0.66
N LYS B 21 30.56 5.23 -0.54
CA LYS B 21 30.26 4.52 -1.77
C LYS B 21 31.14 3.27 -1.92
N ALA B 22 32.32 3.30 -1.32
CA ALA B 22 33.31 2.24 -1.50
C ALA B 22 33.18 1.14 -0.43
N TRP B 23 32.16 1.27 0.44
CA TRP B 23 32.08 0.47 1.67
C TRP B 23 31.78 -0.99 1.36
N ILE B 24 32.51 -1.89 2.01
CA ILE B 24 32.21 -3.33 1.96
C ILE B 24 31.64 -3.82 3.29
N GLY B 25 30.46 -4.43 3.24
CA GLY B 25 29.68 -4.72 4.44
C GLY B 25 29.56 -6.20 4.72
N VAL B 26 30.07 -7.03 3.80
CA VAL B 26 30.24 -8.47 4.05
C VAL B 26 31.18 -8.73 5.25
N GLU B 27 30.66 -9.43 6.26
CA GLU B 27 31.21 -9.33 7.61
C GLU B 27 32.34 -10.35 7.85
N ASN B 28 32.12 -11.59 7.42
CA ASN B 28 33.17 -12.61 7.42
C ASN B 28 33.45 -13.18 6.03
N PRO B 29 34.32 -12.50 5.26
CA PRO B 29 34.51 -12.80 3.83
C PRO B 29 35.26 -14.11 3.62
N HIS B 30 34.93 -14.81 2.53
CA HIS B 30 35.71 -15.95 2.10
C HIS B 30 37.08 -15.51 1.55
N ARG B 31 37.06 -14.50 0.67
CA ARG B 31 38.30 -13.97 0.10
C ARG B 31 38.20 -12.45 -0.07
N ALA B 32 38.83 -11.71 0.84
CA ALA B 32 38.53 -10.28 1.04
C ALA B 32 39.17 -9.42 -0.07
N ASP B 33 40.22 -9.95 -0.69
CA ASP B 33 40.90 -9.26 -1.80
C ASP B 33 40.06 -9.29 -3.09
N VAL B 34 39.29 -10.37 -3.25
CA VAL B 34 38.31 -10.45 -4.34
C VAL B 34 37.16 -9.43 -4.15
N LEU B 35 36.77 -9.21 -2.88
CA LEU B 35 35.67 -8.29 -2.55
C LEU B 35 35.98 -6.84 -2.95
N THR B 36 37.25 -6.43 -2.79
CA THR B 36 37.69 -5.08 -3.21
C THR B 36 37.66 -4.94 -4.73
N GLU B 37 38.11 -6.00 -5.43
CA GLU B 37 38.18 -5.98 -6.90
C GLU B 37 36.79 -5.99 -7.53
N LEU B 38 35.84 -6.63 -6.85
CA LEU B 38 34.44 -6.65 -7.29
C LEU B 38 33.76 -5.29 -7.07
N ARG B 39 34.09 -4.62 -5.96
CA ARG B 39 33.58 -3.27 -5.67
C ARG B 39 34.20 -2.22 -6.59
N ARG B 40 35.45 -2.48 -7.04
CA ARG B 40 36.13 -1.60 -7.99
C ARG B 40 35.46 -1.64 -9.39
N SER B 41 34.93 -2.81 -9.76
CA SER B 41 34.52 -3.09 -11.15
C SER B 41 33.17 -2.45 -11.49
N THR B 42 32.43 -2.04 -10.45
CA THR B 42 30.99 -1.81 -10.57
C THR B 42 30.58 -0.51 -9.92
N VAL B 43 29.63 0.20 -10.54
CA VAL B 43 28.92 1.30 -9.88
C VAL B 43 27.70 0.78 -9.07
N ALA B 44 27.23 -0.43 -9.41
CA ALA B 44 26.11 -1.05 -8.69
C ALA B 44 26.47 -1.38 -7.25
N ARG B 45 25.46 -1.38 -6.38
CA ARG B 45 25.69 -1.47 -4.91
C ARG B 45 25.97 -2.91 -4.49
N VAL B 46 27.01 -3.50 -5.07
CA VAL B 46 27.49 -4.83 -4.71
C VAL B 46 28.20 -4.78 -3.33
N CYS B 47 28.28 -5.95 -2.67
CA CYS B 47 29.29 -6.19 -1.59
C CYS B 47 28.93 -5.50 -0.26
N THR B 48 27.65 -5.15 -0.10
CA THR B 48 27.20 -4.40 1.10
C THR B 48 26.79 -5.35 2.24
N GLY B 49 26.78 -6.65 1.95
CA GLY B 49 26.49 -7.66 2.98
C GLY B 49 25.02 -7.74 3.31
N ARG B 50 24.71 -8.20 4.53
CA ARG B 50 23.32 -8.44 4.96
C ARG B 50 23.17 -8.44 6.48
N ALA B 51 21.95 -8.20 6.95
CA ALA B 51 21.54 -8.64 8.29
C ALA B 51 20.32 -9.55 8.20
N GLY B 52 20.52 -10.84 8.49
CA GLY B 52 19.65 -11.89 7.96
C GLY B 52 19.55 -11.85 6.44
N PRO B 53 18.31 -11.78 5.91
CA PRO B 53 18.09 -11.57 4.49
C PRO B 53 17.82 -10.10 4.15
N ARG B 54 18.03 -9.21 5.12
CA ARG B 54 17.75 -7.78 4.94
C ARG B 54 19.06 -7.00 4.67
N PRO B 55 18.95 -5.85 3.95
CA PRO B 55 20.07 -4.93 3.81
C PRO B 55 20.66 -4.50 5.15
N ARG B 56 21.97 -4.27 5.17
CA ARG B 56 22.62 -3.66 6.31
C ARG B 56 22.20 -2.20 6.47
N THR B 57 22.41 -1.65 7.67
CA THR B 57 21.86 -0.34 8.03
C THR B 57 22.46 0.78 7.18
N GLN B 58 23.80 0.78 7.07
CA GLN B 58 24.51 1.80 6.29
C GLN B 58 24.14 1.78 4.80
N ALA B 59 23.92 0.57 4.28
CA ALA B 59 23.47 0.40 2.89
C ALA B 59 22.06 0.95 2.67
N LEU B 60 21.17 0.71 3.66
CA LEU B 60 19.81 1.26 3.62
C LEU B 60 19.81 2.79 3.76
N LEU B 61 20.69 3.31 4.62
CA LEU B 61 20.78 4.75 4.87
C LEU B 61 21.29 5.50 3.64
N ARG B 62 22.29 4.93 2.96
CA ARG B 62 22.88 5.55 1.77
C ARG B 62 21.94 5.44 0.56
N PHE B 63 21.21 4.34 0.48
CA PHE B 63 20.05 4.22 -0.45
C PHE B 63 19.04 5.35 -0.23
N LEU B 64 18.68 5.58 1.02
CA LEU B 64 17.65 6.56 1.36
C LEU B 64 18.13 7.99 1.08
N ALA B 65 19.43 8.24 1.35
CA ALA B 65 20.06 9.54 1.05
C ALA B 65 20.09 9.83 -0.45
N ASP B 66 20.46 8.83 -1.24
CA ASP B 66 20.55 8.98 -2.70
C ASP B 66 19.16 9.18 -3.32
N HIS B 67 18.12 8.62 -2.69
CA HIS B 67 16.75 8.76 -3.17
C HIS B 67 16.21 10.18 -2.95
N SER B 68 16.56 10.76 -1.79
CA SER B 68 16.18 12.15 -1.47
C SER B 68 16.80 13.14 -2.46
N ARG B 69 18.04 12.86 -2.88
CA ARG B 69 18.74 13.70 -3.84
C ARG B 69 18.24 13.48 -5.28
N SER B 70 17.95 12.21 -5.61
CA SER B 70 17.42 11.85 -6.94
C SER B 70 16.03 12.44 -7.18
N LYS B 71 15.22 12.48 -6.12
CA LYS B 71 13.88 13.09 -6.18
C LYS B 71 13.94 14.59 -6.50
N ASP B 72 15.00 15.24 -6.04
CA ASP B 72 15.18 16.69 -6.26
C ASP B 72 15.59 17.00 -7.71
N THR B 73 16.31 16.06 -8.34
CA THR B 73 16.77 16.25 -9.74
C THR B 73 15.62 16.17 -10.75
N VAL B 74 14.50 15.58 -10.30
CA VAL B 74 13.28 15.51 -11.11
C VAL B 74 12.67 16.91 -11.31
N LEU B 75 12.49 17.63 -10.20
CA LEU B 75 11.66 18.86 -10.19
C LEU B 75 12.40 20.02 -10.83
N LYS B 76 13.74 19.97 -10.81
CA LYS B 76 14.54 21.16 -10.98
C LYS B 76 14.73 21.51 -12.46
N GLU B 77 14.86 22.80 -12.74
CA GLU B 77 14.70 23.31 -14.09
C GLU B 77 15.92 24.14 -14.49
N VAL B 78 16.28 24.08 -15.76
CA VAL B 78 17.38 24.89 -16.27
C VAL B 78 17.01 26.39 -16.28
N PRO B 79 17.92 27.24 -15.77
CA PRO B 79 17.77 28.69 -15.87
C PRO B 79 17.51 29.11 -17.32
N GLU B 80 16.50 29.98 -17.49
CA GLU B 80 16.17 30.54 -18.81
C GLU B 80 17.32 31.38 -19.36
N GLU B 81 18.20 31.85 -18.47
CA GLU B 81 19.33 32.66 -18.85
C GLU B 81 20.58 31.83 -19.17
N TRP B 82 20.61 30.59 -18.66
CA TRP B 82 21.65 29.60 -19.07
C TRP B 82 21.51 29.21 -20.53
N VAL B 83 20.27 29.03 -20.97
CA VAL B 83 19.97 28.74 -22.37
C VAL B 83 20.29 29.94 -23.27
N LYS B 84 20.01 31.14 -22.76
CA LYS B 84 20.30 32.38 -23.48
C LYS B 84 21.82 32.63 -23.60
N ALA B 85 22.56 32.30 -22.54
CA ALA B 85 24.03 32.48 -22.52
C ALA B 85 24.74 31.34 -23.28
N GLN B 86 23.99 30.32 -23.65
CA GLN B 86 24.50 29.26 -24.51
C GLN B 86 24.31 29.58 -26.00
N GLY B 87 23.58 30.67 -26.27
CA GLY B 87 23.35 31.11 -27.65
C GLY B 87 22.24 30.33 -28.35
N LEU B 88 21.38 29.69 -27.55
CA LEU B 88 20.26 28.90 -28.09
C LEU B 88 18.96 29.71 -28.09
N LEU B 89 18.21 29.60 -29.20
CA LEU B 89 16.74 29.67 -29.16
C LEU B 89 16.19 28.78 -28.06
N GLU B 90 15.34 29.34 -27.19
CA GLU B 90 14.45 28.55 -26.37
C GLU B 90 13.03 28.54 -26.90
N VAL B 91 12.43 27.36 -26.93
CA VAL B 91 11.07 27.19 -27.39
C VAL B 91 10.32 26.20 -26.49
N ARG B 92 9.01 26.41 -26.32
CA ARG B 92 8.19 25.58 -25.41
C ARG B 92 7.48 24.46 -26.16
N SER B 93 7.09 23.41 -25.42
CA SER B 93 5.96 22.57 -25.82
C SER B 93 4.62 23.14 -25.33
N GLU B 94 3.56 22.35 -25.43
CA GLU B 94 2.22 22.78 -24.98
C GLU B 94 2.12 22.84 -23.44
N ILE B 95 3.13 22.29 -22.76
CA ILE B 95 3.14 22.21 -21.30
C ILE B 95 3.64 23.53 -20.67
N SER B 96 2.95 23.99 -19.62
CA SER B 96 3.27 25.25 -18.96
C SER B 96 4.42 25.09 -17.93
N ASP B 97 4.38 23.98 -17.19
CA ASP B 97 5.18 23.86 -15.95
C ASP B 97 5.59 22.41 -15.67
N LYS B 98 6.44 22.21 -14.66
CA LYS B 98 7.07 20.90 -14.41
C LYS B 98 6.06 19.89 -13.85
N ASN B 99 5.07 20.38 -13.10
CA ASN B 99 4.01 19.52 -12.55
C ASN B 99 3.09 18.96 -13.64
N LEU B 100 2.76 19.80 -14.63
CA LEU B 100 1.92 19.38 -15.74
C LEU B 100 2.69 18.50 -16.73
N TYR B 101 4.02 18.69 -16.79
CA TYR B 101 4.88 17.87 -17.66
C TYR B 101 4.83 16.40 -17.29
N LEU B 102 4.78 16.11 -15.99
CA LEU B 102 4.93 14.76 -15.49
C LEU B 102 3.67 13.93 -15.73
N THR B 103 2.54 14.60 -15.92
CA THR B 103 1.23 13.93 -15.99
C THR B 103 0.64 13.94 -17.39
N ARG B 104 1.18 14.81 -18.25
CA ARG B 104 0.66 14.96 -19.61
C ARG B 104 1.75 14.76 -20.68
N PRO B 105 2.07 13.49 -21.01
CA PRO B 105 3.05 13.19 -22.07
C PRO B 105 2.58 13.64 -23.46
N ASP B 106 1.27 13.63 -23.68
CA ASP B 106 0.69 14.01 -24.98
C ASP B 106 0.94 15.48 -25.32
N MET B 107 0.97 16.33 -24.30
CA MET B 107 1.20 17.76 -24.49
C MET B 107 2.68 18.07 -24.72
N GLY B 108 3.55 17.19 -24.22
CA GLY B 108 4.99 17.36 -24.38
C GLY B 108 5.50 16.88 -25.74
N ARG B 109 4.63 16.17 -26.46
CA ARG B 109 4.95 15.71 -27.81
C ARG B 109 4.47 16.71 -28.88
N ARG B 110 3.91 17.83 -28.44
CA ARG B 110 3.41 18.87 -29.36
C ARG B 110 3.99 20.23 -29.01
N LEU B 111 4.50 20.93 -30.03
CA LEU B 111 4.85 22.35 -29.89
C LEU B 111 3.62 23.21 -29.65
N CYS B 112 3.76 24.21 -28.77
CA CYS B 112 2.75 25.27 -28.64
C CYS B 112 2.70 26.16 -29.89
N ALA B 113 1.66 26.99 -29.99
CA ALA B 113 1.34 27.72 -31.23
C ALA B 113 2.40 28.78 -31.56
N GLU B 114 3.02 29.32 -30.51
CA GLU B 114 4.08 30.31 -30.67
C GLU B 114 5.42 29.66 -31.05
N ALA B 115 5.58 28.39 -30.66
CA ALA B 115 6.82 27.66 -30.92
C ALA B 115 6.97 27.30 -32.39
N VAL B 116 5.86 26.91 -33.01
CA VAL B 116 5.80 26.66 -34.46
C VAL B 116 6.22 27.92 -35.25
N GLU B 117 5.65 29.07 -34.86
CA GLU B 117 5.89 30.33 -35.57
C GLU B 117 7.33 30.83 -35.38
N ALA B 118 7.89 30.58 -34.19
CA ALA B 118 9.29 30.95 -33.90
C ALA B 118 10.27 30.11 -34.71
N LEU B 119 9.94 28.83 -34.88
CA LEU B 119 10.79 27.89 -35.64
C LEU B 119 10.81 28.26 -37.13
N LYS B 120 9.67 28.69 -37.66
CA LYS B 120 9.57 29.16 -39.05
C LYS B 120 10.26 30.51 -39.24
N ALA B 121 10.25 31.32 -38.17
CA ALA B 121 10.81 32.68 -38.23
C ALA B 121 12.34 32.66 -38.25
N GLN B 122 12.93 31.78 -37.44
CA GLN B 122 14.25 32.05 -36.87
C GLN B 122 15.24 30.91 -37.17
N CYS B 123 14.72 29.77 -37.61
CA CYS B 123 15.56 28.62 -37.96
C CYS B 123 15.68 28.45 -39.48
N VAL B 124 16.77 27.81 -39.91
CA VAL B 124 17.04 27.63 -41.35
C VAL B 124 16.21 26.49 -41.94
N ALA B 125 15.75 26.69 -43.16
CA ALA B 125 14.74 25.82 -43.76
C ALA B 125 15.38 24.64 -44.49
N ASN B 126 14.71 23.48 -44.43
CA ASN B 126 15.17 22.25 -45.13
C ASN B 126 16.67 21.90 -44.89
N PRO B 127 17.07 21.69 -43.61
CA PRO B 127 18.41 21.21 -43.33
C PRO B 127 18.55 19.72 -43.61
N ASP B 128 19.77 19.26 -43.85
CA ASP B 128 20.07 17.83 -43.88
C ASP B 128 20.02 17.22 -42.48
N VAL B 129 20.65 17.89 -41.53
CA VAL B 129 20.69 17.42 -40.15
C VAL B 129 20.24 18.50 -39.16
N GLN B 130 19.25 18.17 -38.34
CA GLN B 130 18.74 19.11 -37.34
C GLN B 130 19.02 18.61 -35.93
N VAL B 131 19.75 19.42 -35.16
CA VAL B 131 20.03 19.09 -33.77
C VAL B 131 19.09 19.83 -32.81
N VAL B 132 18.37 19.06 -32.00
CA VAL B 132 17.47 19.61 -30.99
C VAL B 132 17.90 19.16 -29.58
N ILE B 133 17.92 20.10 -28.64
CA ILE B 133 18.24 19.79 -27.24
C ILE B 133 17.00 20.01 -26.35
N SER B 134 16.67 19.02 -25.54
CA SER B 134 15.57 19.15 -24.59
C SER B 134 15.96 18.68 -23.19
N ASP B 135 15.39 19.33 -22.18
CA ASP B 135 15.62 18.93 -20.78
C ASP B 135 15.03 17.55 -20.48
N GLY B 136 13.86 17.26 -21.05
CA GLY B 136 13.17 15.99 -20.82
C GLY B 136 12.87 15.76 -19.36
N LEU B 137 13.42 14.68 -18.81
CA LEU B 137 13.16 14.30 -17.42
C LEU B 137 14.40 14.50 -16.53
N SER B 138 15.50 14.99 -17.12
CA SER B 138 16.70 15.32 -16.34
C SER B 138 17.41 16.58 -16.86
N THR B 139 17.37 17.63 -16.05
CA THR B 139 18.07 18.87 -16.36
C THR B 139 19.61 18.71 -16.27
N ASP B 140 20.06 17.94 -15.27
CA ASP B 140 21.50 17.64 -15.11
C ASP B 140 22.10 16.96 -16.36
N ALA B 141 21.29 16.17 -17.05
CA ALA B 141 21.75 15.42 -18.22
C ALA B 141 22.20 16.34 -19.37
N ILE B 142 21.54 17.49 -19.50
CA ILE B 142 21.86 18.44 -20.56
C ILE B 142 22.76 19.59 -20.08
N THR B 143 22.74 19.84 -18.78
CA THR B 143 23.54 20.92 -18.17
C THR B 143 25.02 20.52 -18.03
N VAL B 144 25.26 19.33 -17.49
CA VAL B 144 26.62 18.80 -17.28
C VAL B 144 27.31 18.50 -18.63
N ASN B 145 26.57 17.91 -19.56
CA ASN B 145 27.16 17.22 -20.72
C ASN B 145 27.41 18.15 -21.91
N TYR B 146 26.81 19.34 -21.88
CA TYR B 146 26.55 20.14 -23.11
C TYR B 146 27.84 20.52 -23.84
N GLU B 147 28.81 21.04 -23.08
CA GLU B 147 30.01 21.63 -23.67
C GLU B 147 30.97 20.55 -24.20
N GLU B 148 30.72 19.31 -23.83
CA GLU B 148 31.52 18.19 -24.28
C GLU B 148 30.91 17.47 -25.49
N ILE B 149 29.58 17.56 -25.62
CA ILE B 149 28.87 16.86 -26.70
C ILE B 149 28.63 17.76 -27.94
N LEU B 150 28.23 19.01 -27.70
CA LEU B 150 27.51 19.78 -28.72
C LEU B 150 28.45 20.50 -29.74
N PRO B 151 29.54 21.19 -29.24
CA PRO B 151 30.50 21.79 -30.19
C PRO B 151 31.26 20.78 -31.15
N PRO B 152 31.57 19.53 -30.67
CA PRO B 152 32.13 18.57 -31.64
C PRO B 152 31.05 17.90 -32.51
N LEU B 153 29.80 17.98 -32.08
CA LEU B 153 28.67 17.54 -32.91
C LEU B 153 28.42 18.51 -34.06
N MET B 154 28.46 19.81 -33.78
CA MET B 154 28.19 20.85 -34.79
C MET B 154 29.37 21.01 -35.75
N ALA B 155 30.59 20.81 -35.24
CA ALA B 155 31.79 20.79 -36.08
C ALA B 155 31.81 19.57 -37.01
N GLY B 156 31.52 18.40 -36.45
CA GLY B 156 31.68 17.14 -37.18
C GLY B 156 30.68 16.96 -38.32
N LEU B 157 29.46 17.49 -38.12
CA LEU B 157 28.45 17.51 -39.19
C LEU B 157 28.80 18.50 -40.29
N LYS B 158 29.52 19.56 -39.92
CA LYS B 158 30.00 20.55 -40.90
C LYS B 158 31.28 20.10 -41.59
N GLN B 159 32.26 19.65 -40.79
CA GLN B 159 33.64 19.49 -41.26
C GLN B 159 33.82 18.18 -42.01
N ALA B 160 34.18 18.28 -43.30
CA ALA B 160 33.81 17.27 -44.33
C ALA B 160 32.38 16.74 -44.12
N GLY B 161 31.40 17.64 -44.18
CA GLY B 161 29.99 17.25 -44.27
C GLY B 161 29.15 18.29 -45.00
N LEU B 162 27.97 18.55 -44.47
CA LEU B 162 26.84 19.00 -45.28
C LEU B 162 26.04 20.12 -44.58
N LYS B 163 24.79 20.28 -44.99
CA LYS B 163 23.97 21.42 -44.55
C LYS B 163 23.43 21.19 -43.15
N VAL B 164 24.04 21.84 -42.17
CA VAL B 164 23.62 21.69 -40.79
C VAL B 164 22.54 22.72 -40.41
N GLY B 165 21.58 22.28 -39.60
CA GLY B 165 20.58 23.18 -39.03
C GLY B 165 21.14 24.04 -37.93
N THR B 166 20.40 25.08 -37.55
CA THR B 166 20.69 25.81 -36.32
C THR B 166 20.07 25.12 -35.10
N PRO B 167 20.89 24.87 -34.06
CA PRO B 167 20.46 24.12 -32.88
C PRO B 167 19.58 24.97 -31.97
N PHE B 168 18.57 24.34 -31.36
CA PHE B 168 17.65 25.06 -30.47
C PHE B 168 17.18 24.20 -29.30
N PHE B 169 16.71 24.87 -28.25
CA PHE B 169 16.27 24.22 -27.03
C PHE B 169 14.75 24.15 -27.00
N VAL B 170 14.23 22.94 -26.75
CA VAL B 170 12.82 22.78 -26.38
C VAL B 170 12.66 22.50 -24.89
N ARG B 171 12.02 23.41 -24.18
CA ARG B 171 11.56 23.16 -22.82
C ARG B 171 10.39 22.19 -22.81
N TYR B 172 10.40 21.27 -21.83
CA TYR B 172 9.28 20.32 -21.61
C TYR B 172 9.04 19.41 -22.83
N GLY B 173 10.12 18.87 -23.40
CA GLY B 173 10.05 18.04 -24.60
C GLY B 173 10.00 16.55 -24.29
N ARG B 174 9.09 15.84 -24.95
CA ARG B 174 9.16 14.37 -25.06
C ARG B 174 9.29 13.95 -26.51
N VAL B 175 9.86 12.76 -26.75
CA VAL B 175 10.71 12.53 -27.94
C VAL B 175 9.92 12.56 -29.27
N LYS B 176 8.59 12.39 -29.17
CA LYS B 176 7.72 12.40 -30.36
C LYS B 176 7.51 13.82 -30.91
N ILE B 177 7.99 14.83 -30.17
CA ILE B 177 7.95 16.23 -30.63
C ILE B 177 8.90 16.48 -31.83
N GLU B 178 9.87 15.58 -32.03
CA GLU B 178 10.85 15.72 -33.11
C GLU B 178 10.24 15.34 -34.47
N ASP B 179 9.08 14.68 -34.45
CA ASP B 179 8.31 14.42 -35.68
C ASP B 179 7.66 15.70 -36.21
N GLN B 180 7.17 16.54 -35.29
CA GLN B 180 6.61 17.83 -35.65
C GLN B 180 7.71 18.81 -36.08
N ILE B 181 8.85 18.75 -35.38
CA ILE B 181 10.01 19.61 -35.70
C ILE B 181 10.56 19.30 -37.12
N GLY B 182 10.62 18.01 -37.47
CA GLY B 182 11.07 17.60 -38.80
C GLY B 182 10.12 18.01 -39.92
N GLU B 183 8.82 18.07 -39.59
CA GLU B 183 7.79 18.45 -40.56
C GLU B 183 7.84 19.95 -40.86
N ILE B 184 7.94 20.75 -39.81
CA ILE B 184 7.92 22.21 -39.93
C ILE B 184 9.20 22.73 -40.60
N LEU B 185 10.35 22.18 -40.19
CA LEU B 185 11.64 22.67 -40.66
C LEU B 185 12.06 22.00 -41.98
N GLY B 186 11.38 20.91 -42.34
CA GLY B 186 11.70 20.18 -43.57
C GLY B 186 12.98 19.39 -43.47
N ALA B 187 13.27 18.88 -42.26
CA ALA B 187 14.58 18.32 -41.96
C ALA B 187 14.67 16.87 -42.40
N LYS B 188 15.80 16.52 -43.02
CA LYS B 188 16.01 15.17 -43.52
C LYS B 188 16.42 14.22 -42.39
N VAL B 189 17.22 14.73 -41.44
CA VAL B 189 17.53 14.02 -40.21
C VAL B 189 17.30 14.93 -38.99
N VAL B 190 16.53 14.44 -38.02
CA VAL B 190 16.34 15.16 -36.75
C VAL B 190 17.02 14.43 -35.59
N ILE B 191 18.05 15.06 -35.02
CA ILE B 191 18.71 14.56 -33.82
C ILE B 191 18.16 15.25 -32.57
N LEU B 192 17.60 14.47 -31.65
CA LEU B 192 17.24 14.98 -30.33
C LEU B 192 18.17 14.43 -29.25
N LEU B 193 18.85 15.34 -28.56
CA LEU B 193 19.50 15.01 -27.29
C LEU B 193 18.64 15.42 -26.12
N VAL B 194 18.29 14.44 -25.27
CA VAL B 194 17.23 14.61 -24.30
C VAL B 194 17.58 13.92 -22.96
N GLY B 195 17.17 14.54 -21.84
CA GLY B 195 17.36 13.96 -20.53
C GLY B 195 16.45 12.78 -20.28
N GLU B 196 17.03 11.59 -20.21
CA GLU B 196 16.31 10.41 -19.75
C GLU B 196 16.06 10.47 -18.25
N ARG B 197 15.07 9.71 -17.79
CA ARG B 197 14.59 9.80 -16.41
C ARG B 197 15.70 9.45 -15.40
N PRO B 198 15.75 10.18 -14.25
CA PRO B 198 16.91 10.13 -13.36
C PRO B 198 16.98 8.80 -12.59
N GLY B 199 18.18 8.23 -12.52
CA GLY B 199 18.43 7.08 -11.66
C GLY B 199 18.68 7.48 -10.23
N LEU B 200 18.94 6.49 -9.39
CA LEU B 200 18.97 6.69 -7.94
C LEU B 200 20.22 7.46 -7.51
N GLY B 201 21.37 7.08 -8.06
CA GLY B 201 22.66 7.68 -7.68
C GLY B 201 23.24 8.55 -8.79
N GLN B 202 22.48 8.74 -9.86
CA GLN B 202 23.01 9.31 -11.09
C GLN B 202 21.91 9.97 -11.90
N SER B 203 22.15 11.21 -12.35
CA SER B 203 21.11 12.03 -12.96
C SER B 203 21.61 12.76 -14.21
N GLU B 204 22.84 12.45 -14.64
CA GLU B 204 23.43 13.12 -15.81
C GLU B 204 23.49 12.20 -17.05
N SER B 205 22.62 11.19 -17.08
CA SER B 205 22.52 10.29 -18.22
C SER B 205 21.76 10.92 -19.39
N LEU B 206 22.44 11.08 -20.52
CA LEU B 206 21.84 11.66 -21.74
C LEU B 206 21.49 10.55 -22.74
N SER B 207 20.38 10.73 -23.47
CA SER B 207 20.08 9.88 -24.63
C SER B 207 19.95 10.68 -25.92
N CYS B 208 20.37 10.06 -27.03
CA CYS B 208 20.08 10.58 -28.35
C CYS B 208 18.95 9.78 -29.01
N TYR B 209 17.95 10.50 -29.53
CA TYR B 209 16.95 9.91 -30.42
C TYR B 209 16.98 10.56 -31.80
N ALA B 210 17.19 9.76 -32.84
CA ALA B 210 17.37 10.28 -34.19
C ALA B 210 16.41 9.59 -35.17
N VAL B 211 15.86 10.37 -36.09
CA VAL B 211 14.88 9.84 -37.05
C VAL B 211 15.04 10.48 -38.46
N TYR B 212 15.04 9.63 -39.49
CA TYR B 212 15.11 10.10 -40.87
C TYR B 212 13.74 10.54 -41.36
N SER B 213 13.64 11.83 -41.73
CA SER B 213 12.49 12.35 -42.53
C SER B 213 11.12 12.02 -41.89
N PRO B 214 10.86 12.58 -40.68
CA PRO B 214 9.76 12.10 -39.85
C PRO B 214 8.41 12.69 -40.27
N ARG B 215 7.34 11.97 -39.95
CA ARG B 215 5.99 12.44 -40.23
C ARG B 215 5.03 12.04 -39.11
N MET B 216 4.19 12.98 -38.68
CA MET B 216 3.39 12.82 -37.45
C MET B 216 2.36 11.71 -37.60
N ALA B 217 1.90 11.49 -38.83
CA ALA B 217 0.83 10.53 -39.10
C ALA B 217 1.34 9.09 -39.08
N THR B 218 2.61 8.90 -39.49
CA THR B 218 3.09 7.59 -39.99
C THR B 218 4.29 7.05 -39.19
N THR B 219 5.15 7.96 -38.71
CA THR B 219 6.38 7.55 -37.98
C THR B 219 6.05 6.82 -36.68
N VAL B 220 6.58 5.61 -36.55
CA VAL B 220 6.51 4.88 -35.29
C VAL B 220 7.85 4.93 -34.55
N GLU B 221 7.85 4.44 -33.31
CA GLU B 221 9.02 4.55 -32.44
C GLU B 221 10.20 3.73 -32.95
N ALA B 222 9.89 2.58 -33.57
CA ALA B 222 10.92 1.68 -34.11
C ALA B 222 11.70 2.31 -35.28
N ASP B 223 11.13 3.37 -35.88
CA ASP B 223 11.82 4.12 -36.95
C ASP B 223 12.95 5.01 -36.41
N ARG B 224 13.02 5.15 -35.09
CA ARG B 224 14.07 5.95 -34.46
C ARG B 224 15.26 5.09 -34.07
N THR B 225 16.46 5.67 -34.21
CA THR B 225 17.66 5.12 -33.58
C THR B 225 17.89 5.75 -32.20
N CYS B 226 18.15 4.91 -31.20
CA CYS B 226 18.52 5.38 -29.87
C CYS B 226 20.02 5.19 -29.62
N ILE B 227 20.68 6.24 -29.12
CA ILE B 227 21.95 6.09 -28.39
C ILE B 227 21.82 6.64 -26.97
N SER B 228 21.92 5.74 -26.00
CA SER B 228 21.56 6.06 -24.62
C SER B 228 22.78 6.07 -23.71
N ASN B 229 22.56 6.43 -22.43
CA ASN B 229 23.62 6.38 -21.39
C ASN B 229 24.88 7.18 -21.77
N ILE B 230 24.67 8.39 -22.29
CA ILE B 230 25.76 9.31 -22.57
C ILE B 230 26.13 10.13 -21.34
N HIS B 231 27.27 9.77 -20.73
CA HIS B 231 27.86 10.55 -19.63
C HIS B 231 29.24 10.00 -19.28
N GLN B 232 29.87 10.57 -18.25
CA GLN B 232 31.26 10.22 -17.91
C GLN B 232 31.37 8.81 -17.32
N GLY B 233 30.29 8.34 -16.69
CA GLY B 233 30.19 6.94 -16.26
C GLY B 233 29.68 6.00 -17.35
N GLY B 234 29.25 6.58 -18.46
CA GLY B 234 28.78 5.79 -19.61
C GLY B 234 29.68 5.94 -20.82
N THR B 235 29.07 6.16 -21.99
CA THR B 235 29.79 6.69 -23.14
C THR B 235 30.07 8.19 -22.97
N PRO B 236 31.38 8.57 -22.96
CA PRO B 236 31.79 9.98 -22.83
C PRO B 236 31.20 10.86 -23.93
N PRO B 237 30.66 12.04 -23.55
CA PRO B 237 29.91 12.93 -24.47
C PRO B 237 30.76 13.42 -25.65
N VAL B 238 32.09 13.52 -25.45
CA VAL B 238 33.03 13.80 -26.54
C VAL B 238 32.97 12.73 -27.64
N GLU B 239 33.18 11.47 -27.24
CA GLU B 239 33.27 10.37 -28.20
C GLU B 239 31.89 9.90 -28.68
N ALA B 240 30.84 10.29 -27.93
CA ALA B 240 29.45 10.06 -28.35
C ALA B 240 29.06 10.96 -29.53
N ALA B 241 29.63 12.16 -29.56
CA ALA B 241 29.36 13.12 -30.65
C ALA B 241 29.85 12.59 -32.00
N ALA B 242 30.96 11.86 -31.98
CA ALA B 242 31.48 11.21 -33.19
C ALA B 242 30.61 10.02 -33.64
N VAL B 243 29.98 9.34 -32.67
CA VAL B 243 29.01 8.26 -32.96
C VAL B 243 27.73 8.81 -33.61
N ILE B 244 27.24 9.95 -33.09
CA ILE B 244 26.00 10.56 -33.60
C ILE B 244 26.19 11.18 -35.00
N VAL B 245 27.36 11.80 -35.23
CA VAL B 245 27.76 12.28 -36.58
C VAL B 245 27.84 11.12 -37.59
N ASP B 246 28.48 10.02 -37.19
CA ASP B 246 28.57 8.80 -38.02
C ASP B 246 27.18 8.22 -38.33
N LEU B 247 26.30 8.22 -37.33
CA LEU B 247 24.92 7.74 -37.50
C LEU B 247 24.13 8.64 -38.45
N ALA B 248 24.30 9.95 -38.32
CA ALA B 248 23.63 10.93 -39.20
C ALA B 248 24.09 10.78 -40.65
N LYS B 249 25.40 10.54 -40.83
CA LYS B 249 25.96 10.29 -42.18
C LYS B 249 25.38 9.04 -42.82
N ARG B 250 25.25 7.97 -42.03
CA ARG B 250 24.69 6.71 -42.51
C ARG B 250 23.20 6.82 -42.81
N MET B 251 22.49 7.60 -41.98
CA MET B 251 21.04 7.79 -42.13
C MET B 251 20.68 8.51 -43.43
N LEU B 252 21.50 9.49 -43.81
CA LEU B 252 21.32 10.20 -45.07
C LEU B 252 21.73 9.34 -46.26
N GLU B 253 22.69 8.43 -46.03
CA GLU B 253 23.24 7.58 -47.09
C GLU B 253 22.24 6.52 -47.54
N GLN B 254 21.74 5.74 -46.58
CA GLN B 254 20.79 4.65 -46.88
C GLN B 254 19.33 5.11 -46.76
N LYS B 255 19.13 6.39 -46.43
CA LYS B 255 17.78 7.03 -46.40
C LYS B 255 16.81 6.28 -45.47
N ALA B 256 17.30 5.92 -44.28
CA ALA B 256 16.54 5.13 -43.32
C ALA B 256 17.06 5.35 -41.91
N SER B 257 16.20 5.14 -40.91
CA SER B 257 16.62 5.15 -39.52
C SER B 257 15.98 4.03 -38.72
N GLY B 258 16.58 3.70 -37.58
CA GLY B 258 16.00 2.73 -36.65
C GLY B 258 16.11 1.32 -37.17
N ILE B 259 14.97 0.61 -37.14
CA ILE B 259 14.93 -0.81 -37.56
C ILE B 259 15.04 -0.94 -39.08
N ASN B 260 14.91 0.17 -39.79
CA ASN B 260 15.02 0.19 -41.24
C ASN B 260 16.48 0.32 -41.73
N MET B 261 17.40 0.46 -40.79
CA MET B 261 18.84 0.55 -41.11
C MET B 261 19.48 -0.82 -41.25
N THR B 262 20.55 -0.90 -42.03
CA THR B 262 21.25 -2.17 -42.29
C THR B 262 22.27 -2.48 -41.20
N ARG B 263 22.70 -3.76 -41.13
CA ARG B 263 23.92 -4.17 -40.37
C ARG B 263 23.77 -3.95 -38.87
N MET C 1 27.23 11.74 23.12
CA MET C 1 26.65 11.36 21.79
C MET C 1 26.83 12.48 20.77
N LYS C 2 26.75 12.11 19.48
CA LYS C 2 26.56 13.09 18.42
C LYS C 2 25.08 13.40 18.20
N LEU C 3 24.76 14.69 18.14
CA LEU C 3 23.43 15.13 17.73
C LEU C 3 23.46 15.82 16.36
N LYS C 4 24.53 15.56 15.59
CA LYS C 4 24.68 16.16 14.28
C LYS C 4 25.33 15.20 13.27
N THR C 5 25.07 15.44 11.98
CA THR C 5 25.78 14.74 10.91
C THR C 5 25.90 15.63 9.66
N THR C 6 26.76 15.24 8.73
CA THR C 6 26.87 15.90 7.43
C THR C 6 26.29 15.04 6.31
N LEU C 7 25.29 15.58 5.59
CA LEU C 7 24.71 14.90 4.43
C LEU C 7 24.84 15.77 3.18
N PHE C 8 25.58 15.26 2.17
CA PHE C 8 25.84 16.00 0.90
C PHE C 8 26.47 17.39 1.11
N GLY C 9 27.30 17.50 2.14
CA GLY C 9 28.01 18.75 2.43
C GLY C 9 27.27 19.65 3.41
N ASN C 10 26.03 19.30 3.70
CA ASN C 10 25.18 20.09 4.60
C ASN C 10 25.16 19.53 6.02
N VAL C 11 25.47 20.39 6.99
CA VAL C 11 25.40 20.01 8.41
C VAL C 11 23.94 19.98 8.90
N TYR C 12 23.54 18.85 9.48
CA TYR C 12 22.21 18.71 10.06
C TYR C 12 22.27 18.56 11.58
N GLN C 13 21.86 19.62 12.28
CA GLN C 13 21.95 19.66 13.74
C GLN C 13 20.56 19.52 14.36
N PHE C 14 20.46 18.67 15.38
CA PHE C 14 19.20 18.46 16.10
C PHE C 14 19.34 18.81 17.58
N LYS C 15 18.25 19.29 18.18
CA LYS C 15 18.28 19.85 19.54
C LYS C 15 18.50 18.78 20.60
N ASP C 16 17.71 17.70 20.51
CA ASP C 16 17.76 16.63 21.51
C ASP C 16 17.44 15.27 20.90
N VAL C 17 17.49 14.22 21.73
CA VAL C 17 17.06 12.86 21.33
C VAL C 17 15.60 12.85 20.83
N LYS C 18 14.73 13.59 21.51
CA LYS C 18 13.29 13.65 21.17
C LYS C 18 13.06 14.13 19.72
N GLU C 19 13.83 15.15 19.30
CA GLU C 19 13.72 15.67 17.93
C GLU C 19 14.26 14.68 16.90
N VAL C 20 15.36 13.99 17.24
CA VAL C 20 15.92 12.95 16.37
C VAL C 20 14.95 11.77 16.21
N LEU C 21 14.30 11.38 17.31
CA LEU C 21 13.24 10.35 17.27
C LEU C 21 12.05 10.79 16.41
N ALA C 22 11.66 12.06 16.55
CA ALA C 22 10.52 12.61 15.80
C ALA C 22 10.76 12.63 14.29
N LYS C 23 11.92 13.16 13.89
CA LYS C 23 12.14 13.54 12.49
C LYS C 23 12.61 12.34 11.65
N ALA C 24 13.05 11.28 12.31
CA ALA C 24 13.49 10.05 11.62
C ALA C 24 12.30 9.19 11.16
N ASN C 25 11.11 9.48 11.68
CA ASN C 25 9.85 8.89 11.18
C ASN C 25 9.69 9.08 9.69
N GLU C 26 9.22 8.02 9.02
CA GLU C 26 8.51 8.18 7.73
C GLU C 26 7.38 9.19 7.84
N LEU C 27 7.18 9.97 6.76
CA LEU C 27 6.19 11.06 6.73
C LEU C 27 4.80 10.55 7.08
N ARG C 28 4.17 11.19 8.07
CA ARG C 28 2.77 10.98 8.35
C ARG C 28 2.09 12.25 8.78
N SER C 29 0.75 12.23 8.77
CA SER C 29 -0.04 13.45 8.88
C SER C 29 0.02 14.03 10.31
N GLY C 30 0.16 13.14 11.29
CA GLY C 30 0.13 13.55 12.69
C GLY C 30 1.42 14.17 13.17
N ASP C 31 2.54 13.76 12.58
CA ASP C 31 3.86 14.35 12.89
C ASP C 31 3.94 15.80 12.41
N VAL C 32 3.40 16.07 11.21
CA VAL C 32 3.28 17.45 10.71
C VAL C 32 2.35 18.28 11.61
N LEU C 33 1.24 17.68 12.02
CA LEU C 33 0.27 18.33 12.89
C LEU C 33 0.86 18.66 14.28
N ALA C 34 1.69 17.73 14.80
CA ALA C 34 2.40 17.96 16.08
C ALA C 34 3.54 18.98 15.94
N GLY C 35 3.91 19.28 14.69
CA GLY C 35 4.98 20.24 14.43
C GLY C 35 6.36 19.63 14.60
N VAL C 36 6.43 18.31 14.56
CA VAL C 36 7.64 17.59 14.96
C VAL C 36 8.31 16.89 13.77
N ALA C 37 7.64 16.94 12.61
CA ALA C 37 8.09 16.19 11.42
C ALA C 37 9.35 16.82 10.82
N ALA C 38 10.08 16.03 10.02
CA ALA C 38 11.21 16.53 9.26
C ALA C 38 10.76 17.55 8.20
N ALA C 39 11.60 18.57 7.97
CA ALA C 39 11.28 19.63 7.02
C ALA C 39 11.48 19.17 5.56
N SER C 40 12.40 18.22 5.38
CA SER C 40 12.65 17.65 4.06
C SER C 40 13.05 16.19 4.15
N SER C 41 13.16 15.53 2.99
CA SER C 41 13.55 14.13 2.91
C SER C 41 15.01 13.92 3.33
N GLN C 42 15.85 14.93 3.04
CA GLN C 42 17.27 14.87 3.39
C GLN C 42 17.49 14.94 4.90
N GLU C 43 16.68 15.76 5.57
CA GLU C 43 16.75 15.90 7.03
C GLU C 43 16.19 14.66 7.73
N ARG C 44 15.18 14.05 7.12
CA ARG C 44 14.66 12.75 7.58
C ARG C 44 15.77 11.67 7.59
N VAL C 45 16.51 11.57 6.49
CA VAL C 45 17.61 10.59 6.38
C VAL C 45 18.77 10.94 7.32
N ALA C 46 19.02 12.24 7.50
CA ALA C 46 20.03 12.72 8.45
C ALA C 46 19.66 12.38 9.90
N ALA C 47 18.37 12.57 10.24
CA ALA C 47 17.85 12.15 11.56
C ALA C 47 17.96 10.65 11.75
N LYS C 48 17.70 9.89 10.68
CA LYS C 48 17.82 8.42 10.71
C LYS C 48 19.25 7.97 11.01
N GLN C 49 20.23 8.64 10.38
CA GLN C 49 21.64 8.29 10.56
C GLN C 49 22.16 8.67 11.95
N VAL C 50 21.79 9.87 12.41
CA VAL C 50 22.09 10.31 13.80
C VAL C 50 21.49 9.33 14.83
N LEU C 51 20.22 8.93 14.60
CA LEU C 51 19.55 7.93 15.47
C LEU C 51 20.27 6.59 15.47
N SER C 52 20.68 6.13 14.28
CA SER C 52 21.34 4.83 14.12
C SER C 52 22.72 4.80 14.79
N GLU C 53 23.34 5.98 14.89
CA GLU C 53 24.68 6.10 15.48
C GLU C 53 24.60 6.33 16.98
N MET C 54 23.46 6.86 17.43
CA MET C 54 23.14 6.92 18.87
C MET C 54 23.08 5.53 19.48
N THR C 55 23.49 5.44 20.74
CA THR C 55 23.62 4.18 21.39
C THR C 55 22.36 3.86 22.23
N VAL C 56 22.21 2.59 22.64
CA VAL C 56 21.06 2.17 23.48
C VAL C 56 20.98 2.99 24.79
N ALA C 57 22.14 3.19 25.43
CA ALA C 57 22.25 4.04 26.64
C ALA C 57 21.79 5.49 26.40
N ASP C 58 22.07 6.02 25.20
CA ASP C 58 21.66 7.40 24.84
C ASP C 58 20.15 7.58 24.91
N ILE C 59 19.42 6.63 24.34
CA ILE C 59 17.99 6.76 24.18
C ILE C 59 17.23 6.30 25.45
N ARG C 60 17.74 5.26 26.11
CA ARG C 60 17.24 4.83 27.42
C ARG C 60 17.29 5.97 28.46
N ASN C 61 18.42 6.68 28.51
CA ASN C 61 18.63 7.74 29.50
C ASN C 61 17.97 9.06 29.12
N ASN C 62 17.40 9.11 27.92
CA ASN C 62 16.52 10.21 27.52
C ASN C 62 15.12 9.72 27.09
N PRO C 63 14.24 9.42 28.08
CA PRO C 63 12.82 9.22 27.79
C PRO C 63 12.11 10.54 27.52
N VAL C 64 10.98 10.48 26.81
CA VAL C 64 10.38 11.67 26.24
C VAL C 64 9.53 12.44 27.27
N ILE C 65 9.07 11.73 28.30
CA ILE C 65 8.61 12.36 29.54
C ILE C 65 9.39 11.84 30.75
N ALA C 66 9.75 12.75 31.65
CA ALA C 66 10.80 12.48 32.65
C ALA C 66 10.34 11.46 33.69
N TYR C 67 11.31 10.84 34.38
CA TYR C 67 11.03 9.80 35.37
C TYR C 67 10.16 10.32 36.52
N GLU C 68 10.48 11.53 37.01
CA GLU C 68 9.82 12.08 38.21
C GLU C 68 8.36 12.48 37.93
N ASP C 69 8.04 12.71 36.66
CA ASP C 69 6.85 13.46 36.29
C ASP C 69 5.80 12.54 35.64
N ASP C 70 6.11 11.26 35.56
CA ASP C 70 5.33 10.33 34.72
C ASP C 70 5.39 8.90 35.24
N CYS C 71 4.24 8.35 35.62
CA CYS C 71 4.16 7.01 36.21
C CYS C 71 4.37 5.91 35.16
N VAL C 72 4.09 6.23 33.90
CA VAL C 72 4.31 5.28 32.79
C VAL C 72 5.81 5.13 32.48
N THR C 73 6.52 6.26 32.44
CA THR C 73 8.00 6.24 32.38
C THR C 73 8.61 5.42 33.53
N ARG C 74 8.12 5.66 34.76
CA ARG C 74 8.60 4.93 35.94
C ARG C 74 8.38 3.44 35.81
N LEU C 75 7.18 3.07 35.37
CA LEU C 75 6.82 1.66 35.18
C LEU C 75 7.72 0.98 34.13
N ILE C 76 7.98 1.70 33.02
CA ILE C 76 8.84 1.18 31.95
C ILE C 76 10.31 1.02 32.43
N GLN C 77 10.83 2.06 33.11
CA GLN C 77 12.21 2.05 33.62
C GLN C 77 12.42 0.96 34.68
N ASP C 78 11.44 0.80 35.57
CA ASP C 78 11.57 -0.12 36.72
C ASP C 78 11.46 -1.61 36.29
N ASP C 79 10.92 -1.83 35.08
CA ASP C 79 10.70 -3.20 34.57
C ASP C 79 11.94 -3.74 33.82
N VAL C 80 12.89 -2.85 33.51
CA VAL C 80 14.15 -3.21 32.84
C VAL C 80 14.95 -4.24 33.67
N ASN C 81 15.24 -5.40 33.06
CA ASN C 81 16.39 -6.20 33.44
C ASN C 81 17.72 -5.47 33.20
N GLU C 82 18.39 -5.08 34.28
CA GLU C 82 19.59 -4.25 34.20
C GLU C 82 20.79 -5.04 33.68
N THR C 83 20.78 -6.35 33.86
CA THR C 83 21.85 -7.22 33.35
C THR C 83 21.75 -7.38 31.83
N ALA C 84 20.53 -7.56 31.34
CA ALA C 84 20.27 -7.52 29.90
C ALA C 84 20.64 -6.16 29.30
N TYR C 85 20.29 -5.08 30.01
CA TYR C 85 20.59 -3.72 29.55
C TYR C 85 22.09 -3.44 29.48
N ASN C 86 22.83 -3.91 30.50
CA ASN C 86 24.28 -3.66 30.59
C ASN C 86 25.08 -4.38 29.51
N GLN C 87 24.51 -5.47 28.99
CA GLN C 87 25.09 -6.19 27.84
C GLN C 87 25.02 -5.36 26.55
N ILE C 88 23.97 -4.54 26.42
CA ILE C 88 23.61 -3.96 25.12
C ILE C 88 23.68 -2.43 25.13
N LYS C 89 24.06 -1.85 26.27
CA LYS C 89 23.98 -0.38 26.47
C LYS C 89 24.91 0.40 25.52
N ASN C 90 25.99 -0.25 25.09
CA ASN C 90 26.99 0.40 24.24
C ASN C 90 26.83 0.00 22.76
N TRP C 91 25.82 -0.82 22.46
CA TRP C 91 25.37 -1.02 21.07
C TRP C 91 24.78 0.25 20.50
N SER C 92 25.10 0.55 19.25
CA SER C 92 24.32 1.49 18.46
C SER C 92 22.95 0.90 18.06
N ILE C 93 22.00 1.79 17.75
CA ILE C 93 20.68 1.36 17.25
C ILE C 93 20.78 0.66 15.88
N SER C 94 21.75 1.10 15.05
CA SER C 94 22.14 0.36 13.84
C SER C 94 22.46 -1.12 14.13
N GLU C 95 23.32 -1.35 15.14
CA GLU C 95 23.73 -2.71 15.51
C GLU C 95 22.57 -3.51 16.10
N LEU C 96 21.67 -2.82 16.81
CA LEU C 96 20.51 -3.46 17.42
C LEU C 96 19.46 -3.86 16.37
N ARG C 97 19.29 -3.00 15.36
CA ARG C 97 18.51 -3.34 14.17
C ARG C 97 19.05 -4.60 13.48
N GLU C 98 20.37 -4.62 13.26
CA GLU C 98 21.01 -5.74 12.56
C GLU C 98 21.03 -7.01 13.41
N TYR C 99 21.05 -6.85 14.73
CA TYR C 99 20.92 -7.96 15.67
C TYR C 99 19.52 -8.60 15.59
N VAL C 100 18.47 -7.76 15.65
CA VAL C 100 17.08 -8.24 15.58
C VAL C 100 16.80 -9.00 14.25
N LEU C 101 17.33 -8.46 13.15
CA LEU C 101 17.02 -8.98 11.82
C LEU C 101 17.82 -10.25 11.48
N SER C 102 18.88 -10.50 12.26
CA SER C 102 19.84 -11.58 11.95
C SER C 102 19.21 -12.96 12.12
N ASP C 103 19.48 -13.85 11.17
CA ASP C 103 19.05 -15.25 11.27
C ASP C 103 19.84 -16.04 12.34
N GLU C 104 20.98 -15.48 12.77
CA GLU C 104 21.77 -16.08 13.84
C GLU C 104 21.28 -15.66 15.23
N THR C 105 20.34 -14.71 15.26
CA THR C 105 19.64 -14.36 16.48
C THR C 105 18.35 -15.17 16.61
N SER C 106 18.29 -15.99 17.66
CA SER C 106 17.15 -16.88 17.88
C SER C 106 16.04 -16.17 18.67
N VAL C 107 14.88 -16.82 18.77
CA VAL C 107 13.81 -16.35 19.63
CA VAL C 107 13.78 -16.37 19.66
C VAL C 107 14.26 -16.23 21.12
N ASP C 108 15.11 -17.16 21.57
CA ASP C 108 15.62 -17.17 22.96
C ASP C 108 16.68 -16.08 23.20
N ASP C 109 17.43 -15.75 22.15
CA ASP C 109 18.36 -14.61 22.18
C ASP C 109 17.61 -13.30 22.38
N ILE C 110 16.55 -13.10 21.60
CA ILE C 110 15.71 -11.90 21.73
C ILE C 110 14.91 -11.89 23.05
N ALA C 111 14.53 -13.09 23.53
CA ALA C 111 13.81 -13.24 24.81
C ALA C 111 14.53 -12.55 25.99
N PHE C 112 15.87 -12.66 26.01
CA PHE C 112 16.65 -12.00 27.05
C PHE C 112 16.98 -10.55 26.69
N THR C 113 17.32 -10.32 25.42
CA THR C 113 17.80 -8.99 24.97
C THR C 113 16.71 -7.91 25.12
N ARG C 114 15.45 -8.29 24.85
CA ARG C 114 14.33 -7.34 24.88
C ARG C 114 14.01 -6.83 26.30
N LYS C 115 14.47 -7.59 27.30
CA LYS C 115 14.28 -7.21 28.72
C LYS C 115 15.16 -6.03 29.12
N GLY C 116 16.20 -5.76 28.33
CA GLY C 116 17.08 -4.62 28.56
C GLY C 116 16.71 -3.40 27.74
N LEU C 117 15.59 -3.50 27.02
CA LEU C 117 15.08 -2.37 26.25
C LEU C 117 14.11 -1.53 27.07
N THR C 118 14.02 -0.25 26.75
CA THR C 118 12.82 0.53 27.02
C THR C 118 12.06 0.84 25.74
N SER C 119 10.90 1.47 25.88
CA SER C 119 9.99 1.69 24.76
C SER C 119 10.58 2.63 23.73
N GLU C 120 11.30 3.64 24.20
CA GLU C 120 11.94 4.61 23.33
C GLU C 120 13.01 3.96 22.44
N VAL C 121 13.75 3.01 23.01
CA VAL C 121 14.74 2.21 22.24
C VAL C 121 14.04 1.31 21.21
N VAL C 122 12.94 0.68 21.63
CA VAL C 122 12.08 -0.12 20.73
C VAL C 122 11.59 0.74 19.53
N ALA C 123 11.12 1.96 19.83
CA ALA C 123 10.71 2.92 18.78
C ALA C 123 11.87 3.28 17.85
N ALA C 124 13.07 3.47 18.44
CA ALA C 124 14.25 3.90 17.69
C ALA C 124 14.68 2.86 16.64
N VAL C 125 14.57 1.57 17.00
CA VAL C 125 14.83 0.47 16.06
C VAL C 125 13.86 0.50 14.88
N ALA C 126 12.57 0.72 15.17
CA ALA C 126 11.51 0.69 14.15
C ALA C 126 11.66 1.86 13.14
N LYS C 127 12.27 2.95 13.60
CA LYS C 127 12.36 4.17 12.80
C LYS C 127 13.39 4.04 11.67
N ILE C 128 14.40 3.19 11.89
CA ILE C 128 15.41 2.93 10.86
C ILE C 128 15.19 1.57 10.17
N CYS C 129 13.95 1.07 10.26
CA CYS C 129 13.57 -0.15 9.57
C CYS C 129 12.68 0.14 8.36
N SER C 130 12.97 -0.51 7.24
CA SER C 130 12.09 -0.51 6.08
C SER C 130 10.85 -1.38 6.33
N ASN C 131 9.88 -1.31 5.41
CA ASN C 131 8.62 -2.05 5.57
C ASN C 131 8.83 -3.56 5.67
N ALA C 132 9.73 -4.09 4.83
CA ALA C 132 10.09 -5.50 4.86
C ALA C 132 10.92 -5.87 6.10
N ASP C 133 11.77 -4.92 6.56
CA ASP C 133 12.46 -5.06 7.89
C ASP C 133 11.46 -5.25 9.02
N LEU C 134 10.39 -4.45 9.01
CA LEU C 134 9.36 -4.50 10.05
C LEU C 134 8.60 -5.82 10.02
N ILE C 135 8.34 -6.32 8.81
CA ILE C 135 7.58 -7.56 8.63
C ILE C 135 8.43 -8.79 8.99
N TYR C 136 9.65 -8.86 8.44
CA TYR C 136 10.54 -9.99 8.73
C TYR C 136 11.04 -9.98 10.18
N GLY C 137 11.29 -8.77 10.70
CA GLY C 137 11.68 -8.61 12.10
C GLY C 137 10.63 -9.09 13.09
N ALA C 138 9.38 -8.68 12.87
CA ALA C 138 8.27 -9.12 13.73
C ALA C 138 8.00 -10.63 13.64
N LYS C 139 8.13 -11.17 12.42
CA LYS C 139 7.84 -12.59 12.17
C LYS C 139 8.75 -13.54 12.96
N LYS C 140 10.01 -13.12 13.15
CA LYS C 140 10.97 -13.92 13.90
C LYS C 140 10.93 -13.61 15.41
N MET C 141 9.97 -12.78 15.82
CA MET C 141 9.71 -12.55 17.25
C MET C 141 8.27 -12.91 17.65
N PRO C 142 7.93 -14.23 17.65
CA PRO C 142 6.58 -14.64 18.06
C PRO C 142 6.35 -14.40 19.56
N VAL C 143 5.12 -14.02 19.91
CA VAL C 143 4.72 -13.96 21.32
C VAL C 143 3.47 -14.79 21.55
N ILE C 144 3.57 -15.75 22.46
CA ILE C 144 2.52 -16.73 22.68
C ILE C 144 1.89 -16.53 24.07
N LYS C 145 0.56 -16.34 24.08
CA LYS C 145 -0.19 -16.31 25.34
C LYS C 145 -1.34 -17.32 25.33
N LYS C 146 -2.00 -17.49 26.48
CA LYS C 146 -3.05 -18.49 26.62
C LYS C 146 -4.15 -18.02 27.56
N ALA C 147 -5.37 -17.97 27.03
CA ALA C 147 -6.55 -17.86 27.86
C ALA C 147 -7.29 -19.20 27.92
N ASN C 148 -8.47 -19.28 27.26
CA ASN C 148 -9.04 -20.59 26.87
C ASN C 148 -8.59 -21.01 25.48
N THR C 149 -8.04 -20.08 24.72
CA THR C 149 -7.29 -20.42 23.50
C THR C 149 -5.84 -20.02 23.63
N THR C 150 -4.98 -20.71 22.88
CA THR C 150 -3.61 -20.27 22.70
C THR C 150 -3.48 -19.43 21.43
N ILE C 151 -2.96 -18.22 21.60
CA ILE C 151 -2.75 -17.32 20.48
C ILE C 151 -1.24 -17.11 20.23
N GLY C 152 -0.86 -16.94 18.96
CA GLY C 152 0.45 -16.38 18.63
C GLY C 152 1.48 -17.43 18.24
N ILE C 153 1.09 -18.71 18.32
CA ILE C 153 1.91 -19.81 17.76
C ILE C 153 2.14 -19.60 16.26
N PRO C 154 3.43 -19.64 15.82
CA PRO C 154 3.78 -19.59 14.39
C PRO C 154 3.02 -20.65 13.59
N GLY C 155 2.43 -20.22 12.47
CA GLY C 155 1.57 -21.10 11.69
C GLY C 155 0.10 -20.98 12.07
N THR C 156 -0.20 -20.17 13.09
CA THR C 156 -1.60 -19.88 13.45
C THR C 156 -1.97 -18.41 13.22
N PHE C 157 -3.28 -18.14 13.27
CA PHE C 157 -3.80 -16.80 13.01
C PHE C 157 -5.20 -16.68 13.57
N SER C 158 -5.40 -15.73 14.48
CA SER C 158 -6.64 -15.63 15.23
C SER C 158 -7.46 -14.40 14.84
N ALA C 159 -8.65 -14.27 15.42
CA ALA C 159 -9.56 -13.17 15.07
C ALA C 159 -10.47 -12.81 16.24
N ARG C 160 -10.63 -11.52 16.48
CA ARG C 160 -11.72 -11.03 17.34
C ARG C 160 -13.05 -10.99 16.58
N LEU C 161 -14.02 -11.76 17.06
CA LEU C 161 -15.44 -11.52 16.80
C LEU C 161 -15.89 -10.22 17.45
N GLN C 162 -16.25 -9.23 16.62
CA GLN C 162 -16.69 -7.91 17.09
C GLN C 162 -18.17 -7.65 16.71
N PRO C 163 -19.13 -8.15 17.51
CA PRO C 163 -20.53 -8.15 17.13
C PRO C 163 -21.26 -6.92 17.71
N ASN C 164 -20.89 -5.73 17.23
CA ASN C 164 -21.41 -4.48 17.80
C ASN C 164 -22.79 -4.12 17.26
N ASP C 165 -23.59 -3.45 18.09
CA ASP C 165 -24.93 -3.00 17.67
C ASP C 165 -25.24 -1.59 18.19
N THR C 166 -26.10 -0.88 17.47
CA THR C 166 -26.44 0.51 17.79
C THR C 166 -27.23 0.62 19.11
N ARG C 167 -28.04 -0.40 19.41
CA ARG C 167 -28.92 -0.38 20.59
C ARG C 167 -28.42 -1.34 21.68
N ASP C 168 -27.27 -1.98 21.43
CA ASP C 168 -26.86 -3.23 22.16
C ASP C 168 -27.97 -4.30 22.16
N ASP C 169 -28.67 -4.41 21.03
CA ASP C 169 -29.76 -5.38 20.89
C ASP C 169 -29.23 -6.80 20.81
N VAL C 170 -29.71 -7.66 21.71
CA VAL C 170 -29.08 -8.96 21.96
C VAL C 170 -29.36 -9.97 20.84
N GLN C 171 -30.39 -9.69 20.04
CA GLN C 171 -30.67 -10.47 18.83
C GLN C 171 -29.72 -10.13 17.72
N SER C 172 -29.36 -8.84 17.63
CA SER C 172 -28.44 -8.36 16.60
C SER C 172 -27.00 -8.77 16.90
N ILE C 173 -26.64 -8.75 18.19
CA ILE C 173 -25.32 -9.23 18.65
C ILE C 173 -25.16 -10.74 18.40
N ALA C 174 -26.18 -11.53 18.78
CA ALA C 174 -26.15 -13.00 18.58
C ALA C 174 -26.09 -13.38 17.10
N ALA C 175 -26.85 -12.65 16.27
CA ALA C 175 -26.84 -12.87 14.81
C ALA C 175 -25.43 -12.72 14.23
N GLN C 176 -24.74 -11.66 14.65
CA GLN C 176 -23.36 -11.39 14.18
C GLN C 176 -22.36 -12.41 14.73
N ILE C 177 -22.63 -12.92 15.94
CA ILE C 177 -21.81 -13.97 16.54
C ILE C 177 -21.90 -15.29 15.75
N TYR C 178 -23.13 -15.72 15.45
CA TYR C 178 -23.36 -16.95 14.67
C TYR C 178 -22.74 -16.85 13.28
N GLU C 179 -22.75 -15.64 12.71
CA GLU C 179 -22.13 -15.38 11.41
C GLU C 179 -20.60 -15.53 11.48
N GLY C 180 -19.99 -14.94 12.51
CA GLY C 180 -18.53 -14.95 12.65
C GLY C 180 -17.98 -16.33 12.90
N LEU C 181 -18.64 -17.08 13.80
CA LEU C 181 -18.24 -18.46 14.11
C LEU C 181 -18.27 -19.37 12.88
N SER C 182 -19.23 -19.11 11.98
CA SER C 182 -19.38 -19.91 10.76
C SER C 182 -18.23 -19.65 9.75
N PHE C 183 -17.53 -18.54 9.92
CA PHE C 183 -16.29 -18.27 9.15
C PHE C 183 -15.03 -18.65 9.95
N GLY C 184 -15.21 -19.08 11.19
CA GLY C 184 -14.09 -19.47 12.06
C GLY C 184 -13.46 -18.28 12.75
N VAL C 185 -14.24 -17.22 12.94
CA VAL C 185 -13.79 -16.04 13.67
C VAL C 185 -14.23 -16.15 15.15
N GLY C 186 -13.29 -15.92 16.06
CA GLY C 186 -13.61 -15.66 17.46
C GLY C 186 -12.67 -16.34 18.43
N ASP C 187 -11.54 -16.83 17.93
CA ASP C 187 -10.57 -17.55 18.78
C ASP C 187 -9.71 -16.63 19.64
N ALA C 188 -9.54 -15.39 19.20
CA ALA C 188 -8.97 -14.34 20.07
C ALA C 188 -9.92 -13.98 21.20
N VAL C 189 -11.14 -13.55 20.83
CA VAL C 189 -12.16 -13.13 21.79
C VAL C 189 -13.49 -12.83 21.04
N ILE C 190 -14.61 -13.01 21.72
CA ILE C 190 -15.87 -12.40 21.29
C ILE C 190 -16.16 -11.12 22.08
N GLY C 191 -15.96 -9.96 21.44
CA GLY C 191 -15.73 -8.71 22.13
C GLY C 191 -16.66 -7.60 21.66
N VAL C 192 -17.56 -7.18 22.55
CA VAL C 192 -18.53 -6.13 22.23
C VAL C 192 -18.13 -4.80 22.87
N ASN C 193 -18.06 -3.75 22.06
CA ASN C 193 -18.23 -2.38 22.56
C ASN C 193 -19.70 -2.04 22.78
N PRO C 194 -20.07 -1.75 24.05
CA PRO C 194 -21.44 -1.40 24.40
C PRO C 194 -21.73 0.08 24.14
N VAL C 195 -23.00 0.39 23.87
CA VAL C 195 -23.43 1.77 23.72
C VAL C 195 -23.63 2.47 25.09
N THR C 196 -23.99 1.69 26.11
CA THR C 196 -24.24 2.24 27.46
C THR C 196 -23.32 1.62 28.49
N ASP C 197 -22.76 2.47 29.33
CA ASP C 197 -21.70 2.07 30.24
C ASP C 197 -22.28 1.84 31.64
N ASP C 198 -23.12 0.81 31.79
CA ASP C 198 -23.69 0.45 33.10
C ASP C 198 -23.83 -1.06 33.30
N VAL C 199 -24.00 -1.48 34.56
CA VAL C 199 -23.65 -2.84 34.99
C VAL C 199 -24.64 -3.86 34.42
N GLU C 200 -25.92 -3.54 34.46
CA GLU C 200 -26.97 -4.48 34.04
C GLU C 200 -27.04 -4.64 32.52
N ASN C 201 -26.61 -3.59 31.78
CA ASN C 201 -26.41 -3.70 30.34
C ASN C 201 -25.17 -4.52 29.99
N LEU C 202 -24.08 -4.27 30.73
CA LEU C 202 -22.86 -5.08 30.60
C LEU C 202 -23.16 -6.56 30.83
N SER C 203 -23.93 -6.85 31.89
CA SER C 203 -24.21 -8.23 32.29
C SER C 203 -25.11 -8.94 31.29
N ARG C 204 -26.05 -8.20 30.71
CA ARG C 204 -26.97 -8.76 29.72
C ARG C 204 -26.25 -9.09 28.39
N VAL C 205 -25.34 -8.20 27.98
CA VAL C 205 -24.51 -8.45 26.77
C VAL C 205 -23.53 -9.63 27.00
N LEU C 206 -22.95 -9.69 28.20
CA LEU C 206 -22.11 -10.84 28.59
C LEU C 206 -22.90 -12.16 28.65
N ASP C 207 -24.15 -12.09 29.14
CA ASP C 207 -25.05 -13.27 29.14
C ASP C 207 -25.34 -13.77 27.72
N THR C 208 -25.46 -12.82 26.77
CA THR C 208 -25.73 -13.17 25.36
C THR C 208 -24.53 -13.87 24.71
N ILE C 209 -23.33 -13.32 24.92
CA ILE C 209 -22.09 -13.93 24.43
C ILE C 209 -21.90 -15.34 25.01
N TYR C 210 -22.06 -15.46 26.33
CA TYR C 210 -21.77 -16.71 27.03
C TYR C 210 -22.91 -17.71 26.93
N GLY C 211 -24.11 -17.21 26.59
CA GLY C 211 -25.20 -18.08 26.11
C GLY C 211 -24.82 -18.92 24.91
N VAL C 212 -24.15 -18.29 23.93
CA VAL C 212 -23.66 -19.00 22.74
C VAL C 212 -22.44 -19.89 23.07
N ILE C 213 -21.50 -19.35 23.84
CA ILE C 213 -20.30 -20.11 24.27
C ILE C 213 -20.67 -21.41 25.02
N ASP C 214 -21.60 -21.31 25.96
CA ASP C 214 -21.98 -22.45 26.81
C ASP C 214 -22.81 -23.50 26.06
N LYS C 215 -23.69 -23.03 25.16
CA LYS C 215 -24.57 -23.94 24.40
C LYS C 215 -23.77 -24.87 23.47
N PHE C 216 -22.74 -24.32 22.84
CA PHE C 216 -21.97 -25.08 21.85
C PHE C 216 -20.58 -25.48 22.38
N ASN C 217 -20.36 -25.23 23.69
CA ASN C 217 -19.07 -25.53 24.35
C ASN C 217 -17.85 -25.00 23.59
N ILE C 218 -17.89 -23.72 23.24
CA ILE C 218 -16.82 -23.09 22.48
C ILE C 218 -15.63 -22.76 23.39
N PRO C 219 -14.43 -23.29 23.05
CA PRO C 219 -13.19 -22.78 23.62
C PRO C 219 -12.89 -21.38 23.11
N THR C 220 -13.38 -20.39 23.84
CA THR C 220 -12.99 -19.01 23.64
C THR C 220 -13.28 -18.20 24.91
N GLN C 221 -13.31 -16.87 24.76
CA GLN C 221 -13.64 -16.00 25.88
C GLN C 221 -14.45 -14.80 25.41
N GLY C 222 -15.30 -14.29 26.30
CA GLY C 222 -16.09 -13.11 26.01
C GLY C 222 -15.51 -11.85 26.61
N CYS C 223 -15.91 -10.70 26.08
CA CYS C 223 -15.46 -9.40 26.59
C CYS C 223 -16.46 -8.33 26.27
N VAL C 224 -16.70 -7.44 27.22
CA VAL C 224 -17.45 -6.23 26.96
C VAL C 224 -16.59 -4.99 27.22
N LEU C 225 -16.42 -4.17 26.19
CA LEU C 225 -15.30 -3.25 26.12
C LEU C 225 -15.70 -1.87 26.65
N ALA C 226 -16.43 -1.86 27.76
CA ALA C 226 -16.67 -0.64 28.52
C ALA C 226 -15.42 -0.23 29.31
N HIS C 227 -15.53 0.87 30.04
CA HIS C 227 -14.49 1.27 30.99
C HIS C 227 -14.22 0.18 32.02
N VAL C 228 -12.95 0.00 32.37
CA VAL C 228 -12.52 -1.16 33.15
C VAL C 228 -13.24 -1.24 34.53
N THR C 229 -13.58 -0.07 35.09
CA THR C 229 -14.28 0.02 36.38
C THR C 229 -15.68 -0.61 36.33
N THR C 230 -16.37 -0.41 35.19
CA THR C 230 -17.72 -0.97 34.99
C THR C 230 -17.68 -2.48 34.79
N GLN C 231 -16.65 -2.96 34.06
CA GLN C 231 -16.40 -4.41 33.88
C GLN C 231 -16.18 -5.10 35.21
N ILE C 232 -15.29 -4.52 36.03
CA ILE C 232 -14.97 -5.08 37.34
C ILE C 232 -16.24 -5.20 38.20
N GLU C 233 -17.05 -4.13 38.23
CA GLU C 233 -18.31 -4.13 38.97
C GLU C 233 -19.25 -5.23 38.50
N ALA C 234 -19.44 -5.34 37.18
CA ALA C 234 -20.30 -6.38 36.59
C ALA C 234 -19.85 -7.80 36.97
N ILE C 235 -18.54 -8.05 36.85
CA ILE C 235 -17.97 -9.36 37.15
C ILE C 235 -18.07 -9.70 38.67
N ARG C 236 -17.79 -8.69 39.51
CA ARG C 236 -17.97 -8.82 40.99
C ARG C 236 -19.42 -9.17 41.36
N ARG C 237 -20.37 -8.56 40.65
CA ARG C 237 -21.79 -8.78 40.92
C ARG C 237 -22.35 -9.98 40.15
N GLY C 238 -21.48 -10.66 39.38
CA GLY C 238 -21.64 -12.08 39.11
C GLY C 238 -21.85 -12.40 37.64
N ALA C 239 -21.68 -11.38 36.79
CA ALA C 239 -21.53 -11.59 35.33
C ALA C 239 -20.31 -12.46 35.00
N PRO C 240 -20.42 -13.30 33.92
CA PRO C 240 -19.28 -14.12 33.46
C PRO C 240 -18.08 -13.27 33.02
N GLY C 241 -16.96 -13.44 33.72
CA GLY C 241 -15.72 -12.76 33.35
C GLY C 241 -14.90 -13.58 32.38
N GLY C 242 -14.56 -12.99 31.24
CA GLY C 242 -13.60 -13.56 30.32
C GLY C 242 -12.32 -12.78 30.26
N LEU C 243 -12.20 -11.93 29.24
CA LEU C 243 -11.15 -10.93 29.20
C LEU C 243 -11.62 -9.62 29.80
N ILE C 244 -10.70 -8.90 30.43
CA ILE C 244 -10.98 -7.56 30.94
C ILE C 244 -10.23 -6.50 30.13
N PHE C 245 -10.98 -5.52 29.61
CA PHE C 245 -10.45 -4.61 28.60
C PHE C 245 -10.13 -3.24 29.19
N GLN C 246 -9.07 -2.61 28.68
CA GLN C 246 -8.89 -1.17 28.81
C GLN C 246 -8.13 -0.58 27.63
N SER C 247 -8.68 0.49 27.05
CA SER C 247 -7.87 1.43 26.25
C SER C 247 -6.83 2.14 27.10
N ILE C 248 -5.60 2.21 26.59
CA ILE C 248 -4.50 2.81 27.35
C ILE C 248 -3.79 3.91 26.55
N CYS C 249 -3.02 4.74 27.25
CA CYS C 249 -2.17 5.74 26.60
C CYS C 249 -0.78 5.79 27.24
N GLY C 250 0.18 6.36 26.52
CA GLY C 250 1.61 6.15 26.82
C GLY C 250 2.19 7.21 27.74
N SER C 251 1.32 8.00 28.37
CA SER C 251 1.73 8.93 29.43
C SER C 251 0.69 9.01 30.54
N GLU C 252 1.10 9.52 31.70
CA GLU C 252 0.21 9.71 32.86
C GLU C 252 -0.92 10.69 32.53
N LYS C 253 -0.57 11.77 31.84
CA LYS C 253 -1.56 12.74 31.34
C LYS C 253 -2.58 12.07 30.38
N GLY C 254 -2.08 11.19 29.51
CA GLY C 254 -2.92 10.44 28.59
C GLY C 254 -3.86 9.45 29.29
N LEU C 255 -3.35 8.81 30.35
CA LEU C 255 -4.18 7.94 31.20
C LEU C 255 -5.26 8.74 31.94
N LYS C 256 -4.88 9.92 32.42
CA LYS C 256 -5.81 10.81 33.14
C LYS C 256 -6.93 11.32 32.21
N GLU C 257 -6.58 11.56 30.95
CA GLU C 257 -7.58 11.85 29.89
C GLU C 257 -8.59 10.69 29.72
N PHE C 258 -8.07 9.45 29.79
CA PHE C 258 -8.91 8.26 29.59
C PHE C 258 -9.67 7.89 30.88
N GLY C 259 -9.27 8.51 32.00
CA GLY C 259 -9.90 8.25 33.30
C GLY C 259 -9.45 6.95 33.91
N VAL C 260 -8.21 6.56 33.63
CA VAL C 260 -7.65 5.34 34.18
C VAL C 260 -6.46 5.59 35.08
N GLU C 261 -6.45 4.90 36.22
CA GLU C 261 -5.27 4.81 37.05
C GLU C 261 -4.67 3.42 36.96
N LEU C 262 -3.38 3.30 37.32
CA LEU C 262 -2.66 2.04 37.19
C LEU C 262 -3.20 0.97 38.15
N ALA C 263 -3.75 1.44 39.29
CA ALA C 263 -4.29 0.54 40.31
C ALA C 263 -5.59 -0.15 39.85
N MET C 264 -6.29 0.47 38.87
CA MET C 264 -7.44 -0.16 38.22
C MET C 264 -7.03 -1.42 37.43
N LEU C 265 -5.86 -1.35 36.79
CA LEU C 265 -5.36 -2.47 36.00
C LEU C 265 -4.79 -3.57 36.89
N ASP C 266 -4.22 -3.17 38.02
CA ASP C 266 -3.84 -4.11 39.07
C ASP C 266 -5.07 -4.81 39.67
N GLU C 267 -6.13 -4.03 39.89
CA GLU C 267 -7.42 -4.58 40.35
C GLU C 267 -8.03 -5.52 39.30
N ALA C 268 -7.83 -5.19 38.03
CA ALA C 268 -8.34 -6.02 36.92
C ALA C 268 -7.68 -7.40 36.91
N ARG C 269 -6.37 -7.45 37.17
CA ARG C 269 -5.63 -8.71 37.26
CA ARG C 269 -5.65 -8.72 37.25
C ARG C 269 -6.10 -9.56 38.45
N ALA C 270 -6.32 -8.90 39.59
CA ALA C 270 -6.78 -9.59 40.82
C ALA C 270 -8.22 -10.09 40.70
N VAL C 271 -9.08 -9.28 40.06
CA VAL C 271 -10.47 -9.67 39.79
C VAL C 271 -10.54 -10.85 38.79
N GLY C 272 -9.66 -10.81 37.77
CA GLY C 272 -9.49 -11.95 36.85
C GLY C 272 -9.16 -13.26 37.57
N ALA C 273 -8.21 -13.20 38.51
CA ALA C 273 -7.73 -14.41 39.20
C ALA C 273 -8.80 -14.99 40.15
N GLU C 274 -9.67 -14.13 40.66
CA GLU C 274 -10.74 -14.58 41.56
C GLU C 274 -11.94 -15.15 40.80
N PHE C 275 -12.29 -14.51 39.67
CA PHE C 275 -13.67 -14.58 39.14
C PHE C 275 -13.73 -15.23 37.74
N ASN C 276 -12.71 -15.02 36.93
CA ASN C 276 -12.85 -15.15 35.48
C ASN C 276 -12.75 -16.59 34.99
N ARG C 277 -13.48 -16.90 33.92
CA ARG C 277 -13.59 -18.27 33.42
C ARG C 277 -12.47 -18.56 32.41
N ILE C 278 -11.24 -18.55 32.89
CA ILE C 278 -10.06 -18.59 32.02
C ILE C 278 -9.11 -19.71 32.48
N ALA C 279 -8.79 -20.63 31.57
CA ALA C 279 -7.98 -21.80 31.91
C ALA C 279 -6.49 -21.46 31.99
N GLY C 280 -6.02 -20.61 31.08
CA GLY C 280 -4.63 -20.15 31.09
C GLY C 280 -4.40 -18.96 32.02
N GLU C 281 -3.22 -18.35 31.91
CA GLU C 281 -2.75 -17.40 32.94
C GLU C 281 -2.87 -15.94 32.46
N ASN C 282 -3.35 -15.75 31.23
CA ASN C 282 -3.54 -14.40 30.68
C ASN C 282 -5.02 -14.07 30.45
N CYS C 283 -5.44 -12.88 30.89
CA CYS C 283 -6.86 -12.52 30.85
C CYS C 283 -7.12 -11.02 30.61
N LEU C 284 -6.06 -10.26 30.36
CA LEU C 284 -6.21 -8.82 30.07
C LEU C 284 -6.19 -8.52 28.56
N TYR C 285 -6.87 -7.45 28.17
CA TYR C 285 -6.99 -7.06 26.77
C TYR C 285 -6.83 -5.53 26.66
N PHE C 286 -5.78 -5.09 25.97
CA PHE C 286 -5.56 -3.67 25.73
C PHE C 286 -5.76 -3.31 24.28
N GLU C 287 -6.30 -2.10 24.03
CA GLU C 287 -6.21 -1.49 22.71
C GLU C 287 -5.45 -0.20 22.73
N THR C 288 -4.71 0.06 21.65
CA THR C 288 -3.83 1.22 21.55
C THR C 288 -4.00 1.86 20.17
N GLY C 289 -3.26 2.94 19.91
CA GLY C 289 -3.19 3.49 18.54
C GLY C 289 -2.45 4.80 18.45
N GLN C 290 -1.73 4.99 17.33
CA GLN C 290 -1.05 6.27 17.05
C GLN C 290 -2.04 7.42 16.98
N GLY C 291 -1.74 8.51 17.68
CA GLY C 291 -2.54 9.73 17.61
C GLY C 291 -3.23 10.05 18.93
N SER C 292 -3.32 9.06 19.81
CA SER C 292 -4.16 9.16 21.02
C SER C 292 -3.54 10.10 22.05
N ALA C 293 -2.22 10.03 22.19
CA ALA C 293 -1.46 10.96 23.04
C ALA C 293 -1.50 12.39 22.50
N LEU C 294 -1.39 12.52 21.18
CA LEU C 294 -1.51 13.81 20.50
C LEU C 294 -2.87 14.46 20.74
N SER C 295 -3.93 13.64 20.64
CA SER C 295 -5.30 14.10 20.86
C SER C 295 -5.51 14.56 22.31
N ALA C 296 -4.83 13.91 23.25
CA ALA C 296 -5.01 14.17 24.67
C ALA C 296 -4.20 15.41 25.12
N GLY C 297 -3.36 15.93 24.23
CA GLY C 297 -2.38 16.96 24.59
C GLY C 297 -1.25 16.40 25.46
N ALA C 298 -0.94 15.13 25.26
CA ALA C 298 -0.21 14.35 26.27
C ALA C 298 0.99 13.66 25.64
N ASN C 299 1.39 14.13 24.46
CA ASN C 299 2.57 13.62 23.78
C ASN C 299 3.83 14.36 24.19
N PHE C 300 3.66 15.58 24.71
CA PHE C 300 4.80 16.39 25.27
C PHE C 300 5.91 16.63 24.24
N GLY C 301 5.51 16.86 22.99
CA GLY C 301 6.46 17.19 21.93
C GLY C 301 7.12 15.96 21.30
N ALA C 302 6.70 14.77 21.74
CA ALA C 302 7.15 13.52 21.12
C ALA C 302 6.25 13.12 19.97
N ASP C 303 6.83 12.41 18.99
CA ASP C 303 6.08 11.89 17.85
C ASP C 303 5.20 10.71 18.27
N GLN C 304 4.25 10.35 17.41
CA GLN C 304 3.20 9.40 17.76
C GLN C 304 3.69 7.94 17.75
N VAL C 305 4.81 7.70 17.06
CA VAL C 305 5.42 6.35 17.02
C VAL C 305 6.15 6.02 18.32
N THR C 306 6.94 6.98 18.81
CA THR C 306 7.57 6.86 20.14
C THR C 306 6.52 6.71 21.25
N MET C 307 5.45 7.50 21.16
CA MET C 307 4.38 7.48 22.17
C MET C 307 3.63 6.14 22.18
N GLU C 308 3.47 5.55 21.00
CA GLU C 308 2.75 4.29 20.86
C GLU C 308 3.58 3.11 21.38
N ALA C 309 4.90 3.17 21.18
CA ALA C 309 5.82 2.20 21.79
C ALA C 309 5.71 2.19 23.33
N ARG C 310 5.45 3.36 23.92
CA ARG C 310 5.32 3.50 25.38
C ARG C 310 4.05 2.84 25.91
N ASN C 311 3.02 2.77 25.05
CA ASN C 311 1.85 1.92 25.31
C ASN C 311 2.21 0.46 25.53
N TYR C 312 3.18 -0.03 24.75
CA TYR C 312 3.53 -1.44 24.75
C TYR C 312 4.39 -1.78 25.95
N GLY C 313 5.25 -0.84 26.36
CA GLY C 313 5.96 -0.95 27.63
C GLY C 313 5.04 -0.97 28.84
N LEU C 314 3.98 -0.14 28.76
CA LEU C 314 2.93 -0.14 29.78
C LEU C 314 2.15 -1.47 29.81
N ALA C 315 1.70 -1.92 28.63
CA ALA C 315 0.94 -3.18 28.50
C ALA C 315 1.74 -4.38 29.00
N ARG C 316 3.05 -4.39 28.69
CA ARG C 316 3.94 -5.54 29.01
C ARG C 316 3.96 -5.85 30.50
N HIS C 317 3.88 -4.79 31.33
CA HIS C 317 3.88 -4.94 32.80
C HIS C 317 2.74 -5.84 33.31
N TYR C 318 1.64 -5.85 32.57
CA TYR C 318 0.43 -6.51 33.03
C TYR C 318 0.21 -7.85 32.30
N ASP C 319 1.16 -8.21 31.43
CA ASP C 319 1.15 -9.51 30.71
C ASP C 319 -0.26 -9.92 30.19
N PRO C 320 -0.81 -9.13 29.24
CA PRO C 320 -2.17 -9.32 28.75
C PRO C 320 -2.26 -10.54 27.82
N PHE C 321 -3.46 -11.08 27.66
CA PHE C 321 -3.69 -12.13 26.68
C PHE C 321 -3.52 -11.61 25.27
N ILE C 322 -4.07 -10.43 25.00
CA ILE C 322 -3.98 -9.81 23.67
C ILE C 322 -3.82 -8.28 23.77
N VAL C 323 -3.04 -7.71 22.84
CA VAL C 323 -3.08 -6.25 22.55
C VAL C 323 -3.23 -6.04 21.05
N ASN C 324 -4.11 -5.12 20.65
CA ASN C 324 -4.07 -4.57 19.28
C ASN C 324 -4.03 -3.06 19.20
N THR C 325 -3.18 -2.55 18.31
CA THR C 325 -3.35 -1.21 17.76
C THR C 325 -4.64 -1.12 16.96
N VAL C 326 -5.20 0.09 16.91
CA VAL C 326 -6.36 0.35 16.08
C VAL C 326 -6.05 1.40 15.01
N VAL C 327 -5.46 0.94 13.91
CA VAL C 327 -4.43 1.71 13.23
C VAL C 327 -5.01 2.98 12.56
N GLY C 328 -6.14 2.82 11.86
CA GLY C 328 -6.82 3.96 11.23
C GLY C 328 -8.19 4.25 11.83
N PHE C 329 -8.29 4.13 13.16
CA PHE C 329 -9.58 4.19 13.84
C PHE C 329 -10.02 5.63 14.06
N ILE C 330 -9.06 6.56 14.11
CA ILE C 330 -9.33 7.94 14.52
C ILE C 330 -9.63 8.83 13.31
N GLY C 331 -8.65 8.98 12.42
CA GLY C 331 -8.88 9.58 11.11
C GLY C 331 -7.64 10.24 10.53
N PRO C 332 -7.83 11.04 9.46
CA PRO C 332 -6.75 11.45 8.55
C PRO C 332 -5.81 12.47 9.18
N GLU C 333 -6.21 13.02 10.34
CA GLU C 333 -5.39 14.01 11.06
C GLU C 333 -4.06 13.43 11.51
N TYR C 334 -4.04 12.12 11.79
CA TYR C 334 -2.87 11.47 12.34
C TYR C 334 -2.25 10.51 11.35
N LEU C 335 -3.08 9.78 10.62
CA LEU C 335 -2.64 9.00 9.47
C LEU C 335 -3.57 9.18 8.28
N TYR C 336 -3.04 9.74 7.18
CA TYR C 336 -3.87 10.33 6.13
C TYR C 336 -4.31 9.28 5.09
N ASN C 337 -3.35 8.45 4.65
CA ASN C 337 -3.57 7.68 3.40
CA ASN C 337 -3.42 7.76 3.36
C ASN C 337 -3.29 6.22 3.54
N ASP C 338 -3.48 5.48 2.43
CA ASP C 338 -3.13 4.05 2.36
C ASP C 338 -1.74 3.77 2.94
N ARG C 339 -0.74 4.48 2.43
CA ARG C 339 0.66 4.15 2.71
C ARG C 339 1.05 4.52 4.16
N GLN C 340 0.41 5.56 4.71
CA GLN C 340 0.63 5.94 6.11
C GLN C 340 0.00 4.95 7.07
N ILE C 341 -1.18 4.44 6.71
CA ILE C 341 -1.89 3.47 7.53
C ILE C 341 -1.19 2.09 7.51
N ILE C 342 -0.73 1.68 6.31
CA ILE C 342 0.12 0.46 6.18
C ILE C 342 1.40 0.58 7.03
N ARG C 343 2.15 1.67 6.83
CA ARG C 343 3.43 1.88 7.53
C ARG C 343 3.25 1.87 9.06
N ALA C 344 2.22 2.56 9.55
CA ALA C 344 1.90 2.58 10.98
C ALA C 344 1.53 1.19 11.50
N GLY C 345 0.72 0.46 10.72
CA GLY C 345 0.35 -0.91 11.05
C GLY C 345 1.56 -1.83 11.22
N LEU C 346 2.50 -1.72 10.29
CA LEU C 346 3.74 -2.51 10.35
C LEU C 346 4.66 -2.07 11.51
N GLU C 347 4.74 -0.74 11.73
CA GLU C 347 5.50 -0.18 12.88
C GLU C 347 4.95 -0.68 14.20
N ASP C 348 3.63 -0.53 14.39
CA ASP C 348 2.98 -0.84 15.66
C ASP C 348 3.14 -2.32 16.01
N HIS C 349 2.98 -3.18 15.01
CA HIS C 349 3.05 -4.62 15.21
C HIS C 349 4.48 -5.07 15.55
N PHE C 350 5.45 -4.52 14.83
CA PHE C 350 6.88 -4.79 15.10
C PHE C 350 7.27 -4.37 16.50
N MET C 351 6.84 -3.16 16.89
CA MET C 351 7.19 -2.60 18.19
C MET C 351 6.54 -3.37 19.33
N GLY C 352 5.30 -3.82 19.11
CA GLY C 352 4.61 -4.69 20.07
C GLY C 352 5.34 -6.01 20.28
N LYS C 353 5.72 -6.66 19.17
CA LYS C 353 6.42 -7.95 19.23
CA LYS C 353 6.41 -7.95 19.24
C LYS C 353 7.78 -7.83 19.90
N LEU C 354 8.48 -6.72 19.60
CA LEU C 354 9.78 -6.45 20.23
C LEU C 354 9.65 -6.17 21.74
N SER C 355 8.54 -5.55 22.14
CA SER C 355 8.25 -5.30 23.56
C SER C 355 7.77 -6.57 24.28
N GLY C 356 7.48 -7.62 23.50
CA GLY C 356 7.15 -8.93 24.07
C GLY C 356 5.69 -9.04 24.50
N ILE C 357 4.81 -8.38 23.75
CA ILE C 357 3.38 -8.53 23.97
C ILE C 357 2.67 -9.20 22.80
N SER C 358 1.47 -9.70 23.07
CA SER C 358 0.78 -10.55 22.15
C SER C 358 0.02 -9.72 21.14
N MET C 359 0.73 -9.27 20.12
CA MET C 359 0.35 -8.08 19.39
C MET C 359 -0.47 -8.45 18.16
N GLY C 360 -1.68 -7.91 18.08
CA GLY C 360 -2.44 -7.94 16.84
C GLY C 360 -2.71 -6.55 16.31
N CYS C 361 -3.62 -6.45 15.33
CA CYS C 361 -3.94 -5.17 14.70
C CYS C 361 -5.38 -5.13 14.20
N ASP C 362 -6.12 -4.11 14.59
CA ASP C 362 -7.34 -3.69 13.88
C ASP C 362 -6.97 -2.95 12.58
N CYS C 363 -6.85 -3.71 11.48
CA CYS C 363 -6.65 -3.12 10.14
C CYS C 363 -7.90 -2.41 9.65
N CYS C 364 -7.87 -1.08 9.67
CA CYS C 364 -9.08 -0.30 9.57
C CYS C 364 -8.85 1.10 9.03
N TYR C 365 -9.93 1.73 8.60
CA TYR C 365 -9.90 3.12 8.15
C TYR C 365 -11.22 3.80 8.46
N THR C 366 -11.25 5.12 8.34
CA THR C 366 -12.49 5.87 8.47
C THR C 366 -12.92 6.47 7.14
N ASN C 367 -14.15 6.97 7.09
CA ASN C 367 -14.75 7.43 5.86
C ASN C 367 -14.34 8.85 5.49
N HIS C 368 -13.74 9.56 6.44
CA HIS C 368 -13.17 10.87 6.16
C HIS C 368 -11.64 10.83 5.96
N ALA C 369 -11.07 9.61 5.98
CA ALA C 369 -9.67 9.40 5.57
C ALA C 369 -9.55 8.95 4.10
N ASP C 370 -8.38 9.19 3.49
CA ASP C 370 -8.14 8.85 2.09
C ASP C 370 -7.77 7.36 1.94
N ALA C 371 -8.79 6.50 2.07
CA ALA C 371 -8.57 5.06 2.13
C ALA C 371 -9.84 4.32 1.75
N ASP C 372 -9.70 3.04 1.40
CA ASP C 372 -10.85 2.18 1.14
C ASP C 372 -10.62 0.76 1.64
N GLN C 373 -11.49 -0.17 1.24
CA GLN C 373 -11.47 -1.54 1.77
C GLN C 373 -10.28 -2.35 1.22
N ASN C 374 -9.80 -1.96 0.04
CA ASN C 374 -8.60 -2.56 -0.56
C ASN C 374 -7.33 -2.31 0.27
N LEU C 375 -7.29 -1.15 0.94
CA LEU C 375 -6.26 -0.86 1.96
C LEU C 375 -6.28 -1.89 3.11
N ASN C 376 -7.48 -2.15 3.66
CA ASN C 376 -7.64 -3.13 4.75
C ASN C 376 -7.15 -4.51 4.35
N GLU C 377 -7.38 -4.87 3.10
CA GLU C 377 -7.03 -6.18 2.59
C GLU C 377 -5.55 -6.28 2.23
N ASN C 378 -4.98 -5.18 1.71
CA ASN C 378 -3.51 -5.02 1.62
C ASN C 378 -2.82 -5.22 2.97
N LEU C 379 -3.28 -4.50 3.98
CA LEU C 379 -2.57 -4.42 5.26
C LEU C 379 -2.70 -5.71 6.06
N MET C 380 -3.90 -6.29 6.05
CA MET C 380 -4.17 -7.53 6.79
C MET C 380 -3.27 -8.68 6.32
N ILE C 381 -3.01 -8.72 5.00
CA ILE C 381 -2.22 -9.80 4.43
C ILE C 381 -0.72 -9.62 4.74
N LEU C 382 -0.24 -8.38 4.59
CA LEU C 382 1.14 -8.02 5.01
C LEU C 382 1.39 -8.35 6.49
N LEU C 383 0.44 -8.00 7.34
CA LEU C 383 0.58 -8.23 8.77
C LEU C 383 0.48 -9.71 9.12
N ALA C 384 -0.35 -10.43 8.39
CA ALA C 384 -0.44 -11.88 8.53
C ALA C 384 0.89 -12.57 8.23
N THR C 385 1.60 -12.08 7.19
CA THR C 385 2.96 -12.59 6.88
C THR C 385 3.98 -12.22 7.95
N ALA C 386 3.71 -11.13 8.67
CA ALA C 386 4.54 -10.72 9.81
C ALA C 386 4.20 -11.50 11.09
N GLY C 387 3.21 -12.41 10.99
CA GLY C 387 2.78 -13.22 12.14
C GLY C 387 1.97 -12.42 13.15
N CYS C 388 1.25 -11.40 12.65
CA CYS C 388 0.18 -10.74 13.43
C CYS C 388 -0.71 -11.76 14.14
N ASN C 389 -0.85 -11.61 15.46
CA ASN C 389 -1.51 -12.62 16.28
C ASN C 389 -3.01 -12.71 16.00
N TYR C 390 -3.63 -11.55 15.70
CA TYR C 390 -5.06 -11.51 15.37
C TYR C 390 -5.48 -10.21 14.69
N ILE C 391 -6.57 -10.28 13.92
CA ILE C 391 -7.28 -9.09 13.46
C ILE C 391 -8.72 -9.06 13.99
N MET C 392 -9.50 -8.08 13.56
CA MET C 392 -10.93 -8.04 13.87
C MET C 392 -11.75 -8.82 12.86
N GLY C 393 -12.99 -9.12 13.21
CA GLY C 393 -13.96 -9.60 12.26
C GLY C 393 -15.31 -8.99 12.48
N MET C 394 -15.88 -8.43 11.40
CA MET C 394 -17.27 -8.00 11.40
C MET C 394 -17.93 -8.39 10.05
N PRO C 395 -19.30 -8.41 9.98
CA PRO C 395 -19.97 -8.73 8.72
C PRO C 395 -19.59 -7.76 7.59
N LEU C 396 -18.78 -8.25 6.64
CA LEU C 396 -18.15 -7.40 5.58
C LEU C 396 -17.28 -6.23 6.14
N GLY C 397 -17.08 -6.20 7.45
CA GLY C 397 -16.20 -5.21 8.09
C GLY C 397 -16.92 -3.89 8.43
N ASP C 398 -18.22 -3.85 8.17
CA ASP C 398 -19.03 -2.67 8.47
C ASP C 398 -19.44 -2.63 9.94
N ASP C 399 -18.81 -1.71 10.70
CA ASP C 399 -19.27 -1.40 12.05
C ASP C 399 -20.39 -0.42 12.03
N ILE C 400 -21.56 -0.86 12.49
CA ILE C 400 -22.81 -0.11 12.31
C ILE C 400 -23.00 0.98 13.39
N MET C 401 -21.97 1.14 14.23
CA MET C 401 -22.16 1.75 15.54
C MET C 401 -20.90 2.53 15.96
N LEU C 402 -19.73 1.99 15.61
CA LEU C 402 -18.46 2.72 15.78
C LEU C 402 -18.09 3.52 14.52
N ASN C 403 -18.86 3.32 13.44
CA ASN C 403 -18.78 4.16 12.23
C ASN C 403 -17.39 4.16 11.60
N TYR C 404 -16.85 2.97 11.42
CA TYR C 404 -15.67 2.77 10.62
C TYR C 404 -15.73 1.42 9.92
N GLN C 405 -14.74 1.15 9.07
CA GLN C 405 -14.66 -0.14 8.41
C GLN C 405 -13.43 -0.90 8.80
N THR C 406 -13.62 -2.09 9.36
CA THR C 406 -12.53 -2.97 9.68
C THR C 406 -12.51 -4.17 8.68
N THR C 407 -11.84 -5.26 9.06
CA THR C 407 -11.75 -6.45 8.18
C THR C 407 -13.00 -7.35 8.32
N ALA C 408 -13.39 -7.98 7.20
CA ALA C 408 -14.52 -8.92 7.17
C ALA C 408 -14.20 -10.22 7.92
N PHE C 409 -15.26 -10.97 8.31
CA PHE C 409 -15.12 -12.42 8.63
C PHE C 409 -14.46 -13.17 7.48
N HIS C 410 -14.92 -12.89 6.26
CA HIS C 410 -14.31 -13.41 5.03
C HIS C 410 -12.77 -13.32 5.03
N ASP C 411 -12.26 -12.23 5.61
CA ASP C 411 -10.87 -11.87 5.47
C ASP C 411 -9.94 -12.78 6.29
N THR C 412 -10.42 -13.22 7.45
CA THR C 412 -9.68 -14.19 8.29
C THR C 412 -9.61 -15.56 7.62
N ALA C 413 -10.76 -16.01 7.09
CA ALA C 413 -10.82 -17.25 6.32
C ALA C 413 -9.94 -17.17 5.07
N THR C 414 -9.93 -16.00 4.43
CA THR C 414 -9.07 -15.75 3.27
C THR C 414 -7.59 -15.88 3.63
N VAL C 415 -7.19 -15.16 4.68
CA VAL C 415 -5.79 -15.13 5.12
C VAL C 415 -5.30 -16.53 5.52
N ARG C 416 -6.16 -17.26 6.25
CA ARG C 416 -5.81 -18.61 6.72
C ARG C 416 -5.59 -19.58 5.57
N GLN C 417 -6.45 -19.49 4.56
CA GLN C 417 -6.40 -20.43 3.44
C GLN C 417 -5.37 -20.00 2.38
N LEU C 418 -5.10 -18.70 2.31
CA LEU C 418 -4.02 -18.17 1.45
C LEU C 418 -2.64 -18.58 1.96
N LEU C 419 -2.42 -18.47 3.27
CA LEU C 419 -1.09 -18.58 3.84
C LEU C 419 -0.89 -19.91 4.56
N ASN C 420 -1.85 -20.84 4.38
CA ASN C 420 -1.85 -22.12 5.13
CA ASN C 420 -1.87 -22.12 5.14
C ASN C 420 -1.65 -21.93 6.65
N LEU C 421 -2.43 -21.01 7.23
CA LEU C 421 -2.42 -20.81 8.67
C LEU C 421 -3.67 -21.40 9.31
N ARG C 422 -3.55 -21.79 10.57
CA ARG C 422 -4.65 -22.41 11.29
C ARG C 422 -5.19 -21.45 12.37
N PRO C 423 -6.41 -21.73 12.91
CA PRO C 423 -6.84 -21.07 14.15
C PRO C 423 -5.96 -21.46 15.33
N SER C 424 -6.14 -20.78 16.45
CA SER C 424 -5.87 -21.36 17.77
C SER C 424 -6.26 -22.84 17.82
N PRO C 425 -5.32 -23.71 18.31
CA PRO C 425 -5.49 -25.17 18.20
C PRO C 425 -6.77 -25.68 18.93
N GLU C 426 -7.10 -25.08 20.07
CA GLU C 426 -8.33 -25.42 20.80
C GLU C 426 -9.57 -25.07 19.99
N PHE C 427 -9.56 -23.90 19.36
CA PHE C 427 -10.71 -23.39 18.61
C PHE C 427 -10.87 -24.13 17.27
N GLU C 428 -9.73 -24.40 16.61
CA GLU C 428 -9.72 -25.26 15.41
C GLU C 428 -10.38 -26.61 15.65
N ARG C 429 -10.03 -27.25 16.77
CA ARG C 429 -10.65 -28.52 17.18
C ARG C 429 -12.19 -28.39 17.29
N TRP C 430 -12.65 -27.28 17.87
CA TRP C 430 -14.10 -27.00 17.96
C TRP C 430 -14.74 -26.84 16.58
N LEU C 431 -14.04 -26.12 15.68
CA LEU C 431 -14.53 -25.87 14.32
C LEU C 431 -14.67 -27.16 13.52
N GLU C 432 -13.74 -28.09 13.74
CA GLU C 432 -13.76 -29.39 13.07
C GLU C 432 -14.90 -30.26 13.58
N SER C 433 -15.22 -30.12 14.88
CA SER C 433 -16.31 -30.87 15.50
CA SER C 433 -16.31 -30.88 15.49
C SER C 433 -17.69 -30.32 15.10
N MET C 434 -17.72 -29.04 14.74
CA MET C 434 -18.96 -28.40 14.26
C MET C 434 -19.17 -28.63 12.76
N GLY C 435 -18.16 -29.19 12.10
CA GLY C 435 -18.21 -29.41 10.65
C GLY C 435 -17.98 -28.14 9.85
N ILE C 436 -17.35 -27.15 10.48
CA ILE C 436 -17.12 -25.85 9.84
C ILE C 436 -15.75 -25.83 9.13
N MET C 437 -14.77 -26.51 9.72
CA MET C 437 -13.42 -26.55 9.19
C MET C 437 -12.95 -28.00 8.94
N ALA C 438 -12.30 -28.21 7.80
CA ALA C 438 -11.47 -29.41 7.61
C ALA C 438 -10.10 -29.03 7.05
N ASN C 439 -9.04 -29.52 7.71
CA ASN C 439 -7.63 -29.26 7.28
C ASN C 439 -7.31 -27.77 7.06
N GLY C 440 -7.86 -26.91 7.93
CA GLY C 440 -7.59 -25.48 7.88
C GLY C 440 -8.52 -24.73 6.94
N ARG C 441 -9.41 -25.46 6.29
CA ARG C 441 -10.20 -24.92 5.21
C ARG C 441 -11.68 -24.94 5.59
N LEU C 442 -12.39 -23.87 5.24
CA LEU C 442 -13.85 -23.84 5.36
C LEU C 442 -14.49 -24.97 4.55
N THR C 443 -15.35 -25.74 5.20
CA THR C 443 -16.17 -26.76 4.52
C THR C 443 -17.22 -26.09 3.61
N LYS C 444 -17.90 -26.91 2.79
CA LYS C 444 -19.10 -26.47 2.05
C LYS C 444 -20.12 -25.78 2.97
N ARG C 445 -20.35 -26.36 4.14
CA ARG C 445 -21.43 -25.92 5.05
C ARG C 445 -21.08 -24.63 5.79
N ALA C 446 -19.81 -24.21 5.69
CA ALA C 446 -19.32 -23.04 6.42
C ALA C 446 -19.83 -21.73 5.82
N GLY C 447 -19.69 -20.64 6.58
CA GLY C 447 -20.15 -19.32 6.12
C GLY C 447 -21.65 -19.15 6.24
N ASP C 448 -22.29 -20.03 6.99
CA ASP C 448 -23.73 -20.09 7.08
C ASP C 448 -24.17 -20.17 8.54
N PRO C 449 -24.64 -19.04 9.11
CA PRO C 449 -24.97 -18.96 10.54
C PRO C 449 -26.20 -19.80 10.91
N SER C 450 -26.95 -20.23 9.88
CA SER C 450 -28.08 -21.16 10.06
C SER C 450 -27.64 -22.56 10.52
N LEU C 451 -26.34 -22.85 10.39
CA LEU C 451 -25.78 -24.17 10.79
C LEU C 451 -25.97 -24.44 12.29
N PHE C 452 -26.13 -23.36 13.07
CA PHE C 452 -26.20 -23.46 14.52
C PHE C 452 -27.65 -23.69 15.00
N PHE C 453 -28.55 -23.96 14.06
CA PHE C 453 -29.99 -24.04 14.35
C PHE C 453 -30.57 -25.34 13.82
N ALA D 12 -31.41 -6.07 -12.68
CA ALA D 12 -32.55 -5.14 -12.40
C ALA D 12 -32.62 -4.78 -10.91
N LEU D 13 -31.52 -4.24 -10.39
CA LEU D 13 -31.41 -3.94 -8.97
C LEU D 13 -30.70 -2.59 -8.74
N ASP D 14 -31.36 -1.69 -8.03
CA ASP D 14 -30.69 -0.60 -7.33
C ASP D 14 -29.97 -1.12 -6.09
N LEU D 15 -28.68 -0.83 -6.00
CA LEU D 15 -27.86 -1.30 -4.86
C LEU D 15 -28.19 -0.52 -3.58
N GLY D 16 -28.79 0.67 -3.74
CA GLY D 16 -29.23 1.47 -2.60
C GLY D 16 -30.64 1.14 -2.13
N SER D 17 -31.30 0.20 -2.81
CA SER D 17 -32.71 -0.13 -2.53
C SER D 17 -32.86 -0.99 -1.28
N ALA D 18 -34.10 -1.11 -0.79
CA ALA D 18 -34.41 -1.97 0.36
C ALA D 18 -34.26 -3.46 0.04
N GLU D 19 -34.51 -3.81 -1.23
CA GLU D 19 -34.36 -5.20 -1.69
C GLU D 19 -32.89 -5.64 -1.67
N ALA D 20 -31.99 -4.75 -2.09
CA ALA D 20 -30.55 -4.99 -2.02
C ALA D 20 -30.05 -5.07 -0.59
N LYS D 21 -30.70 -4.30 0.30
CA LYS D 21 -30.35 -4.30 1.72
C LYS D 21 -30.73 -5.62 2.40
N ALA D 22 -31.80 -6.25 1.91
CA ALA D 22 -32.38 -7.42 2.58
C ALA D 22 -31.89 -8.73 1.95
N TRP D 23 -30.99 -8.62 0.96
CA TRP D 23 -30.62 -9.75 0.11
C TRP D 23 -29.86 -10.81 0.90
N ILE D 24 -30.27 -12.07 0.74
CA ILE D 24 -29.60 -13.19 1.38
C ILE D 24 -28.89 -14.06 0.34
N GLY D 25 -27.58 -14.24 0.52
CA GLY D 25 -26.72 -14.75 -0.55
C GLY D 25 -26.07 -16.08 -0.21
N VAL D 26 -26.42 -16.64 0.95
CA VAL D 26 -25.94 -17.97 1.35
C VAL D 26 -26.46 -19.06 0.40
N GLU D 27 -25.53 -19.87 -0.12
CA GLU D 27 -25.76 -20.66 -1.33
C GLU D 27 -26.75 -21.80 -1.08
N ASN D 28 -26.36 -22.73 -0.20
CA ASN D 28 -27.21 -23.89 0.13
C ASN D 28 -27.50 -23.98 1.62
N PRO D 29 -28.39 -23.08 2.13
CA PRO D 29 -28.50 -22.80 3.56
C PRO D 29 -29.07 -23.99 4.33
N HIS D 30 -28.59 -24.19 5.55
CA HIS D 30 -29.13 -25.22 6.44
C HIS D 30 -30.59 -24.94 6.77
N ARG D 31 -30.88 -23.69 7.13
CA ARG D 31 -32.26 -23.26 7.46
C ARG D 31 -32.52 -21.81 7.02
N ALA D 32 -33.14 -21.65 5.84
CA ALA D 32 -33.18 -20.34 5.16
C ALA D 32 -34.14 -19.36 5.84
N ASP D 33 -35.10 -19.89 6.60
CA ASP D 33 -36.06 -19.07 7.34
C ASP D 33 -35.41 -18.41 8.56
N VAL D 34 -34.41 -19.08 9.15
CA VAL D 34 -33.57 -18.48 10.18
C VAL D 34 -32.75 -17.31 9.62
N LEU D 35 -32.20 -17.50 8.41
CA LEU D 35 -31.39 -16.46 7.74
C LEU D 35 -32.16 -15.16 7.55
N THR D 36 -33.44 -15.27 7.17
CA THR D 36 -34.33 -14.10 7.00
C THR D 36 -34.49 -13.35 8.32
N GLU D 37 -34.73 -14.09 9.40
CA GLU D 37 -34.90 -13.49 10.73
C GLU D 37 -33.59 -12.89 11.27
N LEU D 38 -32.47 -13.52 10.94
CA LEU D 38 -31.14 -12.97 11.28
C LEU D 38 -30.85 -11.67 10.51
N ARG D 39 -31.19 -11.68 9.22
CA ARG D 39 -31.11 -10.46 8.38
C ARG D 39 -32.04 -9.34 8.90
N ARG D 40 -33.21 -9.75 9.40
CA ARG D 40 -34.18 -8.79 9.93
C ARG D 40 -33.75 -8.21 11.28
N SER D 41 -32.93 -8.97 12.01
CA SER D 41 -32.61 -8.66 13.41
C SER D 41 -31.57 -7.54 13.53
N THR D 42 -30.88 -7.26 12.43
CA THR D 42 -29.70 -6.43 12.46
C THR D 42 -29.56 -5.59 11.18
N VAL D 43 -28.87 -4.46 11.29
CA VAL D 43 -28.52 -3.67 10.12
C VAL D 43 -27.03 -3.92 9.70
N ALA D 44 -26.33 -4.75 10.49
CA ALA D 44 -25.08 -5.38 10.04
C ALA D 44 -25.30 -6.33 8.85
N ARG D 45 -24.28 -6.44 8.00
CA ARG D 45 -24.42 -7.06 6.69
C ARG D 45 -24.22 -8.57 6.77
N VAL D 46 -25.10 -9.24 7.51
CA VAL D 46 -25.02 -10.69 7.67
C VAL D 46 -25.66 -11.44 6.49
N CYS D 47 -25.40 -12.75 6.40
CA CYS D 47 -26.22 -13.69 5.58
C CYS D 47 -26.02 -13.50 4.07
N THR D 48 -24.93 -12.83 3.69
CA THR D 48 -24.64 -12.56 2.28
C THR D 48 -23.86 -13.71 1.63
N GLY D 49 -23.47 -14.70 2.46
CA GLY D 49 -22.78 -15.88 1.97
C GLY D 49 -21.35 -15.60 1.55
N ARG D 50 -20.85 -16.36 0.58
CA ARG D 50 -19.44 -16.31 0.20
C ARG D 50 -19.20 -16.90 -1.19
N ALA D 51 -18.07 -16.54 -1.80
CA ALA D 51 -17.49 -17.35 -2.87
C ALA D 51 -16.05 -17.75 -2.53
N GLY D 52 -15.85 -19.04 -2.28
CA GLY D 52 -14.75 -19.49 -1.42
C GLY D 52 -14.73 -18.78 -0.09
N PRO D 53 -13.60 -18.14 0.26
CA PRO D 53 -13.51 -17.35 1.47
C PRO D 53 -13.81 -15.86 1.23
N ARG D 54 -14.23 -15.52 0.02
CA ARG D 54 -14.37 -14.13 -0.40
C ARG D 54 -15.85 -13.74 -0.44
N PRO D 55 -16.15 -12.42 -0.32
CA PRO D 55 -17.53 -11.94 -0.43
C PRO D 55 -18.15 -12.27 -1.79
N ARG D 56 -19.46 -12.47 -1.80
CA ARG D 56 -20.21 -12.57 -3.05
C ARG D 56 -20.24 -11.23 -3.76
N THR D 57 -20.41 -11.28 -5.09
CA THR D 57 -20.21 -10.10 -5.94
C THR D 57 -21.17 -8.97 -5.56
N GLN D 58 -22.45 -9.31 -5.36
CA GLN D 58 -23.48 -8.32 -5.03
C GLN D 58 -23.23 -7.65 -3.67
N ALA D 59 -22.75 -8.45 -2.71
CA ALA D 59 -22.38 -7.92 -1.38
C ALA D 59 -21.22 -6.94 -1.48
N LEU D 60 -20.24 -7.25 -2.33
CA LEU D 60 -19.13 -6.35 -2.60
C LEU D 60 -19.60 -5.07 -3.33
N LEU D 61 -20.47 -5.24 -4.32
CA LEU D 61 -21.02 -4.09 -5.07
C LEU D 61 -21.82 -3.14 -4.17
N ARG D 62 -22.64 -3.72 -3.28
CA ARG D 62 -23.45 -2.93 -2.34
C ARG D 62 -22.58 -2.24 -1.30
N PHE D 63 -21.48 -2.91 -0.90
CA PHE D 63 -20.43 -2.29 -0.07
C PHE D 63 -19.84 -1.05 -0.73
N LEU D 64 -19.41 -1.20 -1.99
CA LEU D 64 -18.69 -0.14 -2.70
C LEU D 64 -19.62 1.02 -3.07
N ALA D 65 -20.89 0.70 -3.34
CA ALA D 65 -21.93 1.71 -3.56
C ALA D 65 -22.13 2.57 -2.33
N ASP D 66 -22.25 1.92 -1.16
CA ASP D 66 -22.48 2.61 0.09
C ASP D 66 -21.28 3.49 0.47
N HIS D 67 -20.07 3.03 0.12
CA HIS D 67 -18.84 3.78 0.41
C HIS D 67 -18.72 5.05 -0.42
N SER D 68 -19.16 4.98 -1.68
CA SER D 68 -19.22 6.16 -2.55
C SER D 68 -20.16 7.24 -1.98
N ARG D 69 -21.31 6.80 -1.47
CA ARG D 69 -22.27 7.70 -0.81
C ARG D 69 -21.71 8.25 0.51
N SER D 70 -20.94 7.41 1.23
CA SER D 70 -20.44 7.77 2.55
C SER D 70 -19.37 8.87 2.47
N LYS D 71 -18.52 8.80 1.44
CA LYS D 71 -17.44 9.79 1.24
C LYS D 71 -18.00 11.19 0.98
N ASP D 72 -19.16 11.24 0.32
CA ASP D 72 -19.82 12.51 -0.02
C ASP D 72 -20.35 13.23 1.23
N THR D 73 -20.70 12.46 2.26
CA THR D 73 -21.37 13.00 3.45
C THR D 73 -20.40 13.72 4.39
N VAL D 74 -19.11 13.36 4.29
CA VAL D 74 -18.08 13.92 5.19
C VAL D 74 -17.74 15.40 4.86
N LEU D 75 -17.89 15.77 3.59
CA LEU D 75 -17.54 17.11 3.13
C LEU D 75 -18.79 17.90 2.70
N LYS D 76 -19.96 17.30 2.89
CA LYS D 76 -21.23 18.04 2.87
C LYS D 76 -21.31 19.05 4.01
N GLU D 77 -21.85 20.23 3.71
CA GLU D 77 -21.97 21.30 4.69
C GLU D 77 -23.41 21.85 4.75
N VAL D 78 -23.78 22.41 5.90
CA VAL D 78 -25.00 23.22 6.00
C VAL D 78 -24.88 24.49 5.16
N PRO D 79 -25.95 24.84 4.42
CA PRO D 79 -26.30 26.23 4.17
C PRO D 79 -26.30 27.06 5.44
N GLU D 80 -25.66 28.23 5.39
CA GLU D 80 -25.69 29.18 6.51
C GLU D 80 -27.08 29.83 6.66
N GLU D 81 -27.85 29.81 5.57
CA GLU D 81 -29.21 30.34 5.59
C GLU D 81 -30.23 29.32 6.13
N TRP D 82 -29.84 28.05 6.17
CA TRP D 82 -30.55 27.05 6.99
C TRP D 82 -30.35 27.31 8.48
N VAL D 83 -29.12 27.69 8.85
CA VAL D 83 -28.78 28.00 10.24
C VAL D 83 -29.51 29.29 10.71
N LYS D 84 -29.62 30.26 9.80
CA LYS D 84 -30.39 31.49 10.05
C LYS D 84 -31.90 31.20 10.19
N ALA D 85 -32.38 30.20 9.46
CA ALA D 85 -33.82 29.89 9.44
C ALA D 85 -34.24 28.99 10.62
N GLN D 86 -33.26 28.43 11.32
CA GLN D 86 -33.52 27.74 12.58
C GLN D 86 -33.57 28.72 13.76
N GLY D 87 -33.17 29.97 13.51
CA GLY D 87 -33.11 30.99 14.56
C GLY D 87 -31.81 30.96 15.34
N LEU D 88 -30.81 30.26 14.80
CA LEU D 88 -29.51 30.11 15.47
C LEU D 88 -28.56 31.23 15.07
N LEU D 89 -27.82 31.75 16.04
CA LEU D 89 -26.52 32.36 15.79
C LEU D 89 -25.56 31.35 15.15
N GLU D 90 -24.99 31.73 14.00
CA GLU D 90 -23.80 31.09 13.49
C GLU D 90 -22.53 31.73 14.04
N VAL D 91 -21.70 30.93 14.69
CA VAL D 91 -20.36 31.35 15.07
C VAL D 91 -19.29 30.32 14.61
N ARG D 92 -18.04 30.76 14.54
CA ARG D 92 -17.03 30.08 13.72
C ARG D 92 -15.79 29.71 14.55
N SER D 93 -15.16 28.58 14.20
CA SER D 93 -13.85 28.22 14.75
C SER D 93 -12.71 28.97 14.03
N GLU D 94 -11.47 28.57 14.33
CA GLU D 94 -10.29 29.13 13.64
C GLU D 94 -10.16 28.61 12.20
N ILE D 95 -10.84 27.49 11.92
CA ILE D 95 -10.75 26.84 10.62
C ILE D 95 -11.62 27.57 9.56
N SER D 96 -11.06 27.73 8.35
CA SER D 96 -11.78 28.39 7.26
C SER D 96 -12.56 27.39 6.37
N ASP D 97 -11.87 26.32 5.92
CA ASP D 97 -12.45 25.36 4.93
C ASP D 97 -12.66 23.98 5.55
N LYS D 98 -13.43 23.13 4.86
CA LYS D 98 -13.64 21.74 5.29
C LYS D 98 -12.36 20.90 5.17
N ASN D 99 -11.52 21.24 4.19
CA ASN D 99 -10.22 20.57 4.00
C ASN D 99 -9.24 20.87 5.14
N LEU D 100 -9.34 22.06 5.72
CA LEU D 100 -8.51 22.44 6.85
C LEU D 100 -9.03 21.85 8.16
N TYR D 101 -10.35 21.64 8.24
CA TYR D 101 -10.97 21.02 9.42
C TYR D 101 -10.50 19.57 9.59
N LEU D 102 -10.35 18.87 8.47
CA LEU D 102 -10.06 17.44 8.49
C LEU D 102 -8.59 17.18 8.86
N THR D 103 -7.78 18.23 8.82
CA THR D 103 -6.33 18.08 8.99
C THR D 103 -5.81 18.84 10.25
N ARG D 104 -6.64 19.74 10.79
CA ARG D 104 -6.29 20.46 12.03
C ARG D 104 -7.39 20.32 13.11
N PRO D 105 -7.24 19.33 14.01
CA PRO D 105 -8.04 19.24 15.25
C PRO D 105 -7.84 20.43 16.18
N ASP D 106 -6.61 20.97 16.21
CA ASP D 106 -6.20 21.92 17.24
C ASP D 106 -6.83 23.30 17.01
N MET D 107 -7.14 23.61 15.76
CA MET D 107 -7.81 24.86 15.41
C MET D 107 -9.32 24.77 15.60
N GLY D 108 -9.84 23.53 15.61
CA GLY D 108 -11.28 23.29 15.69
C GLY D 108 -11.80 23.21 17.10
N ARG D 109 -10.88 23.26 18.07
CA ARG D 109 -11.26 23.23 19.48
C ARG D 109 -10.87 24.51 20.22
N ARG D 110 -10.55 25.55 19.46
CA ARG D 110 -10.58 26.91 19.97
C ARG D 110 -11.16 27.91 18.97
N LEU D 111 -11.85 28.92 19.47
CA LEU D 111 -12.61 29.84 18.62
C LEU D 111 -11.70 30.90 18.02
N CYS D 112 -12.11 31.45 16.88
CA CYS D 112 -11.43 32.62 16.29
C CYS D 112 -11.74 33.90 17.06
N ALA D 113 -11.10 35.00 16.67
CA ALA D 113 -10.98 36.19 17.53
C ALA D 113 -12.27 37.03 17.50
N GLU D 114 -13.08 36.84 16.46
CA GLU D 114 -14.37 37.52 16.35
C GLU D 114 -15.51 36.66 16.90
N ALA D 115 -15.23 35.38 17.16
CA ALA D 115 -16.20 34.48 17.78
C ALA D 115 -16.34 34.74 19.28
N VAL D 116 -15.22 35.07 19.94
CA VAL D 116 -15.21 35.39 21.37
C VAL D 116 -16.04 36.65 21.67
N GLU D 117 -15.89 37.65 20.81
CA GLU D 117 -16.59 38.94 20.98
C GLU D 117 -18.08 38.84 20.64
N ALA D 118 -18.41 37.89 19.75
CA ALA D 118 -19.82 37.61 19.40
C ALA D 118 -20.57 36.94 20.55
N LEU D 119 -19.87 36.08 21.30
CA LEU D 119 -20.48 35.31 22.37
C LEU D 119 -20.67 36.15 23.64
N LYS D 120 -19.81 37.16 23.81
CA LYS D 120 -19.83 38.02 24.99
C LYS D 120 -20.83 39.17 24.85
N ALA D 121 -21.37 39.34 23.64
CA ALA D 121 -22.26 40.46 23.33
C ALA D 121 -23.72 40.00 23.19
N GLN D 122 -23.90 38.78 22.70
CA GLN D 122 -25.19 38.36 22.11
C GLN D 122 -25.85 37.24 22.92
N CYS D 123 -25.03 36.44 23.59
CA CYS D 123 -25.52 35.32 24.40
C CYS D 123 -25.60 35.70 25.88
N VAL D 124 -26.41 34.95 26.64
CA VAL D 124 -26.65 35.26 28.06
C VAL D 124 -25.47 34.85 28.94
N ALA D 125 -25.32 35.53 30.08
CA ALA D 125 -24.17 35.33 30.96
C ALA D 125 -24.52 34.43 32.14
N ASN D 126 -23.61 33.51 32.47
CA ASN D 126 -23.82 32.50 33.55
C ASN D 126 -25.19 31.79 33.49
N PRO D 127 -25.38 30.88 32.50
CA PRO D 127 -26.51 29.97 32.51
C PRO D 127 -26.27 28.74 33.39
N ASP D 128 -27.35 28.12 33.86
CA ASP D 128 -27.28 26.79 34.47
C ASP D 128 -27.01 25.72 33.42
N VAL D 129 -27.70 25.83 32.28
CA VAL D 129 -27.48 24.92 31.15
C VAL D 129 -27.28 25.68 29.84
N GLN D 130 -26.29 25.26 29.06
CA GLN D 130 -25.93 25.94 27.82
C GLN D 130 -25.78 24.95 26.66
N VAL D 131 -26.63 25.10 25.65
CA VAL D 131 -26.71 24.12 24.57
C VAL D 131 -25.97 24.63 23.32
N VAL D 132 -25.01 23.85 22.84
CA VAL D 132 -24.26 24.18 21.63
C VAL D 132 -24.48 23.11 20.53
N ILE D 133 -24.72 23.57 19.30
CA ILE D 133 -24.81 22.67 18.14
C ILE D 133 -23.61 22.86 17.21
N SER D 134 -22.98 21.76 16.82
CA SER D 134 -21.96 21.79 15.78
C SER D 134 -22.19 20.72 14.72
N ASP D 135 -21.80 21.01 13.48
CA ASP D 135 -21.80 20.01 12.42
C ASP D 135 -20.72 18.94 12.63
N GLY D 136 -19.54 19.39 13.07
CA GLY D 136 -18.42 18.47 13.34
C GLY D 136 -18.01 17.68 12.12
N LEU D 137 -18.17 16.36 12.19
CA LEU D 137 -17.68 15.46 11.14
C LEU D 137 -18.80 15.00 10.21
N SER D 138 -20.06 15.26 10.61
CA SER D 138 -21.22 14.94 9.77
C SER D 138 -22.29 16.02 9.87
N THR D 139 -22.53 16.71 8.75
CA THR D 139 -23.62 17.69 8.65
C THR D 139 -25.01 17.02 8.74
N ASP D 140 -25.13 15.83 8.15
CA ASP D 140 -26.41 15.11 8.07
C ASP D 140 -26.95 14.73 9.48
N ALA D 141 -26.03 14.61 10.44
CA ALA D 141 -26.38 14.23 11.81
C ALA D 141 -27.23 15.29 12.52
N ILE D 142 -26.98 16.56 12.19
CA ILE D 142 -27.67 17.67 12.86
C ILE D 142 -28.75 18.31 11.97
N THR D 143 -28.79 17.91 10.70
CA THR D 143 -29.85 18.35 9.77
C THR D 143 -31.10 17.47 9.91
N VAL D 144 -30.89 16.14 9.88
CA VAL D 144 -32.00 15.17 9.96
C VAL D 144 -32.67 15.20 11.36
N ASN D 145 -31.87 15.44 12.40
CA ASN D 145 -32.30 15.18 13.77
C ASN D 145 -32.86 16.42 14.51
N TYR D 146 -32.69 17.61 13.89
CA TYR D 146 -32.74 18.90 14.63
C TYR D 146 -34.15 19.17 15.20
N GLU D 147 -35.18 18.99 14.37
CA GLU D 147 -36.56 19.30 14.75
C GLU D 147 -37.07 18.34 15.84
N GLU D 148 -36.49 17.14 15.89
CA GLU D 148 -36.87 16.15 16.88
C GLU D 148 -36.06 16.28 18.18
N ILE D 149 -34.83 16.80 18.07
CA ILE D 149 -33.94 16.98 19.25
C ILE D 149 -34.27 18.27 20.01
N LEU D 150 -34.23 19.39 19.30
CA LEU D 150 -33.89 20.68 19.92
C LEU D 150 -35.09 21.35 20.63
N PRO D 151 -36.31 21.34 19.98
CA PRO D 151 -37.52 21.83 20.67
C PRO D 151 -37.80 21.18 22.09
N PRO D 152 -37.87 19.80 22.17
CA PRO D 152 -38.22 19.18 23.46
C PRO D 152 -37.06 19.20 24.48
N LEU D 153 -35.84 19.36 24.00
CA LEU D 153 -34.67 19.61 24.87
C LEU D 153 -34.74 21.01 25.49
N MET D 154 -34.99 22.02 24.66
CA MET D 154 -34.97 23.42 25.10
C MET D 154 -36.23 23.78 25.90
N ALA D 155 -37.33 23.09 25.60
CA ALA D 155 -38.52 23.14 26.45
C ALA D 155 -38.29 22.41 27.77
N GLY D 156 -37.58 21.28 27.70
CA GLY D 156 -37.42 20.38 28.87
C GLY D 156 -36.59 21.01 29.98
N LEU D 157 -35.61 21.84 29.60
CA LEU D 157 -34.75 22.50 30.57
C LEU D 157 -35.44 23.70 31.23
N LYS D 158 -36.41 24.29 30.52
CA LYS D 158 -37.21 25.39 31.06
C LYS D 158 -38.44 24.88 31.82
N GLN D 159 -39.22 24.02 31.17
CA GLN D 159 -40.46 23.50 31.76
C GLN D 159 -40.16 22.41 32.82
N ALA D 160 -40.58 22.69 34.06
CA ALA D 160 -39.87 22.17 35.26
C ALA D 160 -38.34 22.18 35.10
N GLY D 161 -37.74 23.36 35.25
CA GLY D 161 -36.30 23.48 35.46
C GLY D 161 -35.92 24.83 36.04
N LEU D 162 -34.78 25.35 35.60
CA LEU D 162 -34.36 26.71 35.95
C LEU D 162 -33.80 27.46 34.72
N LYS D 163 -32.61 28.03 34.87
CA LYS D 163 -32.11 29.06 33.94
C LYS D 163 -31.52 28.42 32.68
N VAL D 164 -32.19 28.61 31.55
CA VAL D 164 -31.72 28.05 30.27
C VAL D 164 -30.90 29.08 29.47
N GLY D 165 -29.92 28.60 28.71
CA GLY D 165 -29.06 29.46 27.91
C GLY D 165 -29.59 29.65 26.50
N THR D 166 -29.01 30.62 25.79
CA THR D 166 -29.35 30.84 24.38
C THR D 166 -28.49 29.97 23.46
N PRO D 167 -29.14 29.10 22.65
CA PRO D 167 -28.44 28.11 21.83
C PRO D 167 -27.84 28.74 20.57
N PHE D 168 -26.71 28.19 20.11
CA PHE D 168 -26.01 28.72 18.93
C PHE D 168 -25.25 27.63 18.18
N PHE D 169 -24.80 27.97 16.97
CA PHE D 169 -24.15 27.01 16.09
C PHE D 169 -22.65 27.33 15.95
N VAL D 170 -21.81 26.35 16.24
CA VAL D 170 -20.37 26.44 15.93
C VAL D 170 -20.03 25.67 14.65
N ARG D 171 -19.54 26.40 13.65
CA ARG D 171 -19.02 25.79 12.44
C ARG D 171 -17.59 25.27 12.64
N TYR D 172 -17.31 24.09 12.05
CA TYR D 172 -15.99 23.43 12.16
C TYR D 172 -15.57 23.18 13.62
N GLY D 173 -16.51 22.65 14.41
CA GLY D 173 -16.28 22.44 15.85
C GLY D 173 -15.81 21.03 16.17
N ARG D 174 -14.77 20.94 17.02
CA ARG D 174 -14.47 19.70 17.76
C ARG D 174 -14.67 19.91 19.26
N VAL D 175 -14.86 18.81 20.00
CA VAL D 175 -15.68 18.84 21.23
C VAL D 175 -15.00 19.60 22.40
N LYS D 176 -13.68 19.78 22.28
CA LYS D 176 -12.91 20.49 23.32
C LYS D 176 -13.07 22.02 23.21
N ILE D 177 -13.81 22.47 22.18
CA ILE D 177 -14.20 23.89 22.06
C ILE D 177 -15.23 24.31 23.13
N GLU D 178 -15.92 23.33 23.71
CA GLU D 178 -16.97 23.59 24.69
C GLU D 178 -16.40 23.99 26.07
N ASP D 179 -15.09 23.77 26.25
CA ASP D 179 -14.38 24.24 27.44
C ASP D 179 -14.15 25.75 27.39
N GLN D 180 -13.82 26.26 26.20
CA GLN D 180 -13.71 27.71 25.98
C GLN D 180 -15.08 28.39 26.03
N ILE D 181 -16.11 27.70 25.52
CA ILE D 181 -17.49 28.19 25.59
C ILE D 181 -17.98 28.30 27.05
N GLY D 182 -17.62 27.32 27.87
CA GLY D 182 -17.97 27.32 29.29
C GLY D 182 -17.23 28.37 30.11
N GLU D 183 -16.03 28.74 29.65
CA GLU D 183 -15.22 29.76 30.33
C GLU D 183 -15.64 31.18 29.95
N ILE D 184 -16.00 31.38 28.67
CA ILE D 184 -16.46 32.68 28.17
C ILE D 184 -17.84 33.04 28.76
N LEU D 185 -18.78 32.09 28.72
CA LEU D 185 -20.17 32.36 29.09
C LEU D 185 -20.40 32.14 30.58
N GLY D 186 -19.43 31.52 31.25
CA GLY D 186 -19.54 31.23 32.69
C GLY D 186 -20.53 30.12 32.99
N ALA D 187 -20.60 29.13 32.10
CA ALA D 187 -21.73 28.22 32.05
C ALA D 187 -21.53 27.04 33.00
N LYS D 188 -22.60 26.64 33.68
CA LYS D 188 -22.51 25.62 34.74
C LYS D 188 -22.58 24.22 34.16
N VAL D 189 -23.47 24.01 33.21
CA VAL D 189 -23.47 22.80 32.37
C VAL D 189 -23.41 23.17 30.88
N VAL D 190 -22.39 22.65 30.18
CA VAL D 190 -22.23 22.90 28.74
C VAL D 190 -22.50 21.63 27.95
N ILE D 191 -23.65 21.57 27.28
CA ILE D 191 -23.95 20.49 26.35
C ILE D 191 -23.53 20.86 24.92
N LEU D 192 -22.91 19.89 24.22
CA LEU D 192 -22.62 20.03 22.79
C LEU D 192 -23.18 18.84 22.00
N LEU D 193 -24.10 19.13 21.09
CA LEU D 193 -24.57 18.14 20.13
C LEU D 193 -23.83 18.25 18.80
N VAL D 194 -23.18 17.16 18.39
CA VAL D 194 -22.18 17.21 17.33
C VAL D 194 -22.23 15.93 16.46
N GLY D 195 -21.99 16.10 15.15
CA GLY D 195 -21.87 14.97 14.25
C GLY D 195 -20.58 14.17 14.46
N GLU D 196 -20.73 12.88 14.74
CA GLU D 196 -19.59 11.95 14.71
C GLU D 196 -19.18 11.57 13.27
N ARG D 197 -18.17 10.70 13.13
CA ARG D 197 -17.84 10.08 11.82
C ARG D 197 -19.06 9.47 11.19
N PRO D 198 -19.28 9.76 9.89
CA PRO D 198 -20.18 8.96 9.06
C PRO D 198 -19.77 7.50 9.03
N GLY D 199 -20.72 6.60 9.22
CA GLY D 199 -20.51 5.20 8.96
C GLY D 199 -20.69 4.85 7.50
N LEU D 200 -20.66 3.55 7.19
CA LEU D 200 -20.82 3.06 5.82
C LEU D 200 -22.23 3.33 5.29
N GLY D 201 -23.24 2.89 6.03
CA GLY D 201 -24.60 2.80 5.50
C GLY D 201 -25.48 3.96 5.93
N GLN D 202 -24.90 4.89 6.69
CA GLN D 202 -25.67 5.82 7.52
C GLN D 202 -24.76 6.94 8.05
N SER D 203 -25.23 8.18 7.95
CA SER D 203 -24.40 9.35 8.29
C SER D 203 -25.12 10.33 9.24
N GLU D 204 -26.19 9.85 9.87
CA GLU D 204 -27.06 10.72 10.67
C GLU D 204 -26.95 10.45 12.19
N SER D 205 -25.86 9.83 12.60
CA SER D 205 -25.63 9.52 14.02
C SER D 205 -25.13 10.74 14.79
N LEU D 206 -25.90 11.14 15.81
CA LEU D 206 -25.56 12.31 16.62
C LEU D 206 -25.00 11.89 17.99
N SER D 207 -24.02 12.65 18.50
CA SER D 207 -23.54 12.48 19.87
C SER D 207 -23.76 13.73 20.71
N CYS D 208 -23.95 13.55 22.02
CA CYS D 208 -23.88 14.65 22.97
C CYS D 208 -22.66 14.53 23.89
N TYR D 209 -21.88 15.61 23.98
CA TYR D 209 -20.80 15.72 24.97
C TYR D 209 -21.08 16.87 25.93
N ALA D 210 -20.93 16.60 27.23
CA ALA D 210 -21.43 17.51 28.26
C ALA D 210 -20.50 17.55 29.47
N VAL D 211 -20.12 18.76 29.88
CA VAL D 211 -19.34 18.96 31.12
C VAL D 211 -20.12 19.78 32.15
N TYR D 212 -19.92 19.43 33.42
CA TYR D 212 -20.11 20.39 34.51
C TYR D 212 -18.91 21.34 34.62
N SER D 213 -19.17 22.63 34.35
CA SER D 213 -18.24 23.74 34.72
C SER D 213 -16.80 23.51 34.20
N PRO D 214 -16.61 23.59 32.87
CA PRO D 214 -15.34 23.22 32.25
C PRO D 214 -14.30 24.33 32.35
N ARG D 215 -13.02 23.95 32.30
CA ARG D 215 -11.92 24.91 32.34
C ARG D 215 -10.73 24.41 31.53
N MET D 216 -10.23 25.28 30.64
CA MET D 216 -9.38 24.82 29.51
C MET D 216 -8.08 24.19 30.00
N ALA D 217 -7.56 24.69 31.11
CA ALA D 217 -6.31 24.21 31.68
C ALA D 217 -6.48 22.85 32.37
N THR D 218 -7.66 22.64 32.97
CA THR D 218 -7.79 21.66 34.07
C THR D 218 -8.51 20.39 33.61
N THR D 219 -9.60 20.55 32.84
CA THR D 219 -10.56 19.47 32.63
C THR D 219 -10.05 18.43 31.61
N VAL D 220 -10.36 17.17 31.88
CA VAL D 220 -9.96 16.08 30.99
C VAL D 220 -11.18 15.52 30.25
N GLU D 221 -10.95 14.58 29.34
CA GLU D 221 -12.02 13.99 28.53
C GLU D 221 -12.93 13.09 29.38
N ALA D 222 -12.38 12.55 30.46
CA ALA D 222 -13.13 11.67 31.38
C ALA D 222 -14.16 12.46 32.22
N ASP D 223 -13.97 13.79 32.30
CA ASP D 223 -14.93 14.67 32.98
C ASP D 223 -16.22 14.85 32.18
N ARG D 224 -16.19 14.50 30.89
CA ARG D 224 -17.37 14.54 30.04
C ARG D 224 -18.22 13.29 30.19
N THR D 225 -19.54 13.47 30.23
CA THR D 225 -20.48 12.41 29.88
C THR D 225 -20.75 12.39 28.37
N CYS D 226 -20.66 11.19 27.77
CA CYS D 226 -21.10 10.98 26.39
C CYS D 226 -22.43 10.22 26.36
N ILE D 227 -23.35 10.68 25.51
CA ILE D 227 -24.41 9.83 25.00
C ILE D 227 -24.44 9.83 23.47
N SER D 228 -24.34 8.65 22.88
CA SER D 228 -23.96 8.51 21.50
C SER D 228 -25.03 7.78 20.71
N ASN D 229 -24.82 7.67 19.39
CA ASN D 229 -25.76 6.97 18.48
C ASN D 229 -27.20 7.48 18.62
N ILE D 230 -27.36 8.80 18.62
CA ILE D 230 -28.69 9.41 18.55
C ILE D 230 -29.16 9.56 17.11
N HIS D 231 -29.94 8.58 16.65
CA HIS D 231 -30.72 8.71 15.42
C HIS D 231 -31.90 7.75 15.47
N GLN D 232 -32.62 7.64 14.35
CA GLN D 232 -33.85 6.82 14.31
C GLN D 232 -33.55 5.32 14.45
N GLY D 233 -32.34 4.91 14.07
CA GLY D 233 -31.93 3.51 14.16
C GLY D 233 -31.08 3.21 15.39
N GLY D 234 -30.94 4.21 16.27
CA GLY D 234 -30.39 3.99 17.60
C GLY D 234 -31.39 4.28 18.71
N THR D 235 -31.06 5.25 19.57
CA THR D 235 -32.05 5.87 20.45
C THR D 235 -32.74 7.07 19.77
N PRO D 236 -34.09 7.01 19.65
CA PRO D 236 -34.89 8.03 18.96
C PRO D 236 -34.71 9.43 19.58
N PRO D 237 -34.54 10.46 18.71
CA PRO D 237 -34.11 11.82 19.11
C PRO D 237 -35.10 12.52 20.07
N VAL D 238 -36.39 12.13 19.99
CA VAL D 238 -37.40 12.61 20.94
C VAL D 238 -37.10 12.12 22.39
N GLU D 239 -36.95 10.81 22.55
CA GLU D 239 -36.75 10.21 23.87
C GLU D 239 -35.30 10.36 24.36
N ALA D 240 -34.39 10.66 23.42
CA ALA D 240 -33.01 11.00 23.77
C ALA D 240 -32.88 12.41 24.33
N ALA D 241 -33.80 13.29 23.90
CA ALA D 241 -33.89 14.65 24.46
C ALA D 241 -34.35 14.63 25.91
N ALA D 242 -35.21 13.67 26.25
CA ALA D 242 -35.63 13.44 27.64
C ALA D 242 -34.49 12.87 28.50
N VAL D 243 -33.58 12.12 27.86
CA VAL D 243 -32.41 11.55 28.54
C VAL D 243 -31.39 12.66 28.93
N ILE D 244 -31.18 13.61 28.02
CA ILE D 244 -30.16 14.67 28.24
C ILE D 244 -30.61 15.69 29.32
N VAL D 245 -31.90 16.05 29.30
CA VAL D 245 -32.48 16.95 30.33
C VAL D 245 -32.39 16.31 31.74
N ASP D 246 -32.69 15.01 31.83
CA ASP D 246 -32.52 14.25 33.08
C ASP D 246 -31.04 14.17 33.51
N LEU D 247 -30.15 14.06 32.52
CA LEU D 247 -28.70 14.03 32.78
C LEU D 247 -28.19 15.41 33.25
N ALA D 248 -28.73 16.48 32.67
CA ALA D 248 -28.35 17.85 33.04
C ALA D 248 -28.87 18.24 34.42
N LYS D 249 -30.05 17.71 34.78
CA LYS D 249 -30.58 17.83 36.15
C LYS D 249 -29.70 17.12 37.17
N ARG D 250 -29.21 15.93 36.78
CA ARG D 250 -28.39 15.12 37.67
C ARG D 250 -26.97 15.68 37.78
N MET D 251 -26.54 16.44 36.77
CA MET D 251 -25.24 17.12 36.80
C MET D 251 -25.21 18.27 37.80
N LEU D 252 -26.28 19.07 37.81
CA LEU D 252 -26.34 20.27 38.65
C LEU D 252 -26.60 19.92 40.12
N GLU D 253 -27.17 18.74 40.35
CA GLU D 253 -27.50 18.28 41.70
C GLU D 253 -26.25 17.85 42.47
N GLN D 254 -25.44 17.00 41.84
CA GLN D 254 -24.25 16.44 42.50
C GLN D 254 -22.96 17.16 42.08
N LYS D 255 -23.11 18.24 41.29
CA LYS D 255 -21.99 19.15 40.96
C LYS D 255 -20.83 18.44 40.23
N ALA D 256 -21.20 17.52 39.32
CA ALA D 256 -20.23 16.58 38.74
C ALA D 256 -20.72 16.03 37.40
N SER D 257 -19.79 15.67 36.53
CA SER D 257 -20.13 15.03 35.26
C SER D 257 -19.14 13.92 34.90
N GLY D 258 -19.60 12.95 34.12
CA GLY D 258 -18.72 11.94 33.53
C GLY D 258 -18.32 10.85 34.50
N ILE D 259 -17.01 10.67 34.70
CA ILE D 259 -16.48 9.69 35.66
C ILE D 259 -16.72 10.15 37.12
N ASN D 260 -16.97 11.44 37.31
CA ASN D 260 -17.21 12.01 38.64
C ASN D 260 -18.66 11.83 39.12
N MET D 261 -19.50 11.27 38.24
CA MET D 261 -20.92 11.07 38.55
C MET D 261 -21.16 9.74 39.25
N THR D 262 -22.24 9.68 40.03
CA THR D 262 -22.54 8.50 40.85
C THR D 262 -23.18 7.39 40.00
N ARG D 263 -22.82 6.13 40.31
CA ARG D 263 -23.57 4.93 39.84
C ARG D 263 -23.60 4.83 38.31
#